data_4AJ1
#
_entry.id   4AJ1
#
_cell.length_a   62.241
_cell.length_b   81.914
_cell.length_c   128.869
_cell.angle_alpha   90.00
_cell.angle_beta   96.18
_cell.angle_gamma   90.00
#
_symmetry.space_group_name_H-M   'P 1 21 1'
#
loop_
_entity.id
_entity.type
_entity.pdbx_description
1 polymer 'L-LACTATE DEHYDROGENASE A CHAIN'
2 non-polymer GLYCEROL
3 non-polymer N-(2-METHYLAMINO)-1,3-BENZOTHIAZOL-6-YL)ACETAMIDE
4 non-polymer 'MALONATE ION'
5 non-polymer 'OXAMIC ACID'
6 water water
#
_entity_poly.entity_id   1
_entity_poly.type   'polypeptide(L)'
_entity_poly.pdbx_seq_one_letter_code
;AALKDQLIVNLLKEEQVPQNKITVVGVGAVGMACAISILMKDLADELALVDVIEDKLKGEMMDLQHGSLFLKTPKIVSSK
DYSVTANSKLVIITAGARQQEGESRLNLVQRNVNIFKFIIPNVVKYSPQCKLLIVSNPVDILTYVAWKISGFPKNRVIGS
GCNLDSARFRYLMGERLGVHPLSCHGWVLGEHGDSSVPVWSGVNVAGVSLKSLNPQLGTDADKEQWKDVHKQVVDSAYEV
IKLKGYTSWAIGLSVADLAESIMKNLRRVHPISTMIKGLYGIKEDVFLSVPCILGQNGISDVVKVTLTPDEEARLKKSAD
TLWGIQKELQF
;
_entity_poly.pdbx_strand_id   A,B,C,D
#
# COMPACT_ATOMS: atom_id res chain seq x y z
C ALA A 1 -25.56 -30.69 8.70
N ALA A 2 -25.24 -29.90 7.66
CA ALA A 2 -23.89 -29.39 7.48
C ALA A 2 -23.66 -28.15 8.35
N LEU A 3 -22.47 -28.08 8.93
CA LEU A 3 -22.04 -26.92 9.70
C LEU A 3 -22.14 -25.65 8.90
N LYS A 4 -21.67 -25.71 7.65
CA LYS A 4 -21.67 -24.55 6.77
C LYS A 4 -23.10 -24.02 6.58
N ASP A 5 -24.06 -24.93 6.38
CA ASP A 5 -25.46 -24.54 6.16
C ASP A 5 -26.15 -24.06 7.43
N GLN A 6 -25.73 -24.58 8.59
CA GLN A 6 -26.21 -24.05 9.88
C GLN A 6 -25.73 -22.60 10.02
N LEU A 7 -24.53 -22.33 9.52
CA LEU A 7 -23.87 -21.01 9.74
C LEU A 7 -24.32 -19.94 8.74
N ILE A 8 -24.44 -20.33 7.47
CA ILE A 8 -24.58 -19.43 6.36
C ILE A 8 -25.74 -19.79 5.43
N VAL A 9 -26.53 -18.79 5.08
CA VAL A 9 -27.55 -18.94 4.09
C VAL A 9 -26.96 -18.48 2.79
N ASN A 10 -26.89 -19.41 1.85
CA ASN A 10 -26.35 -19.10 0.55
C ASN A 10 -27.45 -18.55 -0.36
N LEU A 11 -27.12 -17.56 -1.16
CA LEU A 11 -28.11 -16.93 -2.04
C LEU A 11 -27.70 -16.93 -3.51
N LEU A 12 -26.49 -17.35 -3.82
CA LEU A 12 -25.98 -17.17 -5.16
C LEU A 12 -24.96 -18.25 -5.40
N LYS A 13 -25.10 -19.01 -6.50
CA LYS A 13 -24.17 -20.11 -6.82
C LYS A 13 -22.77 -19.65 -7.18
N VAL A 17 -16.28 -16.17 -12.57
CA VAL A 17 -15.07 -16.07 -13.37
C VAL A 17 -14.20 -14.92 -12.86
N PRO A 18 -12.87 -15.10 -12.87
CA PRO A 18 -11.99 -13.99 -12.44
C PRO A 18 -11.94 -12.86 -13.44
N GLN A 19 -11.78 -11.64 -12.93
CA GLN A 19 -11.76 -10.46 -13.75
C GLN A 19 -10.38 -9.81 -13.89
N ASN A 20 -9.41 -10.18 -13.04
CA ASN A 20 -8.06 -9.58 -13.05
C ASN A 20 -7.04 -10.71 -12.79
N LYS A 21 -7.14 -11.75 -13.62
CA LYS A 21 -6.33 -12.96 -13.44
C LYS A 21 -4.98 -12.82 -14.07
N ILE A 22 -3.96 -13.26 -13.33
CA ILE A 22 -2.61 -13.34 -13.86
C ILE A 22 -2.10 -14.80 -13.73
N THR A 23 -1.40 -15.27 -14.77
CA THR A 23 -0.75 -16.58 -14.76
C THR A 23 0.74 -16.37 -14.84
N VAL A 24 1.50 -17.11 -14.04
CA VAL A 24 2.94 -17.19 -14.20
C VAL A 24 3.26 -18.61 -14.64
N VAL A 25 3.97 -18.71 -15.76
CA VAL A 25 4.49 -19.94 -16.31
C VAL A 25 5.95 -20.07 -15.89
N GLY A 26 6.23 -21.12 -15.12
CA GLY A 26 7.56 -21.35 -14.54
C GLY A 26 7.64 -20.98 -13.08
N VAL A 27 7.84 -21.99 -12.23
CA VAL A 27 7.95 -21.76 -10.79
C VAL A 27 9.43 -21.94 -10.34
N GLY A 28 10.35 -21.61 -11.25
CA GLY A 28 11.75 -21.45 -10.86
C GLY A 28 11.92 -20.18 -10.06
N ALA A 29 13.14 -19.80 -9.73
CA ALA A 29 13.37 -18.64 -8.85
C ALA A 29 12.80 -17.36 -9.44
N VAL A 30 13.03 -17.12 -10.75
CA VAL A 30 12.45 -15.94 -11.42
C VAL A 30 10.90 -15.99 -11.28
N GLY A 31 10.33 -17.13 -11.59
CA GLY A 31 8.87 -17.28 -11.64
C GLY A 31 8.25 -16.99 -10.31
N MET A 32 8.84 -17.54 -9.25
CA MET A 32 8.29 -17.39 -7.89
C MET A 32 8.53 -15.98 -7.30
N ALA A 33 9.62 -15.32 -7.71
CA ALA A 33 9.88 -13.95 -7.34
C ALA A 33 8.79 -13.11 -8.02
N CYS A 34 8.47 -13.41 -9.29
CA CYS A 34 7.38 -12.69 -9.95
C CYS A 34 6.06 -12.86 -9.16
N ALA A 35 5.81 -14.09 -8.73
CA ALA A 35 4.57 -14.44 -8.08
C ALA A 35 4.48 -13.72 -6.74
N ILE A 36 5.50 -13.83 -5.89
CA ILE A 36 5.40 -13.12 -4.61
C ILE A 36 5.24 -11.58 -4.82
N SER A 37 5.95 -10.97 -5.77
CA SER A 37 5.87 -9.49 -5.89
C SER A 37 4.47 -9.08 -6.39
N ILE A 38 3.90 -9.87 -7.30
CA ILE A 38 2.54 -9.64 -7.82
C ILE A 38 1.50 -9.77 -6.70
N LEU A 39 1.60 -10.83 -5.90
CA LEU A 39 0.75 -10.98 -4.74
C LEU A 39 0.87 -9.83 -3.74
N MET A 40 2.09 -9.35 -3.53
N MET A 40 2.11 -9.37 -3.52
CA MET A 40 2.28 -8.29 -2.56
CA MET A 40 2.34 -8.28 -2.58
C MET A 40 1.95 -6.92 -3.12
C MET A 40 1.80 -6.96 -3.11
N LYS A 41 1.67 -6.80 -4.42
CA LYS A 41 1.18 -5.52 -4.97
C LYS A 41 -0.31 -5.55 -5.32
N ASP A 42 -1.05 -6.53 -4.83
CA ASP A 42 -2.51 -6.64 -5.01
C ASP A 42 -2.97 -6.37 -6.45
N LEU A 43 -2.32 -7.04 -7.40
CA LEU A 43 -2.59 -6.75 -8.81
C LEU A 43 -3.64 -7.68 -9.41
N ALA A 44 -3.89 -8.82 -8.77
CA ALA A 44 -4.68 -9.91 -9.37
C ALA A 44 -5.72 -10.42 -8.43
N ASP A 45 -6.85 -10.88 -8.96
CA ASP A 45 -7.87 -11.52 -8.10
C ASP A 45 -7.76 -13.01 -8.17
N GLU A 46 -6.97 -13.52 -9.12
CA GLU A 46 -6.59 -14.93 -9.18
C GLU A 46 -5.17 -15.07 -9.75
N LEU A 47 -4.35 -15.89 -9.11
CA LEU A 47 -3.04 -16.21 -9.62
C LEU A 47 -2.95 -17.70 -9.93
N ALA A 48 -2.60 -18.02 -11.17
CA ALA A 48 -2.34 -19.38 -11.61
C ALA A 48 -0.85 -19.59 -11.89
N LEU A 49 -0.35 -20.73 -11.42
CA LEU A 49 1.01 -21.19 -11.68
C LEU A 49 0.99 -22.45 -12.58
N VAL A 50 1.87 -22.48 -13.58
CA VAL A 50 2.02 -23.62 -14.45
C VAL A 50 3.48 -24.00 -14.51
N ASP A 51 3.76 -25.29 -14.36
CA ASP A 51 5.09 -25.83 -14.70
C ASP A 51 4.96 -27.30 -15.03
N VAL A 52 6.08 -27.98 -15.30
CA VAL A 52 6.05 -29.40 -15.68
C VAL A 52 6.48 -30.31 -14.53
N ILE A 53 7.00 -29.79 -13.42
CA ILE A 53 7.39 -30.68 -12.30
C ILE A 53 6.34 -30.62 -11.21
N GLU A 54 5.51 -31.66 -11.16
CA GLU A 54 4.26 -31.69 -10.40
C GLU A 54 4.43 -31.35 -8.91
N ASP A 55 5.41 -31.95 -8.27
CA ASP A 55 5.55 -31.80 -6.82
C ASP A 55 5.99 -30.40 -6.47
N LYS A 56 7.00 -29.91 -7.17
CA LYS A 56 7.53 -28.56 -7.00
C LYS A 56 6.39 -27.56 -7.15
N LEU A 57 5.59 -27.76 -8.20
CA LEU A 57 4.49 -26.84 -8.52
C LEU A 57 3.47 -26.75 -7.38
N LYS A 58 3.03 -27.91 -6.88
CA LYS A 58 2.01 -27.97 -5.86
C LYS A 58 2.53 -27.42 -4.57
N GLY A 59 3.79 -27.66 -4.29
CA GLY A 59 4.40 -27.16 -3.07
C GLY A 59 4.52 -25.64 -3.05
N GLU A 60 4.97 -25.05 -4.16
CA GLU A 60 4.99 -23.60 -4.24
C GLU A 60 3.58 -23.02 -4.12
N MET A 61 2.62 -23.65 -4.79
CA MET A 61 1.23 -23.21 -4.70
C MET A 61 0.79 -23.21 -3.24
N MET A 62 1.01 -24.34 -2.55
CA MET A 62 0.55 -24.50 -1.19
C MET A 62 1.22 -23.49 -0.26
N ASP A 63 2.52 -23.28 -0.47
CA ASP A 63 3.30 -22.36 0.38
C ASP A 63 2.72 -20.95 0.20
N LEU A 64 2.45 -20.54 -1.04
CA LEU A 64 1.71 -19.29 -1.24
C LEU A 64 0.31 -19.28 -0.56
N GLN A 65 -0.48 -20.33 -0.78
CA GLN A 65 -1.83 -20.39 -0.22
C GLN A 65 -1.81 -20.25 1.30
N HIS A 66 -0.81 -20.82 1.94
CA HIS A 66 -0.71 -20.66 3.40
C HIS A 66 -0.51 -19.24 3.90
N GLY A 67 -0.01 -18.35 3.06
CA GLY A 67 0.03 -16.92 3.41
C GLY A 67 -1.19 -16.07 3.06
N SER A 68 -2.31 -16.71 2.72
CA SER A 68 -3.46 -16.00 2.20
C SER A 68 -4.05 -15.00 3.16
N LEU A 69 -4.01 -15.30 4.46
CA LEU A 69 -4.44 -14.38 5.50
C LEU A 69 -3.77 -13.02 5.31
N PHE A 70 -2.58 -13.00 4.75
CA PHE A 70 -1.78 -11.78 4.72
C PHE A 70 -1.78 -11.15 3.35
N LEU A 71 -2.63 -11.65 2.47
CA LEU A 71 -2.72 -11.24 1.06
C LEU A 71 -4.17 -10.87 0.67
N LYS A 72 -4.34 -10.31 -0.52
CA LYS A 72 -5.66 -9.87 -1.01
C LYS A 72 -5.91 -10.42 -2.40
N THR A 73 -5.42 -11.64 -2.61
CA THR A 73 -5.61 -12.41 -3.84
C THR A 73 -6.23 -13.73 -3.39
N PRO A 74 -7.57 -13.82 -3.47
CA PRO A 74 -8.39 -14.83 -2.86
C PRO A 74 -8.36 -16.21 -3.51
N LYS A 75 -7.75 -16.35 -4.70
CA LYS A 75 -7.66 -17.63 -5.39
C LYS A 75 -6.23 -17.78 -5.98
N ILE A 76 -5.54 -18.81 -5.51
CA ILE A 76 -4.21 -19.19 -5.98
C ILE A 76 -4.33 -20.64 -6.42
N VAL A 77 -4.09 -20.89 -7.73
CA VAL A 77 -4.26 -22.22 -8.31
C VAL A 77 -2.97 -22.62 -9.09
N SER A 78 -2.83 -23.92 -9.36
CA SER A 78 -1.71 -24.44 -10.15
C SER A 78 -2.10 -25.73 -10.85
N SER A 79 -1.51 -25.97 -12.01
CA SER A 79 -1.65 -27.25 -12.70
C SER A 79 -0.58 -27.32 -13.82
N LYS A 80 -0.19 -28.53 -14.21
CA LYS A 80 0.61 -28.73 -15.43
C LYS A 80 -0.20 -28.45 -16.67
N ASP A 81 -1.52 -28.57 -16.51
CA ASP A 81 -2.49 -28.47 -17.58
C ASP A 81 -2.91 -27.02 -17.74
N TYR A 82 -2.76 -26.51 -18.96
CA TYR A 82 -3.00 -25.09 -19.21
C TYR A 82 -4.46 -24.62 -19.13
N SER A 83 -5.38 -25.56 -18.96
CA SER A 83 -6.77 -25.17 -18.68
C SER A 83 -6.85 -24.31 -17.41
N VAL A 84 -5.92 -24.49 -16.50
CA VAL A 84 -5.87 -23.67 -15.26
C VAL A 84 -5.61 -22.17 -15.49
N THR A 85 -5.10 -21.84 -16.68
CA THR A 85 -4.71 -20.46 -17.07
C THR A 85 -5.83 -19.65 -17.75
N ALA A 86 -6.97 -20.31 -17.95
CA ALA A 86 -8.10 -19.76 -18.71
C ALA A 86 -8.55 -18.42 -18.15
N ASN A 87 -8.86 -17.48 -19.05
CA ASN A 87 -9.35 -16.15 -18.67
C ASN A 87 -8.29 -15.26 -18.07
N SER A 88 -7.03 -15.44 -18.47
CA SER A 88 -5.97 -14.62 -17.89
C SER A 88 -5.93 -13.29 -18.65
N LYS A 89 -5.87 -12.17 -17.94
CA LYS A 89 -5.59 -10.88 -18.57
C LYS A 89 -4.12 -10.80 -18.98
N LEU A 90 -3.27 -11.36 -18.14
CA LEU A 90 -1.81 -11.28 -18.32
C LEU A 90 -1.19 -12.67 -18.10
N VAL A 91 -0.31 -13.07 -19.00
CA VAL A 91 0.39 -14.34 -18.83
C VAL A 91 1.86 -14.10 -19.00
N ILE A 92 2.60 -14.43 -17.94
CA ILE A 92 4.01 -14.11 -17.78
C ILE A 92 4.82 -15.38 -17.97
N ILE A 93 5.72 -15.40 -18.95
CA ILE A 93 6.42 -16.61 -19.26
C ILE A 93 7.83 -16.45 -18.71
N THR A 94 8.18 -17.33 -17.77
CA THR A 94 9.51 -17.33 -17.14
C THR A 94 10.25 -18.66 -17.31
N ALA A 95 9.57 -19.65 -17.90
CA ALA A 95 10.09 -20.97 -18.08
C ALA A 95 11.20 -21.09 -19.12
N GLY A 96 12.03 -22.14 -18.95
CA GLY A 96 13.11 -22.48 -19.86
C GLY A 96 14.46 -22.54 -19.17
N ALA A 97 15.49 -22.85 -19.94
CA ALA A 97 16.85 -22.91 -19.42
C ALA A 97 17.23 -21.50 -19.00
N ARG A 98 17.90 -21.37 -17.85
CA ARG A 98 18.23 -20.07 -17.31
C ARG A 98 19.73 -19.79 -17.42
N GLN A 99 20.08 -18.50 -17.35
CA GLN A 99 21.43 -18.06 -17.54
C GLN A 99 22.33 -18.76 -16.53
N GLN A 100 23.43 -19.26 -17.05
CA GLN A 100 24.44 -19.94 -16.26
C GLN A 100 25.70 -19.11 -16.06
N GLU A 101 26.46 -19.48 -15.04
CA GLU A 101 27.68 -18.74 -14.71
C GLU A 101 28.63 -18.61 -15.89
N GLY A 102 29.06 -17.39 -16.18
CA GLY A 102 30.09 -17.19 -17.20
C GLY A 102 29.58 -17.40 -18.62
N GLU A 103 28.26 -17.36 -18.81
CA GLU A 103 27.65 -17.58 -20.12
C GLU A 103 26.64 -16.49 -20.46
N SER A 104 26.72 -16.02 -21.70
CA SER A 104 25.69 -15.15 -22.29
C SER A 104 24.28 -15.75 -22.22
N ARG A 105 23.28 -14.88 -22.08
CA ARG A 105 21.85 -15.30 -22.16
C ARG A 105 21.55 -15.88 -23.55
N LEU A 106 22.34 -15.46 -24.52
CA LEU A 106 22.17 -15.93 -25.90
C LEU A 106 22.48 -17.42 -26.11
N ASN A 107 23.25 -17.99 -25.18
CA ASN A 107 23.55 -19.43 -25.17
C ASN A 107 22.34 -20.32 -24.92
N LEU A 108 21.22 -19.72 -24.49
CA LEU A 108 20.00 -20.43 -24.08
C LEU A 108 18.93 -20.52 -25.18
N VAL A 109 19.22 -19.86 -26.29
CA VAL A 109 18.17 -19.53 -27.23
C VAL A 109 17.47 -20.74 -27.88
N GLN A 110 18.17 -21.73 -28.38
CA GLN A 110 17.47 -22.77 -29.13
C GLN A 110 16.56 -23.63 -28.29
N ARG A 111 17.06 -23.99 -27.12
CA ARG A 111 16.33 -24.76 -26.18
C ARG A 111 15.05 -24.04 -25.75
N ASN A 112 15.14 -22.73 -25.49
CA ASN A 112 13.94 -21.96 -25.13
C ASN A 112 12.97 -21.74 -26.27
N VAL A 113 13.47 -21.57 -27.49
CA VAL A 113 12.61 -21.53 -28.65
C VAL A 113 11.82 -22.84 -28.73
N ASN A 114 12.49 -23.97 -28.53
CA ASN A 114 11.81 -25.28 -28.53
C ASN A 114 10.72 -25.39 -27.48
N ILE A 115 10.99 -24.87 -26.30
CA ILE A 115 10.02 -25.00 -25.23
C ILE A 115 8.83 -24.08 -25.51
N PHE A 116 9.08 -22.93 -26.14
CA PHE A 116 8.02 -21.94 -26.42
C PHE A 116 7.12 -22.51 -27.48
N LYS A 117 7.65 -23.42 -28.31
CA LYS A 117 6.83 -24.13 -29.30
C LYS A 117 5.71 -24.91 -28.63
N PHE A 118 5.93 -25.30 -27.37
CA PHE A 118 4.92 -26.00 -26.61
C PHE A 118 4.04 -25.06 -25.78
N ILE A 119 4.69 -24.15 -25.03
CA ILE A 119 4.01 -23.29 -24.08
C ILE A 119 3.04 -22.32 -24.76
N ILE A 120 3.53 -21.64 -25.79
CA ILE A 120 2.77 -20.54 -26.37
C ILE A 120 1.43 -20.95 -26.95
N PRO A 121 1.39 -22.00 -27.81
CA PRO A 121 0.06 -22.41 -28.28
C PRO A 121 -0.91 -22.82 -27.14
N ASN A 122 -0.40 -23.44 -26.10
CA ASN A 122 -1.23 -23.73 -24.94
C ASN A 122 -1.77 -22.52 -24.18
N VAL A 123 -0.94 -21.50 -24.00
CA VAL A 123 -1.42 -20.21 -23.45
C VAL A 123 -2.50 -19.56 -24.33
N VAL A 124 -2.22 -19.49 -25.64
CA VAL A 124 -3.13 -18.84 -26.60
C VAL A 124 -4.47 -19.55 -26.65
N LYS A 125 -4.45 -20.85 -26.46
CA LYS A 125 -5.66 -21.67 -26.50
C LYS A 125 -6.66 -21.25 -25.42
N TYR A 126 -6.15 -21.05 -24.19
CA TYR A 126 -7.03 -20.78 -23.05
C TYR A 126 -7.23 -19.29 -22.73
N SER A 127 -6.32 -18.44 -23.22
CA SER A 127 -6.52 -16.99 -23.08
C SER A 127 -6.24 -16.26 -24.36
N PRO A 128 -7.15 -16.37 -25.35
CA PRO A 128 -6.77 -15.81 -26.65
C PRO A 128 -6.63 -14.29 -26.68
N GLN A 129 -7.09 -13.61 -25.62
CA GLN A 129 -6.97 -12.16 -25.56
C GLN A 129 -6.05 -11.62 -24.48
N CYS A 130 -5.26 -12.49 -23.84
CA CYS A 130 -4.29 -12.03 -22.87
C CYS A 130 -3.19 -11.17 -23.51
N LYS A 131 -2.48 -10.47 -22.65
CA LYS A 131 -1.18 -9.89 -22.98
C LYS A 131 -0.16 -10.92 -22.48
N LEU A 132 0.86 -11.10 -23.29
CA LEU A 132 1.92 -11.99 -23.02
C LEU A 132 3.12 -11.18 -22.54
N LEU A 133 3.64 -11.54 -21.38
CA LEU A 133 4.86 -10.89 -20.88
C LEU A 133 5.99 -11.91 -20.80
N ILE A 134 6.96 -11.78 -21.71
CA ILE A 134 8.05 -12.75 -21.80
C ILE A 134 9.20 -12.27 -20.91
N VAL A 135 9.70 -13.16 -20.04
CA VAL A 135 10.83 -12.88 -19.15
C VAL A 135 11.99 -13.83 -19.46
N SER A 136 11.68 -15.06 -19.86
CA SER A 136 12.68 -16.07 -20.25
C SER A 136 13.74 -15.48 -21.17
N ASN A 137 14.96 -16.03 -21.09
CA ASN A 137 16.08 -15.48 -21.88
C ASN A 137 16.45 -16.34 -23.07
N PRO A 138 16.98 -15.70 -24.13
CA PRO A 138 17.21 -14.27 -24.31
C PRO A 138 15.90 -13.55 -24.66
N VAL A 139 15.49 -12.66 -23.76
CA VAL A 139 14.12 -12.15 -23.78
C VAL A 139 13.73 -11.45 -25.07
N ASP A 140 14.68 -10.76 -25.71
CA ASP A 140 14.36 -10.06 -26.95
C ASP A 140 13.98 -11.05 -28.06
N ILE A 141 14.77 -12.10 -28.25
CA ILE A 141 14.48 -13.10 -29.31
C ILE A 141 13.23 -13.92 -28.97
N LEU A 142 13.07 -14.24 -27.68
CA LEU A 142 11.95 -15.04 -27.27
C LEU A 142 10.65 -14.28 -27.31
N THR A 143 10.70 -12.94 -27.28
CA THR A 143 9.50 -12.13 -27.37
C THR A 143 9.08 -12.19 -28.84
N TYR A 144 10.03 -12.00 -29.73
CA TYR A 144 9.80 -12.22 -31.18
C TYR A 144 9.19 -13.60 -31.47
N VAL A 145 9.74 -14.64 -30.86
CA VAL A 145 9.26 -15.99 -31.11
C VAL A 145 7.84 -16.15 -30.63
N ALA A 146 7.58 -15.71 -29.38
CA ALA A 146 6.22 -15.71 -28.80
C ALA A 146 5.22 -15.02 -29.76
N TRP A 147 5.59 -13.86 -30.27
CA TRP A 147 4.80 -13.13 -31.26
C TRP A 147 4.52 -13.96 -32.51
N LYS A 148 5.57 -14.49 -33.17
CA LYS A 148 5.37 -15.38 -34.31
C LYS A 148 4.50 -16.62 -34.00
N ILE A 149 4.75 -17.31 -32.89
CA ILE A 149 3.99 -18.53 -32.62
C ILE A 149 2.54 -18.18 -32.25
N SER A 150 2.33 -17.20 -31.39
CA SER A 150 0.97 -16.85 -30.93
C SER A 150 0.05 -16.33 -32.00
N GLY A 151 0.58 -15.57 -32.95
CA GLY A 151 -0.24 -14.85 -33.93
C GLY A 151 -0.93 -13.62 -33.36
N PHE A 152 -0.54 -13.23 -32.13
CA PHE A 152 -1.10 -12.07 -31.50
C PHE A 152 -0.70 -10.81 -32.25
N PRO A 153 -1.53 -9.78 -32.19
CA PRO A 153 -0.95 -8.53 -32.68
C PRO A 153 0.21 -8.08 -31.76
N LYS A 154 1.21 -7.41 -32.33
CA LYS A 154 2.42 -7.08 -31.59
C LYS A 154 2.23 -6.28 -30.30
N ASN A 155 1.15 -5.52 -30.19
CA ASN A 155 0.93 -4.77 -28.96
C ASN A 155 0.77 -5.68 -27.73
N ARG A 156 0.29 -6.90 -27.95
CA ARG A 156 0.02 -7.81 -26.88
C ARG A 156 1.16 -8.77 -26.58
N VAL A 157 2.32 -8.57 -27.19
CA VAL A 157 3.46 -9.45 -26.93
C VAL A 157 4.63 -8.56 -26.49
N ILE A 158 4.93 -8.62 -25.20
CA ILE A 158 5.84 -7.68 -24.53
C ILE A 158 6.96 -8.46 -23.85
N GLY A 159 8.21 -7.99 -23.99
CA GLY A 159 9.31 -8.61 -23.28
C GLY A 159 9.77 -7.71 -22.14
N SER A 160 10.15 -8.33 -21.02
CA SER A 160 10.56 -7.56 -19.87
C SER A 160 11.77 -6.68 -20.21
N GLY A 161 12.55 -7.11 -21.19
CA GLY A 161 13.51 -6.24 -21.82
C GLY A 161 14.51 -5.62 -20.87
N CYS A 162 14.69 -4.30 -21.03
CA CYS A 162 15.62 -3.50 -20.28
C CYS A 162 15.01 -2.79 -19.08
N ASN A 163 13.80 -3.17 -18.68
CA ASN A 163 13.19 -2.54 -17.53
C ASN A 163 14.14 -2.69 -16.35
N LEU A 164 14.67 -3.90 -16.19
CA LEU A 164 15.56 -4.19 -15.06
C LEU A 164 16.93 -3.53 -15.21
N ASP A 165 17.47 -3.54 -16.44
CA ASP A 165 18.76 -2.95 -16.69
C ASP A 165 18.72 -1.47 -16.35
N SER A 166 17.60 -0.83 -16.70
CA SER A 166 17.42 0.60 -16.44
C SER A 166 17.24 0.83 -14.93
N ALA A 167 16.46 -0.03 -14.25
CA ALA A 167 16.39 -0.02 -12.79
C ALA A 167 17.77 -0.13 -12.09
N ARG A 168 18.61 -1.05 -12.57
CA ARG A 168 19.98 -1.22 -12.08
C ARG A 168 20.82 0.04 -12.33
N PHE A 169 20.69 0.59 -13.53
CA PHE A 169 21.42 1.80 -13.88
C PHE A 169 21.02 2.96 -12.98
N ARG A 170 19.73 3.12 -12.74
CA ARG A 170 19.25 4.18 -11.85
C ARG A 170 19.64 3.94 -10.36
N TYR A 171 19.63 2.68 -9.89
CA TYR A 171 20.23 2.38 -8.59
C TYR A 171 21.72 2.83 -8.48
N LEU A 172 22.53 2.48 -9.45
CA LEU A 172 23.95 2.74 -9.39
C LEU A 172 24.28 4.24 -9.48
N MET A 173 23.50 4.92 -10.32
CA MET A 173 23.60 6.38 -10.48
C MET A 173 23.22 7.05 -9.18
N GLY A 174 22.16 6.54 -8.54
CA GLY A 174 21.70 7.06 -7.26
C GLY A 174 22.71 6.90 -6.15
N GLU A 175 23.37 5.74 -6.12
N GLU A 175 23.35 5.73 -6.14
CA GLU A 175 24.45 5.48 -5.16
CA GLU A 175 24.45 5.42 -5.23
C GLU A 175 25.63 6.44 -5.37
C GLU A 175 25.61 6.42 -5.38
N ARG A 176 26.03 6.69 -6.62
CA ARG A 176 27.08 7.69 -6.88
C ARG A 176 26.69 9.10 -6.41
N LEU A 177 25.44 9.50 -6.67
CA LEU A 177 25.01 10.86 -6.45
C LEU A 177 24.40 11.15 -5.07
N GLY A 178 24.11 10.11 -4.27
CA GLY A 178 23.40 10.29 -2.99
C GLY A 178 21.94 10.69 -3.09
N VAL A 179 21.28 10.14 -4.14
CA VAL A 179 19.92 10.49 -4.47
C VAL A 179 19.17 9.19 -4.67
N HIS A 180 17.88 9.19 -4.35
CA HIS A 180 17.07 7.97 -4.58
C HIS A 180 17.00 7.67 -6.06
N PRO A 181 16.95 6.38 -6.46
CA PRO A 181 16.84 6.04 -7.88
C PRO A 181 15.62 6.61 -8.57
N LEU A 182 14.52 6.75 -7.83
CA LEU A 182 13.36 7.42 -8.41
C LEU A 182 13.69 8.82 -8.95
N SER A 183 14.67 9.48 -8.34
CA SER A 183 15.01 10.83 -8.71
C SER A 183 16.26 10.89 -9.59
N CYS A 184 16.77 9.75 -9.99
CA CYS A 184 17.86 9.66 -10.97
C CYS A 184 17.32 9.05 -12.25
N HIS A 185 17.43 9.79 -13.35
CA HIS A 185 16.78 9.40 -14.61
C HIS A 185 17.78 9.03 -15.65
N GLY A 186 17.48 8.00 -16.42
CA GLY A 186 18.43 7.40 -17.36
C GLY A 186 17.92 6.12 -17.99
N TRP A 187 18.23 5.92 -19.27
CA TRP A 187 17.68 4.80 -20.05
C TRP A 187 18.75 3.87 -20.57
N VAL A 188 18.55 2.56 -20.42
CA VAL A 188 19.40 1.56 -21.04
C VAL A 188 18.45 0.85 -22.01
N LEU A 189 18.78 0.91 -23.29
CA LEU A 189 17.96 0.36 -24.34
C LEU A 189 18.68 -0.75 -25.08
N GLY A 190 18.00 -1.28 -26.11
CA GLY A 190 18.55 -2.38 -26.93
C GLY A 190 18.38 -3.75 -26.30
N GLU A 191 19.31 -4.65 -26.61
CA GLU A 191 19.35 -5.96 -25.98
C GLU A 191 19.38 -5.98 -24.45
N HIS A 192 18.56 -6.85 -23.87
CA HIS A 192 18.74 -7.22 -22.49
C HIS A 192 19.92 -8.15 -22.38
N GLY A 193 21.11 -7.57 -22.39
CA GLY A 193 22.34 -8.32 -22.43
C GLY A 193 23.52 -7.43 -22.70
N ASP A 194 24.60 -8.05 -23.17
CA ASP A 194 25.90 -7.42 -23.33
C ASP A 194 25.94 -6.22 -24.32
N SER A 195 25.08 -6.19 -25.34
CA SER A 195 25.04 -5.10 -26.31
C SER A 195 24.02 -3.96 -25.98
N SER A 196 23.56 -3.90 -24.73
CA SER A 196 22.70 -2.80 -24.30
C SER A 196 23.39 -1.44 -24.50
N VAL A 197 22.57 -0.42 -24.70
CA VAL A 197 22.97 0.95 -25.00
C VAL A 197 22.50 1.93 -23.87
N PRO A 198 23.45 2.46 -23.06
CA PRO A 198 23.10 3.55 -22.13
C PRO A 198 22.96 4.85 -22.91
N VAL A 199 21.82 5.51 -22.83
CA VAL A 199 21.58 6.76 -23.54
C VAL A 199 22.01 7.93 -22.64
N TRP A 200 23.29 8.23 -22.73
CA TRP A 200 23.89 9.22 -21.88
C TRP A 200 23.28 10.54 -22.09
N SER A 201 22.83 10.79 -23.31
CA SER A 201 22.23 12.08 -23.65
C SER A 201 20.99 12.38 -22.79
N GLY A 202 20.30 11.33 -22.37
CA GLY A 202 19.10 11.50 -21.58
C GLY A 202 19.26 11.46 -20.08
N VAL A 203 20.44 11.17 -19.59
CA VAL A 203 20.62 10.90 -18.16
C VAL A 203 20.55 12.24 -17.43
N ASN A 204 19.71 12.32 -16.39
CA ASN A 204 19.44 13.61 -15.73
C ASN A 204 18.89 13.47 -14.32
N VAL A 205 19.12 14.51 -13.52
CA VAL A 205 18.48 14.72 -12.25
C VAL A 205 17.82 16.10 -12.30
N ALA A 206 16.54 16.11 -11.94
CA ALA A 206 15.73 17.31 -11.88
C ALA A 206 15.76 18.06 -13.24
N GLY A 207 15.85 17.30 -14.34
CA GLY A 207 15.89 17.89 -15.67
C GLY A 207 17.24 18.42 -16.10
N VAL A 208 18.24 18.29 -15.23
CA VAL A 208 19.61 18.72 -15.51
C VAL A 208 20.39 17.56 -16.14
N SER A 209 20.69 17.73 -17.42
CA SER A 209 21.51 16.80 -18.17
C SER A 209 22.91 16.64 -17.56
N LEU A 210 23.28 15.42 -17.19
CA LEU A 210 24.63 15.15 -16.66
C LEU A 210 25.70 15.42 -17.73
N LYS A 211 25.38 15.13 -18.98
CA LYS A 211 26.25 15.44 -20.12
C LYS A 211 26.56 16.94 -20.25
N SER A 212 25.58 17.79 -19.93
CA SER A 212 25.83 19.23 -19.88
C SER A 212 26.88 19.60 -18.81
N LEU A 213 26.97 18.84 -17.73
CA LEU A 213 27.95 19.11 -16.70
C LEU A 213 29.29 18.40 -16.95
N ASN A 214 29.27 17.39 -17.82
CA ASN A 214 30.43 16.60 -18.17
C ASN A 214 30.23 16.09 -19.59
N PRO A 215 30.68 16.86 -20.60
CA PRO A 215 30.46 16.51 -22.02
C PRO A 215 30.95 15.12 -22.43
N GLN A 216 32.04 14.64 -21.82
CA GLN A 216 32.51 13.31 -22.12
C GLN A 216 31.74 12.16 -21.46
N LEU A 217 30.74 12.48 -20.62
CA LEU A 217 29.90 11.44 -19.96
C LEU A 217 29.75 10.17 -20.77
N GLY A 218 30.18 9.06 -20.15
CA GLY A 218 30.04 7.71 -20.73
C GLY A 218 31.03 7.37 -21.85
N THR A 219 31.96 8.25 -22.17
CA THR A 219 32.98 7.94 -23.18
C THR A 219 34.26 7.48 -22.48
N ASP A 220 35.24 7.03 -23.27
CA ASP A 220 36.57 6.72 -22.72
C ASP A 220 37.30 7.92 -22.13
N ALA A 221 36.97 9.10 -22.64
CA ALA A 221 37.58 10.36 -22.19
C ALA A 221 36.93 10.94 -20.92
N ASP A 222 35.96 10.23 -20.32
CA ASP A 222 35.25 10.69 -19.11
C ASP A 222 36.15 10.50 -17.89
N LYS A 223 36.63 11.60 -17.31
CA LYS A 223 37.51 11.56 -16.16
C LYS A 223 36.92 10.77 -14.99
N GLU A 224 35.61 10.68 -14.87
CA GLU A 224 34.99 9.89 -13.78
C GLU A 224 34.41 8.55 -14.23
N GLN A 225 34.76 8.16 -15.46
CA GLN A 225 34.45 6.83 -16.03
C GLN A 225 33.03 6.30 -15.72
N TRP A 226 32.02 7.14 -16.00
CA TRP A 226 30.63 6.70 -15.86
C TRP A 226 30.28 5.52 -16.74
N LYS A 227 31.04 5.30 -17.81
CA LYS A 227 30.88 4.08 -18.61
C LYS A 227 30.90 2.83 -17.75
N ASP A 228 31.63 2.87 -16.64
CA ASP A 228 31.71 1.78 -15.68
C ASP A 228 30.38 1.46 -15.01
N VAL A 229 29.54 2.46 -14.86
CA VAL A 229 28.17 2.24 -14.34
C VAL A 229 27.42 1.36 -15.34
N HIS A 230 27.55 1.64 -16.63
CA HIS A 230 26.94 0.76 -17.64
C HIS A 230 27.60 -0.60 -17.68
N LYS A 231 28.91 -0.64 -17.57
CA LYS A 231 29.58 -1.92 -17.42
C LYS A 231 29.04 -2.73 -16.24
N GLN A 232 28.87 -2.09 -15.07
CA GLN A 232 28.24 -2.73 -13.92
C GLN A 232 26.81 -3.25 -14.24
N VAL A 233 26.02 -2.50 -14.99
CA VAL A 233 24.70 -2.94 -15.46
C VAL A 233 24.78 -4.22 -16.32
N VAL A 234 25.69 -4.22 -17.29
CA VAL A 234 25.85 -5.39 -18.14
C VAL A 234 26.31 -6.63 -17.35
N ASP A 235 27.23 -6.45 -16.40
CA ASP A 235 27.87 -7.55 -15.66
C ASP A 235 27.00 -8.01 -14.47
N SER A 236 25.94 -7.27 -14.17
CA SER A 236 25.25 -7.48 -12.90
C SER A 236 24.72 -8.92 -12.75
N ALA A 237 24.00 -9.42 -13.75
CA ALA A 237 23.48 -10.78 -13.69
C ALA A 237 24.60 -11.78 -13.53
N TYR A 238 25.72 -11.57 -14.24
CA TYR A 238 26.86 -12.50 -14.16
C TYR A 238 27.41 -12.51 -12.75
N GLU A 239 27.58 -11.34 -12.14
N GLU A 239 27.57 -11.32 -12.17
CA GLU A 239 28.11 -11.29 -10.76
CA GLU A 239 28.10 -11.19 -10.80
C GLU A 239 27.13 -11.95 -9.77
C GLU A 239 27.15 -11.84 -9.75
N VAL A 240 25.85 -11.65 -9.91
CA VAL A 240 24.83 -12.20 -8.96
C VAL A 240 24.73 -13.72 -9.09
N ILE A 241 24.76 -14.20 -10.35
CA ILE A 241 24.81 -15.64 -10.63
C ILE A 241 26.03 -16.29 -9.96
N LYS A 242 27.18 -15.65 -10.09
CA LYS A 242 28.43 -16.14 -9.50
C LYS A 242 28.30 -16.25 -8.01
N LEU A 243 27.65 -15.25 -7.40
CA LEU A 243 27.54 -15.18 -5.93
C LEU A 243 26.48 -16.10 -5.35
N LYS A 244 25.26 -16.09 -5.90
CA LYS A 244 24.14 -16.84 -5.32
C LYS A 244 23.55 -17.89 -6.27
N GLY A 245 24.07 -18.00 -7.50
CA GLY A 245 23.65 -19.06 -8.45
C GLY A 245 22.54 -18.73 -9.44
N TYR A 246 21.87 -17.60 -9.25
CA TYR A 246 20.80 -17.15 -10.15
C TYR A 246 20.42 -15.71 -9.74
N THR A 247 19.56 -15.03 -10.49
CA THR A 247 18.98 -13.80 -10.01
C THR A 247 17.48 -14.03 -9.92
N SER A 248 16.84 -13.35 -8.98
CA SER A 248 15.39 -13.53 -8.75
C SER A 248 14.68 -12.25 -8.31
N TRP A 249 15.13 -11.63 -7.20
CA TRP A 249 14.36 -10.58 -6.57
C TRP A 249 14.21 -9.36 -7.39
N ALA A 250 15.30 -8.87 -7.99
CA ALA A 250 15.25 -7.63 -8.81
C ALA A 250 14.36 -7.83 -10.04
N ILE A 251 14.45 -9.00 -10.64
CA ILE A 251 13.64 -9.26 -11.85
C ILE A 251 12.18 -9.44 -11.48
N GLY A 252 11.90 -10.05 -10.33
CA GLY A 252 10.50 -10.21 -9.88
C GLY A 252 9.87 -8.84 -9.67
N LEU A 253 10.65 -7.94 -9.06
CA LEU A 253 10.21 -6.60 -8.79
C LEU A 253 9.98 -5.87 -10.11
N SER A 254 10.86 -6.10 -11.10
CA SER A 254 10.77 -5.45 -12.38
C SER A 254 9.53 -5.90 -13.18
N VAL A 255 9.32 -7.20 -13.19
CA VAL A 255 8.15 -7.80 -13.84
C VAL A 255 6.84 -7.34 -13.18
N ALA A 256 6.81 -7.28 -11.86
CA ALA A 256 5.64 -6.75 -11.18
C ALA A 256 5.35 -5.27 -11.48
N ASP A 257 6.39 -4.42 -11.54
CA ASP A 257 6.28 -3.05 -12.05
C ASP A 257 5.61 -2.99 -13.43
N LEU A 258 6.04 -3.85 -14.34
CA LEU A 258 5.37 -3.95 -15.65
C LEU A 258 3.90 -4.49 -15.56
N ALA A 259 3.66 -5.54 -14.80
CA ALA A 259 2.28 -6.07 -14.58
C ALA A 259 1.35 -4.99 -14.04
N GLU A 260 1.89 -4.16 -13.15
CA GLU A 260 1.13 -3.03 -12.61
C GLU A 260 0.68 -2.02 -13.69
N SER A 261 1.59 -1.62 -14.59
CA SER A 261 1.27 -0.72 -15.68
C SER A 261 0.22 -1.33 -16.61
N ILE A 262 0.34 -2.62 -16.85
CA ILE A 262 -0.63 -3.31 -17.69
C ILE A 262 -1.97 -3.44 -16.97
N MET A 263 -1.97 -3.95 -15.75
CA MET A 263 -3.23 -4.28 -15.06
C MET A 263 -4.03 -3.04 -14.67
N LYS A 264 -3.32 -1.95 -14.42
CA LYS A 264 -3.94 -0.68 -13.97
C LYS A 264 -4.03 0.35 -15.08
N ASN A 265 -3.60 -0.05 -16.28
CA ASN A 265 -3.69 0.77 -17.48
C ASN A 265 -2.97 2.09 -17.26
N LEU A 266 -1.75 2.05 -16.71
CA LEU A 266 -1.15 3.28 -16.22
C LEU A 266 -0.64 4.15 -17.36
N ARG A 267 -0.24 3.56 -18.48
CA ARG A 267 0.43 4.30 -19.57
C ARG A 267 1.68 5.03 -19.11
N ARG A 268 2.46 4.33 -18.28
CA ARG A 268 3.79 4.76 -17.92
C ARG A 268 4.71 4.34 -19.03
N VAL A 269 5.88 4.97 -19.08
CA VAL A 269 6.88 4.62 -20.06
C VAL A 269 7.93 3.67 -19.47
N HIS A 270 8.17 2.55 -20.17
CA HIS A 270 9.17 1.53 -19.79
C HIS A 270 10.02 1.14 -20.94
N PRO A 271 11.31 0.89 -20.69
CA PRO A 271 12.20 0.37 -21.73
C PRO A 271 12.06 -1.15 -21.83
N ILE A 272 11.21 -1.60 -22.75
CA ILE A 272 10.78 -2.97 -22.82
C ILE A 272 10.81 -3.40 -24.25
N SER A 273 10.82 -4.72 -24.49
CA SER A 273 11.07 -5.27 -25.85
C SER A 273 9.87 -5.27 -26.74
N THR A 274 10.01 -4.64 -27.90
CA THR A 274 8.94 -4.57 -28.87
C THR A 274 9.52 -4.59 -30.28
N MET A 275 8.70 -4.79 -31.28
CA MET A 275 9.25 -4.85 -32.63
C MET A 275 9.75 -3.47 -33.06
N ILE A 276 11.04 -3.31 -33.37
CA ILE A 276 11.57 -1.98 -33.78
C ILE A 276 11.78 -1.81 -35.27
N LYS A 277 11.14 -2.67 -36.07
CA LYS A 277 11.24 -2.58 -37.52
C LYS A 277 10.74 -1.21 -38.03
N GLY A 278 11.58 -0.52 -38.79
CA GLY A 278 11.22 0.78 -39.33
C GLY A 278 11.30 1.94 -38.35
N LEU A 279 11.91 1.71 -37.19
CA LEU A 279 12.21 2.79 -36.26
C LEU A 279 13.68 2.71 -35.97
N TYR A 280 14.21 3.76 -35.36
CA TYR A 280 15.63 3.89 -35.02
C TYR A 280 16.58 3.30 -36.07
N GLY A 281 16.25 3.47 -37.35
CA GLY A 281 17.11 3.05 -38.45
C GLY A 281 17.21 1.56 -38.71
N ILE A 282 16.17 0.80 -38.36
CA ILE A 282 16.21 -0.70 -38.33
C ILE A 282 15.16 -1.39 -39.24
N LYS A 283 15.60 -2.31 -40.10
CA LYS A 283 14.79 -2.84 -41.22
C LYS A 283 14.17 -4.24 -41.06
N GLU A 284 14.67 -5.06 -40.13
CA GLU A 284 14.11 -6.43 -39.91
C GLU A 284 13.19 -6.54 -38.67
N ASP A 285 12.45 -7.66 -38.58
CA ASP A 285 11.53 -7.95 -37.45
C ASP A 285 12.35 -8.30 -36.20
N VAL A 286 13.17 -7.36 -35.74
CA VAL A 286 13.92 -7.49 -34.52
C VAL A 286 13.05 -6.89 -33.38
N PHE A 287 12.99 -7.58 -32.25
CA PHE A 287 12.46 -6.99 -31.02
C PHE A 287 13.65 -6.50 -30.22
N LEU A 288 13.56 -5.28 -29.68
CA LEU A 288 14.48 -4.88 -28.59
C LEU A 288 13.85 -3.76 -27.75
N SER A 289 14.56 -3.31 -26.72
CA SER A 289 13.99 -2.33 -25.80
C SER A 289 14.16 -0.90 -26.29
N VAL A 290 13.02 -0.22 -26.36
CA VAL A 290 12.91 1.22 -26.53
C VAL A 290 11.84 1.67 -25.51
N PRO A 291 11.74 2.96 -25.22
CA PRO A 291 10.70 3.37 -24.26
C PRO A 291 9.32 3.28 -24.89
N CYS A 292 8.43 2.55 -24.21
CA CYS A 292 7.10 2.23 -24.71
C CYS A 292 6.07 2.66 -23.67
N ILE A 293 4.94 3.14 -24.17
CA ILE A 293 3.82 3.39 -23.32
C ILE A 293 3.11 2.07 -23.11
N LEU A 294 3.03 1.68 -21.85
CA LEU A 294 2.44 0.41 -21.42
C LEU A 294 1.12 0.54 -20.65
N GLY A 295 0.09 -0.18 -21.11
CA GLY A 295 -1.19 -0.17 -20.41
C GLY A 295 -2.02 -1.40 -20.68
N GLN A 296 -3.34 -1.29 -20.58
CA GLN A 296 -4.26 -2.45 -20.65
C GLN A 296 -4.25 -3.17 -22.01
N ASN A 297 -3.86 -2.47 -23.07
CA ASN A 297 -3.72 -3.14 -24.36
C ASN A 297 -2.30 -3.46 -24.73
N GLY A 298 -1.44 -3.46 -23.73
CA GLY A 298 -0.04 -3.68 -23.91
C GLY A 298 0.66 -2.44 -24.40
N ILE A 299 1.50 -2.61 -25.43
CA ILE A 299 2.30 -1.51 -25.95
C ILE A 299 1.54 -0.78 -27.05
N SER A 300 1.19 0.48 -26.80
CA SER A 300 0.35 1.22 -27.72
C SER A 300 1.14 2.27 -28.49
N ASP A 301 2.26 2.69 -27.93
CA ASP A 301 3.01 3.78 -28.50
C ASP A 301 4.47 3.60 -28.10
N VAL A 302 5.36 4.09 -28.97
CA VAL A 302 6.78 4.13 -28.71
C VAL A 302 7.30 5.56 -28.69
N VAL A 303 8.13 5.87 -27.69
CA VAL A 303 8.77 7.16 -27.61
C VAL A 303 9.99 7.14 -28.53
N LYS A 304 10.06 8.11 -29.44
CA LYS A 304 11.21 8.25 -30.37
C LYS A 304 12.32 9.06 -29.70
N VAL A 305 13.30 8.35 -29.11
CA VAL A 305 14.35 8.97 -28.35
C VAL A 305 15.32 9.51 -29.39
N THR A 306 15.85 10.70 -29.15
CA THR A 306 16.76 11.28 -30.10
C THR A 306 18.16 10.78 -29.68
N LEU A 307 18.71 9.90 -30.50
CA LEU A 307 19.98 9.25 -30.23
C LEU A 307 21.13 10.00 -30.89
N THR A 308 22.27 10.10 -30.22
CA THR A 308 23.49 10.60 -30.87
C THR A 308 23.90 9.62 -31.95
N PRO A 309 24.80 10.04 -32.86
CA PRO A 309 25.31 9.14 -33.90
C PRO A 309 25.84 7.80 -33.36
N ASP A 310 26.64 7.88 -32.30
CA ASP A 310 27.13 6.72 -31.59
C ASP A 310 26.02 5.87 -30.99
N GLU A 311 25.21 6.49 -30.12
CA GLU A 311 24.11 5.79 -29.45
C GLU A 311 23.25 5.06 -30.47
N GLU A 312 23.02 5.68 -31.63
CA GLU A 312 22.33 5.03 -32.73
C GLU A 312 23.13 3.90 -33.34
N ALA A 313 24.46 4.05 -33.41
CA ALA A 313 25.35 2.98 -33.90
C ALA A 313 25.26 1.79 -32.97
N ARG A 314 25.48 2.02 -31.68
N ARG A 314 25.48 2.02 -31.69
CA ARG A 314 25.40 0.96 -30.66
CA ARG A 314 25.40 0.97 -30.68
C ARG A 314 24.04 0.27 -30.70
C ARG A 314 24.05 0.27 -30.73
N LEU A 315 22.97 1.05 -30.82
CA LEU A 315 21.62 0.47 -30.94
C LEU A 315 21.46 -0.41 -32.19
N LYS A 316 21.98 0.04 -33.34
CA LYS A 316 21.87 -0.76 -34.58
C LYS A 316 22.74 -2.01 -34.50
N LYS A 317 23.86 -1.90 -33.77
CA LYS A 317 24.78 -3.02 -33.51
C LYS A 317 24.05 -4.05 -32.64
N SER A 318 23.38 -3.58 -31.58
CA SER A 318 22.60 -4.46 -30.67
C SER A 318 21.57 -5.20 -31.51
N ALA A 319 20.92 -4.50 -32.44
CA ALA A 319 19.94 -5.11 -33.37
C ALA A 319 20.57 -6.14 -34.27
N ASP A 320 21.75 -5.82 -34.80
CA ASP A 320 22.50 -6.77 -35.65
C ASP A 320 22.92 -8.06 -34.90
N THR A 321 23.54 -7.90 -33.73
CA THR A 321 23.85 -9.02 -32.82
C THR A 321 22.61 -9.93 -32.68
N LEU A 322 21.44 -9.35 -32.37
CA LEU A 322 20.21 -10.17 -32.16
C LEU A 322 19.69 -10.80 -33.46
N TRP A 323 19.52 -10.02 -34.51
CA TRP A 323 19.14 -10.59 -35.81
C TRP A 323 20.20 -11.58 -36.30
N GLY A 324 21.45 -11.39 -35.88
CA GLY A 324 22.49 -12.40 -36.11
C GLY A 324 22.11 -13.77 -35.58
N ILE A 325 21.72 -13.83 -34.30
CA ILE A 325 21.29 -15.08 -33.64
C ILE A 325 19.94 -15.55 -34.22
N GLN A 326 18.97 -14.65 -34.32
CA GLN A 326 17.60 -14.95 -34.75
C GLN A 326 17.52 -15.54 -36.12
N LYS A 327 18.36 -15.03 -37.02
CA LYS A 327 18.44 -15.52 -38.40
C LYS A 327 18.46 -17.02 -38.50
N GLU A 328 19.49 -17.58 -37.86
CA GLU A 328 19.97 -18.93 -38.13
C GLU A 328 19.38 -19.92 -37.13
N LEU A 329 18.12 -19.69 -36.76
CA LEU A 329 17.42 -20.48 -35.73
C LEU A 329 16.12 -21.06 -36.30
N GLN A 330 15.74 -22.24 -35.79
CA GLN A 330 14.74 -23.09 -36.42
C GLN A 330 13.39 -23.11 -35.70
N PHE A 331 12.35 -22.60 -36.36
CA PHE A 331 10.94 -22.79 -35.95
C PHE A 331 9.98 -22.43 -37.08
N ALA B 2 34.28 17.57 -9.62
CA ALA B 2 33.41 16.33 -9.73
C ALA B 2 32.00 16.69 -10.19
N LEU B 3 31.45 15.83 -11.04
CA LEU B 3 30.09 15.95 -11.56
C LEU B 3 29.01 16.13 -10.45
N LYS B 4 29.10 15.29 -9.44
CA LYS B 4 28.24 15.37 -8.28
C LYS B 4 28.20 16.78 -7.70
N ASP B 5 29.36 17.41 -7.52
CA ASP B 5 29.41 18.73 -6.84
C ASP B 5 29.00 19.86 -7.75
N GLN B 6 29.23 19.68 -9.03
CA GLN B 6 28.63 20.55 -10.02
C GLN B 6 27.12 20.54 -9.98
N LEU B 7 26.55 19.36 -9.78
CA LEU B 7 25.10 19.14 -9.83
C LEU B 7 24.41 19.47 -8.51
N ILE B 8 25.05 19.15 -7.37
CA ILE B 8 24.39 19.22 -6.07
C ILE B 8 25.21 20.02 -5.11
N VAL B 9 24.59 20.99 -4.45
CA VAL B 9 25.24 21.68 -3.33
C VAL B 9 24.83 20.97 -2.08
N ASN B 10 25.83 20.45 -1.38
CA ASN B 10 25.62 19.89 -0.08
C ASN B 10 25.45 20.99 0.94
N LEU B 11 24.40 20.87 1.73
CA LEU B 11 24.10 21.88 2.72
C LEU B 11 24.22 21.36 4.12
N LEU B 12 24.59 20.08 4.31
CA LEU B 12 24.41 19.46 5.60
C LEU B 12 25.42 18.34 5.90
N LYS B 13 26.14 18.51 7.01
CA LYS B 13 27.02 17.48 7.56
C LYS B 13 26.13 16.31 8.02
N GLU B 14 26.44 15.11 7.52
CA GLU B 14 25.60 13.94 7.80
C GLU B 14 25.42 13.69 9.30
N GLU B 15 24.69 12.64 9.61
CA GLU B 15 24.51 12.14 10.97
C GLU B 15 23.56 10.97 10.89
N GLN B 16 23.72 10.20 9.81
CA GLN B 16 22.72 9.21 9.45
C GLN B 16 22.66 8.14 10.55
N VAL B 17 21.63 8.20 11.39
CA VAL B 17 21.36 7.18 12.43
C VAL B 17 19.98 6.60 12.22
N PRO B 18 19.90 5.35 11.71
CA PRO B 18 18.63 4.86 11.20
C PRO B 18 17.55 4.84 12.30
N GLN B 19 16.34 5.13 11.89
CA GLN B 19 15.22 5.29 12.78
C GLN B 19 14.26 4.08 12.82
N ASN B 20 14.25 3.28 11.75
CA ASN B 20 13.35 2.13 11.69
C ASN B 20 14.06 0.94 11.03
N LYS B 21 15.21 0.56 11.61
CA LYS B 21 16.08 -0.42 10.98
C LYS B 21 15.70 -1.83 11.45
N ILE B 22 15.67 -2.71 10.48
CA ILE B 22 15.41 -4.12 10.72
C ILE B 22 16.60 -4.92 10.25
N THR B 23 16.96 -5.96 11.00
CA THR B 23 17.98 -6.91 10.60
C THR B 23 17.39 -8.27 10.39
N VAL B 24 17.77 -8.94 9.30
CA VAL B 24 17.47 -10.38 9.13
C VAL B 24 18.78 -11.16 9.21
N VAL B 25 18.83 -12.06 10.18
CA VAL B 25 19.95 -12.97 10.35
C VAL B 25 19.59 -14.31 9.71
N GLY B 26 20.38 -14.67 8.68
CA GLY B 26 20.17 -15.86 7.86
C GLY B 26 19.54 -15.49 6.54
N VAL B 27 20.20 -15.85 5.43
CA VAL B 27 19.73 -15.53 4.07
C VAL B 27 19.40 -16.80 3.29
N GLY B 28 19.01 -17.83 4.04
CA GLY B 28 18.43 -19.04 3.47
C GLY B 28 17.07 -18.67 2.92
N ALA B 29 16.28 -19.66 2.46
CA ALA B 29 14.99 -19.35 1.86
C ALA B 29 14.02 -18.64 2.85
N VAL B 30 14.07 -18.99 4.13
CA VAL B 30 13.18 -18.31 5.09
C VAL B 30 13.53 -16.84 5.29
N GLY B 31 14.80 -16.61 5.54
CA GLY B 31 15.29 -15.27 5.72
C GLY B 31 15.04 -14.40 4.53
N MET B 32 15.22 -14.90 3.31
CA MET B 32 15.01 -14.03 2.16
C MET B 32 13.53 -13.76 1.90
N ALA B 33 12.68 -14.70 2.31
CA ALA B 33 11.23 -14.54 2.21
C ALA B 33 10.81 -13.46 3.21
N CYS B 34 11.39 -13.47 4.41
CA CYS B 34 11.17 -12.41 5.39
C CYS B 34 11.59 -11.06 4.81
N ALA B 35 12.75 -11.03 4.17
CA ALA B 35 13.29 -9.80 3.60
C ALA B 35 12.42 -9.21 2.50
N ILE B 36 12.02 -9.98 1.50
CA ILE B 36 11.27 -9.45 0.39
C ILE B 36 9.94 -8.97 0.92
N SER B 37 9.38 -9.70 1.90
CA SER B 37 8.04 -9.35 2.45
C SER B 37 8.11 -8.06 3.22
N ILE B 38 9.17 -7.90 3.99
CA ILE B 38 9.34 -6.68 4.75
C ILE B 38 9.63 -5.48 3.84
N LEU B 39 10.45 -5.69 2.83
CA LEU B 39 10.72 -4.65 1.84
C LEU B 39 9.41 -4.21 1.15
N MET B 40 8.57 -5.18 0.77
N MET B 40 8.58 -5.19 0.76
CA MET B 40 7.38 -4.85 0.01
CA MET B 40 7.35 -4.94 0.04
C MET B 40 6.25 -4.30 0.87
C MET B 40 6.27 -4.26 0.88
N LYS B 41 6.38 -4.36 2.20
CA LYS B 41 5.45 -3.70 3.11
C LYS B 41 5.94 -2.34 3.67
N ASP B 42 7.11 -1.87 3.26
CA ASP B 42 7.60 -0.54 3.56
C ASP B 42 7.74 -0.35 5.05
N LEU B 43 8.29 -1.35 5.75
CA LEU B 43 8.30 -1.29 7.21
C LEU B 43 9.58 -0.66 7.76
N ALA B 44 10.62 -0.55 6.94
CA ALA B 44 11.93 -0.16 7.43
C ALA B 44 12.63 0.86 6.55
N ASP B 45 13.45 1.71 7.17
CA ASP B 45 14.26 2.70 6.42
C ASP B 45 15.67 2.17 6.12
N GLU B 46 15.98 1.01 6.72
CA GLU B 46 17.26 0.33 6.54
C GLU B 46 17.08 -1.18 6.79
N LEU B 47 17.60 -2.01 5.89
CA LEU B 47 17.58 -3.46 6.08
C LEU B 47 18.99 -3.99 6.06
N ALA B 48 19.33 -4.76 7.07
CA ALA B 48 20.65 -5.39 7.14
C ALA B 48 20.47 -6.87 7.15
N LEU B 49 21.37 -7.56 6.46
CA LEU B 49 21.36 -9.00 6.36
C LEU B 49 22.70 -9.52 6.90
N VAL B 50 22.64 -10.62 7.67
CA VAL B 50 23.83 -11.29 8.22
C VAL B 50 23.77 -12.78 7.92
N ASP B 51 24.90 -13.37 7.56
CA ASP B 51 25.02 -14.82 7.40
C ASP B 51 26.51 -15.15 7.45
N VAL B 52 26.83 -16.43 7.30
CA VAL B 52 28.19 -16.89 7.40
C VAL B 52 28.82 -17.28 6.04
N ILE B 53 28.02 -17.39 5.00
N ILE B 53 28.01 -17.44 5.00
CA ILE B 53 28.52 -17.69 3.66
CA ILE B 53 28.55 -17.72 3.65
C ILE B 53 28.67 -16.40 2.84
C ILE B 53 28.67 -16.40 2.88
N GLU B 54 29.89 -15.88 2.75
CA GLU B 54 30.11 -14.52 2.20
C GLU B 54 29.49 -14.24 0.80
N ASP B 55 29.68 -15.16 -0.12
CA ASP B 55 29.23 -15.00 -1.51
C ASP B 55 27.72 -15.00 -1.63
N LYS B 56 27.08 -16.01 -1.05
CA LYS B 56 25.62 -16.09 -0.96
C LYS B 56 25.03 -14.80 -0.35
N LEU B 57 25.62 -14.35 0.75
CA LEU B 57 25.14 -13.13 1.39
C LEU B 57 25.24 -11.89 0.46
N LYS B 58 26.39 -11.70 -0.16
CA LYS B 58 26.61 -10.56 -1.03
C LYS B 58 25.71 -10.60 -2.24
N GLY B 59 25.47 -11.77 -2.79
CA GLY B 59 24.62 -11.93 -3.97
C GLY B 59 23.17 -11.67 -3.66
N GLU B 60 22.72 -12.09 -2.47
CA GLU B 60 21.36 -11.80 -2.05
C GLU B 60 21.15 -10.31 -1.79
N MET B 61 22.13 -9.68 -1.11
CA MET B 61 22.13 -8.23 -0.91
C MET B 61 22.05 -7.52 -2.26
N MET B 62 22.96 -7.83 -3.19
CA MET B 62 22.98 -7.18 -4.51
C MET B 62 21.66 -7.32 -5.24
N ASP B 63 21.09 -8.51 -5.24
CA ASP B 63 19.84 -8.80 -5.96
C ASP B 63 18.72 -7.89 -5.39
N LEU B 64 18.63 -7.76 -4.05
CA LEU B 64 17.68 -6.83 -3.47
C LEU B 64 17.96 -5.37 -3.83
N GLN B 65 19.22 -4.96 -3.73
CA GLN B 65 19.59 -3.59 -4.09
C GLN B 65 19.16 -3.23 -5.51
N HIS B 66 19.34 -4.19 -6.43
CA HIS B 66 18.99 -3.90 -7.82
C HIS B 66 17.50 -3.65 -8.00
N GLY B 67 16.69 -4.06 -7.03
CA GLY B 67 15.25 -3.76 -7.09
C GLY B 67 14.85 -2.46 -6.40
N SER B 68 15.81 -1.64 -5.97
CA SER B 68 15.53 -0.46 -5.15
C SER B 68 14.59 0.56 -5.73
N LEU B 69 14.67 0.74 -7.04
CA LEU B 69 13.74 1.63 -7.77
C LEU B 69 12.29 1.35 -7.42
N PHE B 70 12.01 0.09 -7.18
CA PHE B 70 10.65 -0.39 -7.02
C PHE B 70 10.25 -0.45 -5.57
N LEU B 71 11.12 0.04 -4.71
CA LEU B 71 11.00 -0.10 -3.24
C LEU B 71 11.08 1.28 -2.53
N LYS B 72 10.92 1.28 -1.21
CA LYS B 72 10.98 2.48 -0.40
C LYS B 72 11.81 2.25 0.86
N THR B 73 12.86 1.46 0.69
CA THR B 73 13.81 1.17 1.76
C THR B 73 15.20 1.54 1.18
N PRO B 74 15.69 2.76 1.50
CA PRO B 74 16.80 3.39 0.79
C PRO B 74 18.17 2.86 1.13
N LYS B 75 18.28 1.97 2.12
CA LYS B 75 19.56 1.39 2.52
C LYS B 75 19.45 -0.10 2.88
N ILE B 76 20.06 -0.90 2.02
CA ILE B 76 20.14 -2.36 2.16
C ILE B 76 21.64 -2.68 2.27
N VAL B 77 22.03 -3.33 3.34
CA VAL B 77 23.43 -3.62 3.62
C VAL B 77 23.61 -5.05 4.17
N SER B 78 24.84 -5.54 4.17
CA SER B 78 25.11 -6.93 4.60
C SER B 78 26.55 -7.05 5.00
N SER B 79 26.79 -8.00 5.89
CA SER B 79 28.14 -8.35 6.39
C SER B 79 28.04 -9.62 7.22
N LYS B 80 29.12 -10.38 7.27
CA LYS B 80 29.30 -11.46 8.25
C LYS B 80 29.46 -10.87 9.67
N ASP B 81 29.93 -9.63 9.74
CA ASP B 81 30.20 -8.92 10.97
C ASP B 81 28.92 -8.22 11.51
N TYR B 82 28.57 -8.51 12.74
CA TYR B 82 27.35 -8.00 13.34
C TYR B 82 27.26 -6.51 13.54
N SER B 83 28.38 -5.79 13.50
CA SER B 83 28.34 -4.35 13.54
C SER B 83 27.48 -3.74 12.45
N VAL B 84 27.22 -4.47 11.36
CA VAL B 84 26.30 -4.00 10.29
C VAL B 84 24.83 -3.88 10.77
N THR B 85 24.49 -4.63 11.81
CA THR B 85 23.16 -4.63 12.43
C THR B 85 22.89 -3.52 13.46
N ALA B 86 23.86 -2.61 13.60
CA ALA B 86 23.79 -1.65 14.68
C ALA B 86 22.56 -0.74 14.54
N ASN B 87 21.90 -0.50 15.68
CA ASN B 87 20.74 0.41 15.81
C ASN B 87 19.48 -0.13 15.17
N SER B 88 19.35 -1.44 15.20
CA SER B 88 18.16 -2.10 14.72
C SER B 88 17.02 -1.96 15.73
N LYS B 89 15.81 -1.76 15.25
CA LYS B 89 14.65 -1.79 16.12
C LYS B 89 14.15 -3.23 16.27
N LEU B 90 14.38 -4.05 15.26
CA LEU B 90 13.91 -5.42 15.23
C LEU B 90 14.97 -6.28 14.56
N VAL B 91 15.32 -7.38 15.19
CA VAL B 91 16.27 -8.32 14.65
C VAL B 91 15.56 -9.65 14.57
N ILE B 92 15.53 -10.19 13.36
CA ILE B 92 14.79 -11.43 13.03
C ILE B 92 15.81 -12.56 12.83
N ILE B 93 15.78 -13.58 13.70
CA ILE B 93 16.75 -14.70 13.66
C ILE B 93 16.13 -15.92 12.95
N THR B 94 16.64 -16.23 11.75
CA THR B 94 16.17 -17.38 10.98
C THR B 94 17.30 -18.38 10.77
N ALA B 95 18.50 -18.10 11.26
CA ALA B 95 19.63 -19.00 11.08
C ALA B 95 19.45 -20.35 11.81
N GLY B 96 20.06 -21.38 11.22
CA GLY B 96 20.19 -22.68 11.83
C GLY B 96 19.73 -23.84 10.97
N ALA B 97 19.90 -25.00 11.54
CA ALA B 97 19.51 -26.22 10.93
C ALA B 97 18.01 -26.27 10.83
N ARG B 98 17.52 -26.93 9.78
CA ARG B 98 16.09 -27.12 9.55
C ARG B 98 15.74 -28.58 9.53
N GLN B 99 14.47 -28.90 9.79
CA GLN B 99 14.01 -30.29 9.89
C GLN B 99 13.84 -30.94 8.50
N GLN B 100 14.22 -32.21 8.43
CA GLN B 100 14.03 -33.08 7.29
C GLN B 100 12.68 -33.76 7.36
N GLU B 101 12.30 -34.44 6.28
CA GLU B 101 11.13 -35.32 6.33
C GLU B 101 11.29 -36.32 7.44
N GLY B 102 10.24 -36.50 8.22
CA GLY B 102 10.24 -37.47 9.33
C GLY B 102 11.03 -37.04 10.58
N GLU B 103 11.65 -35.87 10.54
CA GLU B 103 12.41 -35.31 11.70
C GLU B 103 11.63 -34.25 12.43
N SER B 104 11.53 -34.36 13.76
CA SER B 104 10.85 -33.35 14.57
C SER B 104 11.70 -32.09 14.65
N ARG B 105 11.05 -30.96 14.66
CA ARG B 105 11.72 -29.67 14.90
C ARG B 105 12.49 -29.70 16.21
N LEU B 106 11.96 -30.44 17.16
CA LEU B 106 12.60 -30.61 18.43
C LEU B 106 13.98 -31.31 18.30
N ASN B 107 14.23 -32.05 17.21
CA ASN B 107 15.55 -32.68 17.01
C ASN B 107 16.62 -31.68 16.62
N LEU B 108 16.19 -30.45 16.32
CA LEU B 108 17.12 -29.41 15.90
C LEU B 108 17.75 -28.69 17.07
N VAL B 109 17.30 -29.00 18.28
CA VAL B 109 17.58 -28.11 19.39
C VAL B 109 19.07 -27.99 19.69
N GLN B 110 19.81 -29.08 19.81
CA GLN B 110 21.22 -28.90 20.23
C GLN B 110 22.10 -28.15 19.21
N ARG B 111 21.89 -28.41 17.93
CA ARG B 111 22.54 -27.69 16.84
C ARG B 111 22.21 -26.19 16.85
N ASN B 112 20.95 -25.83 17.05
CA ASN B 112 20.60 -24.42 16.95
C ASN B 112 20.96 -23.65 18.23
N VAL B 113 20.92 -24.33 19.38
CA VAL B 113 21.41 -23.73 20.62
C VAL B 113 22.88 -23.35 20.45
N ASN B 114 23.68 -24.26 19.93
CA ASN B 114 25.08 -23.93 19.71
C ASN B 114 25.30 -22.72 18.81
N ILE B 115 24.52 -22.64 17.74
CA ILE B 115 24.56 -21.48 16.86
C ILE B 115 24.13 -20.18 17.60
N PHE B 116 23.11 -20.31 18.44
CA PHE B 116 22.55 -19.16 19.12
C PHE B 116 23.49 -18.55 20.12
N LYS B 117 24.30 -19.41 20.70
CA LYS B 117 25.31 -19.02 21.65
C LYS B 117 26.25 -18.02 21.04
N PHE B 118 26.43 -18.07 19.71
CA PHE B 118 27.21 -17.08 18.98
C PHE B 118 26.35 -15.89 18.48
N ILE B 119 25.22 -16.21 17.87
CA ILE B 119 24.41 -15.16 17.26
C ILE B 119 23.84 -14.14 18.29
N ILE B 120 23.21 -14.67 19.33
CA ILE B 120 22.50 -13.79 20.26
C ILE B 120 23.38 -12.69 20.91
N PRO B 121 24.52 -13.05 21.51
CA PRO B 121 25.38 -12.02 22.14
C PRO B 121 25.85 -10.99 21.10
N ASN B 122 26.08 -11.44 19.86
CA ASN B 122 26.53 -10.54 18.81
C ASN B 122 25.44 -9.60 18.26
N VAL B 123 24.22 -10.11 18.21
CA VAL B 123 23.05 -9.31 17.91
C VAL B 123 22.76 -8.22 18.96
N VAL B 124 22.62 -8.60 20.20
CA VAL B 124 22.14 -7.65 21.18
C VAL B 124 23.21 -6.58 21.42
N LYS B 125 24.47 -6.89 21.07
CA LYS B 125 25.61 -6.00 21.32
C LYS B 125 25.43 -4.58 20.71
N TYR B 126 24.81 -4.51 19.54
CA TYR B 126 24.81 -3.31 18.74
C TYR B 126 23.49 -2.58 18.63
N SER B 127 22.43 -3.13 19.24
CA SER B 127 21.08 -2.62 19.12
C SER B 127 20.37 -2.58 20.49
N PRO B 128 20.65 -1.55 21.31
CA PRO B 128 20.04 -1.50 22.65
C PRO B 128 18.48 -1.41 22.63
N GLN B 129 17.90 -0.93 21.55
CA GLN B 129 16.45 -0.82 21.38
C GLN B 129 15.79 -1.97 20.64
N CYS B 130 16.52 -3.06 20.34
CA CYS B 130 15.93 -4.03 19.48
C CYS B 130 14.96 -4.92 20.26
N LYS B 131 13.95 -5.37 19.54
CA LYS B 131 13.24 -6.60 19.84
C LYS B 131 13.90 -7.76 19.06
N LEU B 132 13.92 -8.93 19.68
CA LEU B 132 14.44 -10.14 19.09
C LEU B 132 13.23 -10.98 18.70
N LEU B 133 13.09 -11.23 17.40
CA LEU B 133 12.04 -12.12 16.91
C LEU B 133 12.69 -13.36 16.40
N ILE B 134 12.43 -14.47 17.08
CA ILE B 134 13.02 -15.77 16.72
C ILE B 134 12.12 -16.55 15.75
N VAL B 135 12.69 -17.03 14.67
CA VAL B 135 11.97 -17.80 13.66
C VAL B 135 12.54 -19.22 13.52
N SER B 136 13.84 -19.38 13.73
CA SER B 136 14.50 -20.68 13.73
C SER B 136 13.79 -21.68 14.65
N ASN B 137 13.93 -22.96 14.36
CA ASN B 137 13.19 -23.99 15.10
C ASN B 137 14.10 -24.89 15.90
N PRO B 138 13.59 -25.46 17.02
CA PRO B 138 12.24 -25.42 17.54
C PRO B 138 11.94 -24.03 18.13
N VAL B 139 11.01 -23.29 17.52
CA VAL B 139 10.88 -21.87 17.77
C VAL B 139 10.57 -21.51 19.21
N ASP B 140 9.70 -22.27 19.87
CA ASP B 140 9.38 -21.99 21.29
C ASP B 140 10.58 -22.17 22.22
N ILE B 141 11.28 -23.28 22.05
CA ILE B 141 12.51 -23.56 22.84
C ILE B 141 13.59 -22.52 22.54
N LEU B 142 13.75 -22.19 21.25
CA LEU B 142 14.78 -21.20 20.88
C LEU B 142 14.46 -19.78 21.27
N THR B 143 13.19 -19.47 21.54
CA THR B 143 12.83 -18.16 22.08
C THR B 143 13.24 -18.10 23.54
N TYR B 144 12.99 -19.19 24.27
CA TYR B 144 13.48 -19.35 25.66
C TYR B 144 15.03 -19.21 25.73
N VAL B 145 15.70 -19.90 24.82
CA VAL B 145 17.16 -19.86 24.68
C VAL B 145 17.65 -18.45 24.41
N ALA B 146 17.06 -17.76 23.42
CA ALA B 146 17.38 -16.37 23.15
C ALA B 146 17.19 -15.46 24.38
N TRP B 147 16.11 -15.70 25.10
CA TRP B 147 15.82 -14.95 26.31
C TRP B 147 16.86 -15.19 27.36
N LYS B 148 17.21 -16.44 27.58
CA LYS B 148 18.22 -16.76 28.58
C LYS B 148 19.61 -16.24 28.19
N ILE B 149 20.01 -16.44 26.94
CA ILE B 149 21.36 -15.98 26.50
C ILE B 149 21.46 -14.44 26.48
N SER B 150 20.44 -13.79 25.89
CA SER B 150 20.43 -12.33 25.82
C SER B 150 20.31 -11.61 27.17
N GLY B 151 19.62 -12.20 28.13
CA GLY B 151 19.32 -11.51 29.40
C GLY B 151 18.32 -10.37 29.21
N PHE B 152 17.65 -10.34 28.05
CA PHE B 152 16.60 -9.35 27.77
C PHE B 152 15.36 -9.61 28.64
N PRO B 153 14.52 -8.59 28.83
CA PRO B 153 13.30 -8.84 29.56
C PRO B 153 12.33 -9.59 28.63
N LYS B 154 11.39 -10.33 29.17
CA LYS B 154 10.55 -11.18 28.35
C LYS B 154 9.75 -10.51 27.23
N ASN B 155 9.31 -9.27 27.46
CA ASN B 155 8.57 -8.54 26.44
C ASN B 155 9.37 -8.32 25.17
N ARG B 156 10.69 -8.33 25.28
CA ARG B 156 11.49 -8.09 24.09
C ARG B 156 11.90 -9.32 23.31
N VAL B 157 11.55 -10.51 23.80
CA VAL B 157 12.01 -11.73 23.14
C VAL B 157 10.79 -12.48 22.67
N ILE B 158 10.61 -12.52 21.35
CA ILE B 158 9.38 -13.02 20.75
C ILE B 158 9.68 -14.17 19.82
N GLY B 159 8.83 -15.20 19.85
CA GLY B 159 8.94 -16.26 18.90
C GLY B 159 7.83 -16.19 17.87
N SER B 160 8.18 -16.43 16.61
CA SER B 160 7.14 -16.40 15.52
C SER B 160 6.04 -17.42 15.82
N GLY B 161 6.38 -18.45 16.58
CA GLY B 161 5.38 -19.32 17.20
C GLY B 161 4.31 -19.81 16.23
N CYS B 162 3.05 -19.70 16.66
CA CYS B 162 1.88 -20.21 15.92
C CYS B 162 1.16 -19.17 15.05
N ASN B 163 1.80 -18.03 14.83
CA ASN B 163 1.23 -17.05 13.93
C ASN B 163 0.96 -17.71 12.56
N LEU B 164 1.92 -18.48 12.01
CA LEU B 164 1.70 -19.24 10.76
C LEU B 164 0.65 -20.39 10.90
N ASP B 165 0.73 -21.16 11.96
CA ASP B 165 -0.22 -22.26 12.19
C ASP B 165 -1.66 -21.73 12.21
N SER B 166 -1.89 -20.59 12.89
CA SER B 166 -3.21 -20.00 12.91
C SER B 166 -3.65 -19.44 11.55
N ALA B 167 -2.69 -18.83 10.82
CA ALA B 167 -2.94 -18.36 9.45
C ALA B 167 -3.33 -19.52 8.56
N ARG B 168 -2.63 -20.64 8.71
CA ARG B 168 -2.95 -21.87 7.96
C ARG B 168 -4.34 -22.36 8.37
N PHE B 169 -4.60 -22.39 9.68
CA PHE B 169 -5.91 -22.85 10.20
C PHE B 169 -7.02 -22.01 9.60
N ARG B 170 -6.79 -20.71 9.55
CA ARG B 170 -7.80 -19.79 9.08
C ARG B 170 -7.98 -19.89 7.57
N TYR B 171 -6.89 -20.11 6.85
CA TYR B 171 -6.97 -20.40 5.40
C TYR B 171 -7.82 -21.67 5.08
N LEU B 172 -7.51 -22.78 5.77
CA LEU B 172 -8.21 -24.05 5.56
C LEU B 172 -9.69 -23.95 5.94
N MET B 173 -9.98 -23.23 7.03
CA MET B 173 -11.36 -22.96 7.44
C MET B 173 -12.13 -22.14 6.40
N GLY B 174 -11.44 -21.11 5.90
CA GLY B 174 -11.95 -20.28 4.84
C GLY B 174 -12.38 -21.04 3.62
N GLU B 175 -11.55 -21.98 3.23
CA GLU B 175 -11.78 -22.86 2.10
C GLU B 175 -12.99 -23.74 2.30
N ARG B 176 -13.15 -24.28 3.51
CA ARG B 176 -14.35 -25.08 3.79
C ARG B 176 -15.63 -24.26 3.78
N LEU B 177 -15.57 -23.02 4.25
CA LEU B 177 -16.80 -22.24 4.41
C LEU B 177 -17.05 -21.32 3.26
N GLY B 178 -16.10 -21.21 2.33
CA GLY B 178 -16.17 -20.20 1.28
C GLY B 178 -16.13 -18.76 1.79
N VAL B 179 -15.32 -18.50 2.81
CA VAL B 179 -15.18 -17.16 3.39
C VAL B 179 -13.70 -16.77 3.39
N HIS B 180 -13.36 -15.53 3.06
CA HIS B 180 -11.95 -15.09 3.17
C HIS B 180 -11.39 -15.36 4.56
N PRO B 181 -10.11 -15.80 4.67
CA PRO B 181 -9.51 -16.09 5.99
C PRO B 181 -9.55 -14.98 7.04
N LEU B 182 -9.44 -13.74 6.60
CA LEU B 182 -9.66 -12.56 7.40
C LEU B 182 -10.99 -12.60 8.17
N SER B 183 -12.02 -13.20 7.59
CA SER B 183 -13.29 -13.29 8.27
C SER B 183 -13.50 -14.66 8.92
N CYS B 184 -12.47 -15.51 8.96
CA CYS B 184 -12.56 -16.79 9.68
C CYS B 184 -11.65 -16.74 10.91
N HIS B 185 -12.18 -16.91 12.11
CA HIS B 185 -11.37 -16.70 13.34
C HIS B 185 -11.15 -17.97 14.08
N GLY B 186 -9.94 -18.16 14.61
CA GLY B 186 -9.57 -19.44 15.19
C GLY B 186 -8.10 -19.42 15.56
N TRP B 187 -7.78 -20.01 16.70
CA TRP B 187 -6.44 -19.99 17.29
C TRP B 187 -5.90 -21.37 17.43
N VAL B 188 -4.67 -21.56 16.94
CA VAL B 188 -3.85 -22.73 17.21
C VAL B 188 -2.76 -22.23 18.15
N LEU B 189 -2.71 -22.82 19.36
CA LEU B 189 -1.81 -22.36 20.39
C LEU B 189 -0.85 -23.46 20.78
N GLY B 190 0.09 -23.13 21.65
CA GLY B 190 1.02 -24.10 22.15
C GLY B 190 2.27 -24.18 21.30
N GLU B 191 2.80 -25.40 21.15
CA GLU B 191 4.01 -25.60 20.36
C GLU B 191 3.75 -25.31 18.88
N HIS B 192 4.66 -24.60 18.24
CA HIS B 192 4.73 -24.60 16.79
C HIS B 192 5.31 -25.92 16.35
N GLY B 193 4.43 -26.91 16.26
CA GLY B 193 4.83 -28.25 15.93
C GLY B 193 3.76 -29.27 16.29
N ASP B 194 4.19 -30.48 16.60
CA ASP B 194 3.26 -31.61 16.71
C ASP B 194 2.24 -31.49 17.79
N SER B 195 2.55 -30.81 18.89
CA SER B 195 1.66 -30.75 20.06
C SER B 195 0.79 -29.48 20.14
N SER B 196 0.72 -28.72 19.05
CA SER B 196 -0.12 -27.54 19.00
C SER B 196 -1.59 -27.89 19.32
N VAL B 197 -2.34 -26.90 19.73
CA VAL B 197 -3.72 -27.07 20.22
C VAL B 197 -4.71 -26.19 19.46
N PRO B 198 -5.64 -26.80 18.74
CA PRO B 198 -6.65 -25.97 18.11
C PRO B 198 -7.66 -25.59 19.19
N VAL B 199 -7.99 -24.31 19.34
CA VAL B 199 -8.93 -23.88 20.36
C VAL B 199 -10.32 -23.80 19.74
N TRP B 200 -10.96 -24.96 19.61
CA TRP B 200 -12.28 -25.06 18.99
C TRP B 200 -13.29 -24.11 19.57
N SER B 201 -13.15 -23.80 20.87
CA SER B 201 -14.19 -23.04 21.59
C SER B 201 -14.25 -21.60 21.09
N GLY B 202 -13.13 -21.12 20.53
CA GLY B 202 -13.04 -19.81 20.01
C GLY B 202 -13.21 -19.67 18.51
N VAL B 203 -13.42 -20.77 17.79
CA VAL B 203 -13.44 -20.75 16.31
C VAL B 203 -14.79 -20.16 15.91
N ASN B 204 -14.81 -19.09 15.10
CA ASN B 204 -16.06 -18.38 14.79
C ASN B 204 -16.02 -17.59 13.48
N VAL B 205 -17.20 -17.37 12.93
CA VAL B 205 -17.41 -16.43 11.84
C VAL B 205 -18.45 -15.41 12.31
N ALA B 206 -18.14 -14.12 12.16
CA ALA B 206 -19.00 -13.06 12.62
C ALA B 206 -19.43 -13.20 14.13
N GLY B 207 -18.53 -13.70 14.99
CA GLY B 207 -18.90 -13.94 16.40
C GLY B 207 -19.73 -15.19 16.71
N VAL B 208 -20.13 -15.92 15.68
CA VAL B 208 -20.86 -17.18 15.81
C VAL B 208 -19.92 -18.34 16.10
N SER B 209 -20.01 -18.91 17.29
CA SER B 209 -19.16 -20.03 17.67
C SER B 209 -19.55 -21.28 16.87
N LEU B 210 -18.62 -21.83 16.10
CA LEU B 210 -18.89 -23.05 15.32
C LEU B 210 -19.14 -24.20 16.28
N LYS B 211 -18.49 -24.19 17.45
CA LYS B 211 -18.69 -25.22 18.50
C LYS B 211 -20.13 -25.15 19.08
N SER B 212 -20.64 -23.92 19.23
CA SER B 212 -22.03 -23.71 19.69
C SER B 212 -23.04 -24.37 18.76
N LEU B 213 -22.72 -24.41 17.47
CA LEU B 213 -23.58 -25.02 16.44
C LEU B 213 -23.39 -26.54 16.31
N ASN B 214 -22.17 -27.00 16.54
CA ASN B 214 -21.90 -28.41 16.67
C ASN B 214 -20.91 -28.65 17.80
N PRO B 215 -21.41 -29.03 18.99
CA PRO B 215 -20.49 -29.21 20.11
C PRO B 215 -19.49 -30.35 19.94
N GLN B 216 -19.69 -31.20 18.93
CA GLN B 216 -18.73 -32.26 18.60
C GLN B 216 -17.64 -31.81 17.60
N LEU B 217 -17.62 -30.52 17.27
CA LEU B 217 -16.57 -29.92 16.46
C LEU B 217 -15.20 -30.30 16.98
N GLY B 218 -14.41 -30.85 16.07
CA GLY B 218 -13.03 -31.16 16.33
C GLY B 218 -12.80 -32.42 17.13
N THR B 219 -13.86 -33.20 17.40
CA THR B 219 -13.71 -34.48 18.11
C THR B 219 -13.84 -35.60 17.12
N ASP B 220 -13.62 -36.81 17.58
CA ASP B 220 -13.63 -37.95 16.65
C ASP B 220 -15.05 -38.21 16.14
N ALA B 221 -16.04 -37.83 16.96
CA ALA B 221 -17.47 -37.87 16.62
C ALA B 221 -17.91 -36.85 15.58
N ASP B 222 -17.07 -35.87 15.30
CA ASP B 222 -17.45 -34.83 14.37
C ASP B 222 -17.68 -35.45 13.00
N LYS B 223 -18.92 -35.39 12.52
CA LYS B 223 -19.30 -35.94 11.22
C LYS B 223 -18.56 -35.31 10.05
N GLU B 224 -18.14 -34.06 10.21
CA GLU B 224 -17.37 -33.37 9.17
C GLU B 224 -15.85 -33.41 9.39
N GLN B 225 -15.44 -34.10 10.45
CA GLN B 225 -14.02 -34.35 10.75
C GLN B 225 -13.14 -33.08 10.71
N TRP B 226 -13.60 -32.07 11.44
CA TRP B 226 -12.85 -30.82 11.52
C TRP B 226 -11.51 -30.95 12.16
N LYS B 227 -11.30 -32.01 12.93
CA LYS B 227 -9.97 -32.26 13.49
C LYS B 227 -8.90 -32.40 12.38
N ASP B 228 -9.33 -32.84 11.20
N ASP B 228 -9.32 -32.83 11.20
CA ASP B 228 -8.43 -33.03 10.07
CA ASP B 228 -8.38 -33.02 10.09
C ASP B 228 -7.82 -31.69 9.63
C ASP B 228 -7.82 -31.68 9.62
N VAL B 229 -8.55 -30.59 9.88
CA VAL B 229 -8.06 -29.23 9.56
C VAL B 229 -6.85 -28.97 10.48
N HIS B 230 -6.96 -29.37 11.75
CA HIS B 230 -5.83 -29.21 12.67
C HIS B 230 -4.71 -30.13 12.31
N LYS B 231 -5.03 -31.35 11.90
CA LYS B 231 -4.02 -32.28 11.41
C LYS B 231 -3.24 -31.71 10.17
N GLN B 232 -3.98 -31.15 9.22
CA GLN B 232 -3.38 -30.50 8.09
C GLN B 232 -2.46 -29.37 8.52
N VAL B 233 -2.87 -28.65 9.57
CA VAL B 233 -2.03 -27.58 10.10
C VAL B 233 -0.70 -28.13 10.63
N VAL B 234 -0.77 -29.16 11.45
CA VAL B 234 0.42 -29.80 12.03
C VAL B 234 1.34 -30.36 10.95
N ASP B 235 0.76 -30.96 9.90
CA ASP B 235 1.52 -31.61 8.83
C ASP B 235 1.97 -30.65 7.70
N SER B 236 1.48 -29.41 7.71
N SER B 236 1.47 -29.42 7.70
CA SER B 236 1.70 -28.48 6.62
CA SER B 236 1.73 -28.49 6.60
C SER B 236 3.18 -28.34 6.26
C SER B 236 3.20 -28.36 6.26
N ALA B 237 4.03 -28.00 7.24
CA ALA B 237 5.47 -27.77 6.93
C ALA B 237 6.08 -29.01 6.29
N TYR B 238 5.69 -30.19 6.78
CA TYR B 238 6.23 -31.44 6.26
C TYR B 238 5.73 -31.76 4.86
N GLU B 239 4.47 -31.43 4.58
N GLU B 239 4.47 -31.44 4.57
CA GLU B 239 3.88 -31.67 3.27
CA GLU B 239 3.91 -31.70 3.24
C GLU B 239 4.57 -30.79 2.23
C GLU B 239 4.60 -30.80 2.21
N VAL B 240 4.80 -29.53 2.58
CA VAL B 240 5.44 -28.56 1.66
C VAL B 240 6.91 -28.92 1.48
N ILE B 241 7.57 -29.30 2.57
CA ILE B 241 8.97 -29.81 2.49
C ILE B 241 9.06 -30.99 1.53
N LYS B 242 8.16 -31.96 1.68
CA LYS B 242 8.10 -33.11 0.80
C LYS B 242 7.92 -32.72 -0.68
N LEU B 243 7.13 -31.68 -0.96
CA LEU B 243 6.84 -31.25 -2.37
C LEU B 243 7.90 -30.35 -3.01
N LYS B 244 8.34 -29.28 -2.33
CA LYS B 244 9.31 -28.35 -2.92
C LYS B 244 10.64 -28.27 -2.15
N GLY B 245 10.79 -29.02 -1.06
CA GLY B 245 12.10 -29.12 -0.44
C GLY B 245 12.29 -28.32 0.84
N TYR B 246 11.38 -27.39 1.10
CA TYR B 246 11.51 -26.46 2.18
C TYR B 246 10.23 -25.60 2.18
N THR B 247 10.01 -24.82 3.22
CA THR B 247 8.96 -23.82 3.18
C THR B 247 9.58 -22.45 3.28
N SER B 248 8.93 -21.46 2.69
CA SER B 248 9.53 -20.13 2.70
C SER B 248 8.50 -19.02 2.66
N TRP B 249 7.62 -19.05 1.68
CA TRP B 249 6.72 -17.92 1.44
C TRP B 249 5.78 -17.61 2.59
N ALA B 250 5.11 -18.61 3.12
CA ALA B 250 4.14 -18.42 4.20
C ALA B 250 4.76 -17.91 5.49
N ILE B 251 5.89 -18.50 5.88
CA ILE B 251 6.56 -18.05 7.09
C ILE B 251 7.08 -16.62 6.89
N GLY B 252 7.56 -16.29 5.67
CA GLY B 252 7.99 -14.95 5.35
C GLY B 252 6.90 -13.91 5.58
N LEU B 253 5.73 -14.21 5.07
CA LEU B 253 4.56 -13.35 5.24
C LEU B 253 4.13 -13.32 6.71
N SER B 254 4.18 -14.45 7.39
CA SER B 254 3.81 -14.44 8.81
C SER B 254 4.75 -13.57 9.62
N VAL B 255 6.04 -13.67 9.36
CA VAL B 255 7.05 -12.85 10.07
C VAL B 255 6.89 -11.37 9.75
N ALA B 256 6.62 -11.08 8.47
CA ALA B 256 6.34 -9.70 8.03
C ALA B 256 5.15 -9.09 8.77
N ASP B 257 4.13 -9.91 9.02
CA ASP B 257 2.88 -9.51 9.73
C ASP B 257 3.24 -9.11 11.19
N LEU B 258 4.10 -9.90 11.82
CA LEU B 258 4.61 -9.61 13.18
C LEU B 258 5.50 -8.38 13.18
N ALA B 259 6.39 -8.26 12.21
CA ALA B 259 7.20 -7.04 12.05
C ALA B 259 6.37 -5.78 11.93
N GLU B 260 5.32 -5.86 11.13
CA GLU B 260 4.38 -4.75 10.98
C GLU B 260 3.76 -4.30 12.32
N SER B 261 3.30 -5.25 13.14
CA SER B 261 2.76 -4.91 14.44
C SER B 261 3.77 -4.25 15.37
N ILE B 262 5.01 -4.71 15.30
CA ILE B 262 6.07 -4.18 16.13
C ILE B 262 6.46 -2.81 15.63
N MET B 263 6.78 -2.74 14.33
CA MET B 263 7.35 -1.52 13.79
C MET B 263 6.33 -0.38 13.79
N LYS B 264 5.05 -0.71 13.72
CA LYS B 264 4.02 0.33 13.58
C LYS B 264 3.23 0.49 14.86
N ASN B 265 3.74 -0.11 15.94
CA ASN B 265 3.09 -0.13 17.26
C ASN B 265 1.61 -0.42 17.24
N LEU B 266 1.18 -1.43 16.49
CA LEU B 266 -0.23 -1.60 16.21
C LEU B 266 -1.03 -2.17 17.38
N ARG B 267 -0.40 -2.96 18.22
CA ARG B 267 -1.08 -3.64 19.36
C ARG B 267 -2.22 -4.53 18.89
N ARG B 268 -1.93 -5.27 17.82
CA ARG B 268 -2.75 -6.37 17.38
C ARG B 268 -2.39 -7.59 18.19
N VAL B 269 -3.33 -8.55 18.22
CA VAL B 269 -3.14 -9.78 18.91
C VAL B 269 -2.71 -10.90 17.97
N HIS B 270 -1.62 -11.60 18.35
CA HIS B 270 -1.01 -12.69 17.57
C HIS B 270 -0.70 -13.85 18.47
N PRO B 271 -0.85 -15.09 18.00
CA PRO B 271 -0.49 -16.26 18.77
C PRO B 271 1.02 -16.54 18.55
N ILE B 272 1.84 -16.06 19.49
CA ILE B 272 3.30 -16.05 19.36
C ILE B 272 3.96 -16.53 20.67
N SER B 273 5.22 -16.93 20.57
CA SER B 273 5.88 -17.61 21.66
C SER B 273 6.26 -16.65 22.77
N THR B 274 5.75 -16.91 23.97
CA THR B 274 6.12 -16.07 25.11
C THR B 274 6.20 -16.91 26.39
N MET B 275 6.64 -16.30 27.48
CA MET B 275 6.72 -17.07 28.71
C MET B 275 5.33 -17.19 29.29
N ILE B 276 4.95 -18.36 29.76
CA ILE B 276 3.60 -18.48 30.27
C ILE B 276 3.52 -19.02 31.68
N LYS B 277 4.65 -18.97 32.40
CA LYS B 277 4.70 -19.24 33.86
C LYS B 277 3.59 -18.48 34.51
N GLY B 278 2.73 -19.15 35.26
CA GLY B 278 1.64 -18.46 35.93
C GLY B 278 0.29 -18.62 35.29
N LEU B 279 0.20 -19.27 34.13
CA LEU B 279 -1.08 -19.54 33.49
C LEU B 279 -1.34 -21.03 33.33
N TYR B 280 -2.63 -21.39 33.29
CA TYR B 280 -3.10 -22.77 33.03
C TYR B 280 -2.41 -23.82 33.91
N GLY B 281 -2.12 -23.43 35.14
CA GLY B 281 -1.37 -24.29 36.07
C GLY B 281 0.09 -24.56 35.72
N ILE B 282 0.65 -23.80 34.79
CA ILE B 282 2.05 -23.99 34.41
C ILE B 282 2.90 -23.22 35.42
N LYS B 283 3.81 -23.92 36.10
CA LYS B 283 4.62 -23.29 37.15
C LYS B 283 6.08 -23.10 36.75
N GLU B 284 6.49 -23.54 35.57
N GLU B 284 6.42 -23.49 35.52
CA GLU B 284 7.88 -23.35 35.11
CA GLU B 284 7.78 -23.48 34.96
C GLU B 284 7.97 -22.30 34.00
C GLU B 284 7.95 -22.34 33.95
N ASP B 285 9.19 -21.92 33.68
CA ASP B 285 9.49 -20.91 32.66
C ASP B 285 9.32 -21.39 31.21
N VAL B 286 8.18 -21.97 30.87
CA VAL B 286 7.95 -22.44 29.49
C VAL B 286 7.60 -21.32 28.52
N PHE B 287 8.17 -21.35 27.31
CA PHE B 287 7.74 -20.50 26.22
C PHE B 287 6.84 -21.31 25.26
N LEU B 288 5.67 -20.80 24.96
CA LEU B 288 4.80 -21.36 23.93
C LEU B 288 3.81 -20.29 23.46
N SER B 289 3.08 -20.58 22.38
CA SER B 289 2.18 -19.59 21.79
C SER B 289 0.86 -19.47 22.55
N VAL B 290 0.57 -18.23 22.97
CA VAL B 290 -0.73 -17.75 23.46
C VAL B 290 -1.00 -16.42 22.74
N PRO B 291 -2.26 -15.94 22.76
CA PRO B 291 -2.51 -14.65 22.13
C PRO B 291 -1.93 -13.46 22.93
N CYS B 292 -1.02 -12.74 22.27
CA CYS B 292 -0.28 -11.64 22.86
C CYS B 292 -0.53 -10.36 22.07
N ILE B 293 -0.58 -9.24 22.80
CA ILE B 293 -0.70 -7.92 22.19
C ILE B 293 0.72 -7.45 21.83
N LEU B 294 0.93 -7.13 20.56
CA LEU B 294 2.27 -6.89 20.01
C LEU B 294 2.43 -5.43 19.52
N GLY B 295 3.46 -4.75 19.98
CA GLY B 295 3.71 -3.37 19.62
C GLY B 295 5.18 -2.97 19.65
N GLN B 296 5.45 -1.68 19.78
CA GLN B 296 6.80 -1.18 19.69
C GLN B 296 7.69 -1.68 20.82
N ASN B 297 7.13 -2.16 21.93
CA ASN B 297 7.99 -2.67 23.00
C ASN B 297 7.90 -4.20 23.06
N GLY B 298 7.45 -4.81 21.96
CA GLY B 298 7.29 -6.25 21.89
C GLY B 298 5.97 -6.69 22.49
N ILE B 299 5.98 -7.76 23.24
CA ILE B 299 4.78 -8.23 23.92
C ILE B 299 4.55 -7.56 25.28
N SER B 300 3.58 -6.63 25.35
CA SER B 300 3.33 -5.85 26.58
C SER B 300 2.25 -6.42 27.45
N ASP B 301 1.47 -7.32 26.86
CA ASP B 301 0.26 -7.84 27.42
C ASP B 301 -0.06 -9.22 26.86
N VAL B 302 -0.60 -10.10 27.69
CA VAL B 302 -1.05 -11.40 27.24
C VAL B 302 -2.55 -11.58 27.44
N VAL B 303 -3.21 -12.12 26.43
CA VAL B 303 -4.62 -12.39 26.54
C VAL B 303 -4.75 -13.74 27.25
N LYS B 304 -5.59 -13.78 28.27
CA LYS B 304 -5.94 -15.01 28.97
C LYS B 304 -7.13 -15.71 28.30
N VAL B 305 -6.84 -16.57 27.33
CA VAL B 305 -7.87 -17.30 26.61
C VAL B 305 -8.50 -18.30 27.54
N THR B 306 -9.82 -18.26 27.57
CA THR B 306 -10.58 -19.21 28.37
C THR B 306 -10.62 -20.51 27.55
N LEU B 307 -10.26 -21.61 28.21
CA LEU B 307 -10.10 -22.91 27.55
C LEU B 307 -11.00 -23.90 28.24
N THR B 308 -11.60 -24.80 27.49
CA THR B 308 -12.33 -25.91 28.10
C THR B 308 -11.32 -26.79 28.84
N PRO B 309 -11.81 -27.67 29.73
CA PRO B 309 -10.89 -28.57 30.40
C PRO B 309 -10.03 -29.41 29.44
N ASP B 310 -10.60 -29.86 28.32
CA ASP B 310 -9.84 -30.61 27.33
C ASP B 310 -8.77 -29.75 26.62
N GLU B 311 -9.13 -28.54 26.21
CA GLU B 311 -8.20 -27.66 25.57
C GLU B 311 -7.08 -27.33 26.55
N GLU B 312 -7.42 -27.10 27.81
CA GLU B 312 -6.44 -26.75 28.81
C GLU B 312 -5.48 -27.89 29.07
N ALA B 313 -6.01 -29.10 29.13
CA ALA B 313 -5.20 -30.30 29.21
C ALA B 313 -4.25 -30.40 28.01
N ARG B 314 -4.74 -30.09 26.81
CA ARG B 314 -3.89 -30.23 25.60
C ARG B 314 -2.78 -29.19 25.60
N LEU B 315 -3.09 -28.02 26.14
CA LEU B 315 -2.09 -26.96 26.28
C LEU B 315 -1.04 -27.26 27.33
N LYS B 316 -1.45 -27.81 28.47
CA LYS B 316 -0.51 -28.23 29.52
C LYS B 316 0.39 -29.35 28.98
N LYS B 317 -0.21 -30.31 28.25
CA LYS B 317 0.53 -31.35 27.55
C LYS B 317 1.63 -30.76 26.64
N SER B 318 1.26 -29.78 25.81
CA SER B 318 2.26 -29.11 24.96
C SER B 318 3.35 -28.44 25.83
N ALA B 319 2.91 -27.81 26.92
CA ALA B 319 3.80 -27.15 27.84
C ALA B 319 4.78 -28.15 28.51
N ASP B 320 4.28 -29.32 28.92
CA ASP B 320 5.16 -30.39 29.48
C ASP B 320 6.21 -30.90 28.48
N THR B 321 5.78 -31.08 27.25
CA THR B 321 6.66 -31.47 26.18
C THR B 321 7.82 -30.49 26.01
N LEU B 322 7.46 -29.21 25.93
CA LEU B 322 8.43 -28.17 25.68
C LEU B 322 9.34 -28.02 26.91
N TRP B 323 8.78 -28.06 28.11
CA TRP B 323 9.60 -28.02 29.36
C TRP B 323 10.60 -29.16 29.44
N GLY B 324 10.15 -30.35 29.05
CA GLY B 324 11.00 -31.53 28.98
C GLY B 324 12.22 -31.30 28.10
N ILE B 325 12.06 -30.61 26.96
CA ILE B 325 13.22 -30.29 26.09
C ILE B 325 14.04 -29.14 26.69
N GLN B 326 13.39 -28.17 27.31
CA GLN B 326 14.12 -27.13 28.04
C GLN B 326 15.09 -27.69 29.09
N LYS B 327 14.69 -28.77 29.73
CA LYS B 327 15.52 -29.42 30.74
C LYS B 327 16.74 -30.11 30.16
N GLU B 328 16.78 -30.29 28.84
CA GLU B 328 17.93 -30.85 28.13
C GLU B 328 18.95 -29.78 27.71
N LEU B 329 18.58 -28.53 27.90
CA LEU B 329 19.39 -27.43 27.37
C LEU B 329 20.65 -27.31 28.16
N GLN B 330 21.73 -27.11 27.43
CA GLN B 330 23.04 -27.02 28.02
C GLN B 330 23.68 -25.65 27.72
N PHE B 331 23.54 -24.70 28.65
CA PHE B 331 24.19 -23.37 28.55
C PHE B 331 25.61 -23.42 29.08
N ALA C 2 2.46 18.32 -34.79
CA ALA C 2 2.20 18.31 -33.33
C ALA C 2 3.49 17.79 -32.67
N LEU C 3 3.79 18.33 -31.50
CA LEU C 3 4.96 17.91 -30.75
C LEU C 3 4.75 16.43 -30.38
N LYS C 4 3.53 16.11 -29.96
CA LYS C 4 3.17 14.75 -29.55
C LYS C 4 3.62 13.72 -30.60
N ASP C 5 3.30 13.97 -31.86
CA ASP C 5 3.65 13.03 -32.90
C ASP C 5 5.16 12.96 -33.19
N GLN C 6 5.89 14.06 -32.94
CA GLN C 6 7.37 14.00 -33.03
C GLN C 6 7.92 13.20 -31.90
N LEU C 7 7.31 13.33 -30.74
CA LEU C 7 7.80 12.65 -29.53
C LEU C 7 7.46 11.16 -29.57
N ILE C 8 6.25 10.87 -30.03
CA ILE C 8 5.63 9.56 -29.85
C ILE C 8 5.07 9.00 -31.15
N VAL C 9 5.43 7.76 -31.49
CA VAL C 9 4.75 7.04 -32.59
C VAL C 9 3.61 6.19 -32.06
N ASN C 10 2.39 6.46 -32.53
CA ASN C 10 1.22 5.72 -32.11
C ASN C 10 1.20 4.43 -32.89
N LEU C 11 1.10 3.29 -32.21
CA LEU C 11 1.13 2.02 -32.91
C LEU C 11 -0.20 1.31 -32.88
N LEU C 12 -1.16 1.85 -32.14
CA LEU C 12 -2.41 1.18 -31.85
C LEU C 12 -3.57 2.18 -31.83
N LYS C 13 -4.68 1.86 -32.48
CA LYS C 13 -5.90 2.67 -32.44
C LYS C 13 -6.45 2.66 -31.03
N GLU C 14 -6.80 3.84 -30.52
CA GLU C 14 -7.13 4.02 -29.09
C GLU C 14 -8.62 3.79 -28.71
N GLU C 15 -9.05 2.53 -28.67
CA GLU C 15 -10.41 2.13 -28.22
C GLU C 15 -10.46 1.88 -26.70
N GLN C 16 -10.27 2.92 -25.88
CA GLN C 16 -10.20 2.75 -24.41
C GLN C 16 -11.56 2.35 -23.78
N VAL C 17 -11.55 1.28 -22.99
CA VAL C 17 -12.71 0.87 -22.22
C VAL C 17 -12.17 0.48 -20.85
N PRO C 18 -12.66 1.13 -19.80
CA PRO C 18 -12.03 0.94 -18.51
C PRO C 18 -12.46 -0.42 -17.99
N GLN C 19 -11.62 -1.04 -17.18
CA GLN C 19 -11.88 -2.40 -16.67
C GLN C 19 -12.30 -2.41 -15.20
N ASN C 20 -11.89 -1.41 -14.45
CA ASN C 20 -12.25 -1.35 -13.02
C ASN C 20 -12.76 0.03 -12.66
N LYS C 21 -13.75 0.52 -13.44
CA LYS C 21 -14.31 1.82 -13.21
C LYS C 21 -15.28 1.89 -12.01
N ILE C 22 -15.11 2.95 -11.24
CA ILE C 22 -15.97 3.26 -10.11
C ILE C 22 -16.60 4.62 -10.41
N THR C 23 -17.89 4.75 -10.11
CA THR C 23 -18.55 6.06 -10.13
C THR C 23 -18.99 6.42 -8.74
N VAL C 24 -18.81 7.69 -8.36
CA VAL C 24 -19.38 8.24 -7.13
C VAL C 24 -20.39 9.30 -7.52
N VAL C 25 -21.65 9.05 -7.17
CA VAL C 25 -22.76 9.98 -7.34
C VAL C 25 -22.88 10.77 -6.04
N GLY C 26 -22.81 12.09 -6.23
CA GLY C 26 -22.74 13.07 -5.13
C GLY C 26 -21.34 13.47 -4.81
N VAL C 27 -21.04 14.77 -4.91
CA VAL C 27 -19.72 15.28 -4.48
C VAL C 27 -19.86 16.18 -3.26
N GLY C 28 -20.81 15.87 -2.37
CA GLY C 28 -20.81 16.48 -1.02
C GLY C 28 -19.66 15.88 -0.23
N ALA C 29 -19.59 16.16 1.07
CA ALA C 29 -18.46 15.74 1.91
C ALA C 29 -18.36 14.22 1.97
N VAL C 30 -19.49 13.53 2.01
CA VAL C 30 -19.46 12.06 1.97
C VAL C 30 -18.90 11.52 0.66
N GLY C 31 -19.43 11.98 -0.46
CA GLY C 31 -18.99 11.49 -1.76
C GLY C 31 -17.52 11.73 -2.01
N MET C 32 -17.02 12.92 -1.64
CA MET C 32 -15.60 13.25 -1.89
C MET C 32 -14.65 12.47 -0.96
N ALA C 33 -15.10 12.17 0.24
CA ALA C 33 -14.38 11.28 1.16
C ALA C 33 -14.35 9.84 0.61
N CYS C 34 -15.46 9.40 0.01
CA CYS C 34 -15.45 8.10 -0.66
C CYS C 34 -14.46 8.15 -1.82
N ALA C 35 -14.45 9.24 -2.55
CA ALA C 35 -13.59 9.38 -3.71
C ALA C 35 -12.13 9.28 -3.34
N ILE C 36 -11.68 10.12 -2.41
CA ILE C 36 -10.25 10.18 -2.05
C ILE C 36 -9.80 8.86 -1.44
N SER C 37 -10.63 8.24 -0.63
CA SER C 37 -10.25 6.96 -0.03
C SER C 37 -10.13 5.87 -1.07
N ILE C 38 -11.09 5.80 -1.97
CA ILE C 38 -11.00 4.90 -3.11
C ILE C 38 -9.74 5.15 -3.94
N LEU C 39 -9.44 6.42 -4.21
CA LEU C 39 -8.26 6.73 -4.99
C LEU C 39 -6.97 6.34 -4.26
N MET C 40 -6.94 6.52 -2.96
N MET C 40 -6.95 6.53 -2.95
CA MET C 40 -5.74 6.16 -2.21
CA MET C 40 -5.77 6.17 -2.16
C MET C 40 -5.60 4.65 -1.91
C MET C 40 -5.58 4.65 -1.96
N LYS C 41 -6.60 3.84 -2.21
CA LYS C 41 -6.50 2.38 -2.10
C LYS C 41 -6.34 1.72 -3.45
N ASP C 42 -6.14 2.51 -4.51
CA ASP C 42 -5.84 2.03 -5.86
C ASP C 42 -6.83 0.96 -6.32
N LEU C 43 -8.13 1.21 -6.13
CA LEU C 43 -9.13 0.21 -6.42
C LEU C 43 -9.68 0.34 -7.86
N ALA C 44 -9.49 1.50 -8.47
CA ALA C 44 -10.12 1.83 -9.77
C ALA C 44 -9.14 2.31 -10.82
N ASP C 45 -9.42 2.04 -12.09
CA ASP C 45 -8.61 2.56 -13.19
C ASP C 45 -9.27 3.79 -13.85
N GLU C 46 -10.52 4.04 -13.47
CA GLU C 46 -11.27 5.22 -13.87
C GLU C 46 -12.21 5.63 -12.72
N LEU C 47 -12.23 6.91 -12.38
CA LEU C 47 -13.17 7.46 -11.42
C LEU C 47 -14.07 8.51 -12.09
N ALA C 48 -15.38 8.27 -12.03
CA ALA C 48 -16.37 9.23 -12.54
C ALA C 48 -17.13 9.82 -11.35
N LEU C 49 -17.36 11.13 -11.44
CA LEU C 49 -18.16 11.88 -10.46
C LEU C 49 -19.37 12.46 -11.18
N VAL C 50 -20.51 12.41 -10.51
CA VAL C 50 -21.72 12.98 -11.01
C VAL C 50 -22.40 13.79 -9.88
N ASP C 51 -22.84 14.99 -10.22
CA ASP C 51 -23.70 15.77 -9.31
C ASP C 51 -24.50 16.75 -10.16
N VAL C 52 -25.31 17.56 -9.51
CA VAL C 52 -26.16 18.55 -10.16
C VAL C 52 -25.62 19.99 -10.03
N ILE C 53 -24.69 20.27 -9.13
CA ILE C 53 -24.12 21.63 -9.05
C ILE C 53 -22.89 21.66 -9.97
N GLU C 54 -23.03 22.27 -11.15
N GLU C 54 -23.09 22.25 -11.15
CA GLU C 54 -21.97 22.26 -12.17
CA GLU C 54 -22.09 22.38 -12.21
C GLU C 54 -20.60 22.78 -11.71
C GLU C 54 -20.66 22.80 -11.72
N ASP C 55 -20.58 23.90 -10.99
CA ASP C 55 -19.27 24.47 -10.58
C ASP C 55 -18.54 23.62 -9.55
N LYS C 56 -19.27 23.27 -8.52
CA LYS C 56 -18.76 22.41 -7.47
C LYS C 56 -18.25 21.09 -8.02
N LEU C 57 -19.00 20.48 -8.93
CA LEU C 57 -18.56 19.24 -9.56
C LEU C 57 -17.23 19.42 -10.32
N LYS C 58 -17.16 20.41 -11.19
CA LYS C 58 -15.93 20.68 -11.95
C LYS C 58 -14.73 20.94 -11.04
N GLY C 59 -14.95 21.70 -9.96
CA GLY C 59 -13.87 22.06 -9.02
C GLY C 59 -13.34 20.87 -8.26
N GLU C 60 -14.25 20.00 -7.80
CA GLU C 60 -13.86 18.81 -7.10
C GLU C 60 -13.07 17.86 -8.02
N MET C 61 -13.59 17.65 -9.22
CA MET C 61 -12.88 16.88 -10.24
C MET C 61 -11.49 17.41 -10.50
N MET C 62 -11.39 18.71 -10.76
CA MET C 62 -10.09 19.36 -10.99
C MET C 62 -9.09 19.18 -9.85
N ASP C 63 -9.57 19.35 -8.62
CA ASP C 63 -8.72 19.22 -7.42
C ASP C 63 -8.16 17.78 -7.36
N LEU C 64 -9.00 16.76 -7.65
CA LEU C 64 -8.53 15.39 -7.64
C LEU C 64 -7.51 15.18 -8.75
N GLN C 65 -7.87 15.59 -9.97
CA GLN C 65 -6.96 15.54 -11.13
C GLN C 65 -5.58 16.08 -10.90
N HIS C 66 -5.50 17.17 -10.15
CA HIS C 66 -4.22 17.80 -9.87
C HIS C 66 -3.36 16.99 -8.94
N GLY C 67 -3.97 16.00 -8.27
CA GLY C 67 -3.22 15.05 -7.47
C GLY C 67 -2.72 13.82 -8.19
N SER C 68 -2.95 13.74 -9.50
CA SER C 68 -2.79 12.49 -10.29
C SER C 68 -1.40 11.89 -10.25
N LEU C 69 -0.39 12.75 -10.16
CA LEU C 69 0.98 12.30 -9.99
C LEU C 69 1.15 11.41 -8.77
N PHE C 70 0.30 11.58 -7.75
CA PHE C 70 0.47 10.87 -6.46
C PHE C 70 -0.46 9.66 -6.41
N LEU C 71 -1.10 9.39 -7.53
CA LEU C 71 -2.13 8.39 -7.56
C LEU C 71 -1.82 7.37 -8.65
N LYS C 72 -2.67 6.35 -8.72
CA LYS C 72 -2.58 5.30 -9.71
C LYS C 72 -3.96 5.06 -10.31
N THR C 73 -4.72 6.13 -10.53
CA THR C 73 -6.01 6.03 -11.16
C THR C 73 -5.91 7.03 -12.33
N PRO C 74 -5.66 6.53 -13.56
CA PRO C 74 -5.18 7.38 -14.65
C PRO C 74 -6.22 8.26 -15.33
N LYS C 75 -7.49 8.06 -15.04
CA LYS C 75 -8.52 8.90 -15.60
C LYS C 75 -9.58 9.26 -14.58
N ILE C 76 -9.77 10.58 -14.37
CA ILE C 76 -10.78 11.13 -13.48
C ILE C 76 -11.65 12.08 -14.32
N VAL C 77 -12.95 11.82 -14.30
CA VAL C 77 -13.89 12.57 -15.14
C VAL C 77 -15.14 12.89 -14.33
N SER C 78 -15.92 13.86 -14.78
CA SER C 78 -17.15 14.26 -14.11
C SER C 78 -18.10 14.83 -15.13
N SER C 79 -19.37 14.83 -14.81
CA SER C 79 -20.40 15.48 -15.64
C SER C 79 -21.73 15.40 -14.87
N LYS C 80 -22.64 16.30 -15.21
CA LYS C 80 -24.03 16.20 -14.80
C LYS C 80 -24.69 15.04 -15.54
N ASP C 81 -24.17 14.74 -16.73
CA ASP C 81 -24.77 13.77 -17.63
C ASP C 81 -24.26 12.37 -17.27
N TYR C 82 -25.19 11.44 -17.01
CA TYR C 82 -24.78 10.09 -16.62
C TYR C 82 -24.01 9.28 -17.69
N SER C 83 -23.93 9.76 -18.93
CA SER C 83 -23.10 9.08 -19.92
C SER C 83 -21.64 9.01 -19.44
N VAL C 84 -21.24 9.95 -18.58
CA VAL C 84 -19.86 9.97 -18.00
C VAL C 84 -19.56 8.71 -17.19
N THR C 85 -20.61 8.13 -16.60
CA THR C 85 -20.53 6.95 -15.75
C THR C 85 -20.52 5.62 -16.47
N ALA C 86 -20.56 5.61 -17.82
CA ALA C 86 -20.56 4.36 -18.59
C ALA C 86 -19.51 3.37 -18.17
N ASN C 87 -19.94 2.11 -18.15
CA ASN C 87 -19.06 1.00 -17.98
C ASN C 87 -18.53 0.84 -16.57
N SER C 88 -19.27 1.32 -15.56
CA SER C 88 -18.79 1.23 -14.21
C SER C 88 -18.97 -0.18 -13.71
N LYS C 89 -18.03 -0.65 -12.89
CA LYS C 89 -18.18 -1.92 -12.16
C LYS C 89 -18.84 -1.71 -10.81
N LEU C 90 -18.64 -0.53 -10.22
CA LEU C 90 -19.21 -0.19 -8.94
C LEU C 90 -19.69 1.24 -9.05
N VAL C 91 -20.95 1.48 -8.69
CA VAL C 91 -21.50 2.86 -8.58
C VAL C 91 -21.94 3.15 -7.15
N ILE C 92 -21.40 4.23 -6.58
CA ILE C 92 -21.62 4.52 -5.17
C ILE C 92 -22.53 5.75 -5.07
N ILE C 93 -23.69 5.58 -4.43
CA ILE C 93 -24.68 6.66 -4.37
C ILE C 93 -24.65 7.33 -3.02
N THR C 94 -24.15 8.57 -3.01
CA THR C 94 -24.08 9.41 -1.81
C THR C 94 -24.98 10.62 -1.87
N ALA C 95 -25.64 10.85 -3.02
CA ALA C 95 -26.46 12.03 -3.25
C ALA C 95 -27.75 12.03 -2.44
N GLY C 96 -28.21 13.24 -2.12
CA GLY C 96 -29.54 13.49 -1.56
C GLY C 96 -29.44 14.36 -0.31
N ALA C 97 -30.57 14.59 0.34
CA ALA C 97 -30.58 15.33 1.62
C ALA C 97 -29.82 14.57 2.70
N ARG C 98 -29.28 15.29 3.67
CA ARG C 98 -28.65 14.68 4.83
C ARG C 98 -29.22 15.31 6.09
N GLN C 99 -29.12 14.59 7.20
CA GLN C 99 -29.80 14.98 8.42
C GLN C 99 -29.16 16.23 9.06
N GLN C 100 -30.01 17.14 9.53
CA GLN C 100 -29.58 18.22 10.41
C GLN C 100 -29.37 17.66 11.79
N GLU C 101 -28.71 18.45 12.63
CA GLU C 101 -28.69 18.18 14.07
C GLU C 101 -30.13 17.99 14.52
N GLY C 102 -30.38 16.95 15.31
CA GLY C 102 -31.73 16.74 15.89
C GLY C 102 -32.75 16.12 14.92
N GLU C 103 -32.28 15.75 13.72
CA GLU C 103 -33.13 15.12 12.69
C GLU C 103 -32.69 13.66 12.42
N SER C 104 -33.67 12.73 12.43
CA SER C 104 -33.45 11.32 12.09
C SER C 104 -33.05 11.13 10.65
N ARG C 105 -32.15 10.19 10.41
CA ARG C 105 -31.97 9.72 9.02
C ARG C 105 -33.30 9.29 8.39
N LEU C 106 -34.20 8.71 9.16
CA LEU C 106 -35.49 8.30 8.60
C LEU C 106 -36.33 9.47 8.00
N ASN C 107 -36.04 10.71 8.42
CA ASN C 107 -36.81 11.89 7.97
C ASN C 107 -36.41 12.35 6.57
N LEU C 108 -35.32 11.76 6.05
CA LEU C 108 -34.81 12.06 4.72
C LEU C 108 -35.49 11.24 3.63
N VAL C 109 -36.35 10.30 4.02
CA VAL C 109 -36.76 9.27 3.09
C VAL C 109 -37.59 9.77 1.89
N GLN C 110 -38.52 10.69 2.11
CA GLN C 110 -39.34 11.16 1.00
C GLN C 110 -38.49 11.89 -0.05
N ARG C 111 -37.62 12.79 0.39
CA ARG C 111 -36.71 13.54 -0.48
C ARG C 111 -35.79 12.63 -1.29
N ASN C 112 -35.24 11.62 -0.63
CA ASN C 112 -34.22 10.79 -1.24
C ASN C 112 -34.82 9.66 -2.11
N VAL C 113 -36.00 9.17 -1.76
CA VAL C 113 -36.77 8.34 -2.69
C VAL C 113 -37.00 9.14 -3.96
N ASN C 114 -37.45 10.39 -3.87
CA ASN C 114 -37.77 11.15 -5.10
C ASN C 114 -36.56 11.35 -6.00
N ILE C 115 -35.40 11.64 -5.41
CA ILE C 115 -34.15 11.79 -6.13
C ILE C 115 -33.67 10.44 -6.70
N PHE C 116 -33.85 9.36 -5.95
CA PHE C 116 -33.50 8.03 -6.43
C PHE C 116 -34.31 7.62 -7.68
N LYS C 117 -35.51 8.17 -7.82
CA LYS C 117 -36.33 7.88 -8.99
C LYS C 117 -35.62 8.37 -10.24
N PHE C 118 -34.81 9.40 -10.09
CA PHE C 118 -34.01 9.93 -11.22
C PHE C 118 -32.64 9.27 -11.37
N ILE C 119 -31.96 9.12 -10.25
CA ILE C 119 -30.57 8.68 -10.25
C ILE C 119 -30.44 7.21 -10.62
N ILE C 120 -31.26 6.35 -10.04
CA ILE C 120 -31.06 4.92 -10.19
C ILE C 120 -31.28 4.44 -11.65
N PRO C 121 -32.36 4.89 -12.33
CA PRO C 121 -32.47 4.48 -13.73
C PRO C 121 -31.38 5.02 -14.63
N ASN C 122 -30.84 6.19 -14.32
CA ASN C 122 -29.74 6.69 -15.15
C ASN C 122 -28.42 5.92 -14.95
N VAL C 123 -28.18 5.42 -13.75
CA VAL C 123 -26.97 4.67 -13.48
C VAL C 123 -27.06 3.33 -14.22
N VAL C 124 -28.17 2.63 -14.02
CA VAL C 124 -28.39 1.34 -14.67
C VAL C 124 -28.35 1.44 -16.21
N LYS C 125 -28.84 2.53 -16.77
CA LYS C 125 -28.79 2.74 -18.19
C LYS C 125 -27.37 2.62 -18.77
N TYR C 126 -26.36 3.09 -18.04
CA TYR C 126 -25.01 3.15 -18.60
C TYR C 126 -24.00 2.14 -18.02
N SER C 127 -24.35 1.49 -16.92
CA SER C 127 -23.53 0.52 -16.24
C SER C 127 -24.35 -0.77 -15.96
N PRO C 128 -24.65 -1.52 -17.04
CA PRO C 128 -25.44 -2.77 -16.88
C PRO C 128 -24.76 -3.87 -16.04
N GLN C 129 -23.44 -3.85 -15.91
CA GLN C 129 -22.71 -4.81 -15.09
C GLN C 129 -22.40 -4.38 -13.67
N CYS C 130 -22.75 -3.17 -13.28
CA CYS C 130 -22.33 -2.67 -11.97
C CYS C 130 -23.01 -3.32 -10.77
N LYS C 131 -22.36 -3.15 -9.64
CA LYS C 131 -22.98 -3.28 -8.35
C LYS C 131 -23.30 -1.88 -7.90
N LEU C 132 -24.41 -1.76 -7.19
CA LEU C 132 -24.83 -0.50 -6.60
C LEU C 132 -24.52 -0.50 -5.12
N LEU C 133 -23.73 0.48 -4.66
CA LEU C 133 -23.44 0.64 -3.22
C LEU C 133 -24.20 1.89 -2.78
N ILE C 134 -25.26 1.70 -2.00
CA ILE C 134 -26.04 2.81 -1.49
C ILE C 134 -25.45 3.31 -0.14
N VAL C 135 -25.22 4.62 -0.05
CA VAL C 135 -24.67 5.29 1.14
C VAL C 135 -25.60 6.38 1.66
N SER C 136 -26.29 7.07 0.74
CA SER C 136 -27.39 7.98 1.05
C SER C 136 -28.36 7.41 2.09
N ASN C 137 -28.91 8.28 2.93
CA ASN C 137 -29.74 7.85 4.09
C ASN C 137 -31.26 8.14 3.89
N PRO C 138 -32.14 7.34 4.50
CA PRO C 138 -31.87 6.18 5.35
C PRO C 138 -31.42 4.98 4.52
N VAL C 139 -30.16 4.55 4.70
CA VAL C 139 -29.51 3.61 3.78
C VAL C 139 -30.24 2.28 3.60
N ASP C 140 -30.81 1.75 4.68
CA ASP C 140 -31.52 0.46 4.61
C ASP C 140 -32.77 0.52 3.72
N ILE C 141 -33.59 1.54 3.94
CA ILE C 141 -34.79 1.79 3.12
C ILE C 141 -34.39 2.14 1.70
N LEU C 142 -33.38 3.00 1.51
CA LEU C 142 -32.92 3.32 0.14
C LEU C 142 -32.27 2.19 -0.65
N THR C 143 -31.75 1.15 0.02
CA THR C 143 -31.21 0.01 -0.71
C THR C 143 -32.40 -0.75 -1.29
N TYR C 144 -33.40 -0.99 -0.44
CA TYR C 144 -34.67 -1.53 -0.89
C TYR C 144 -35.22 -0.72 -2.05
N VAL C 145 -35.20 0.60 -1.94
CA VAL C 145 -35.71 1.45 -3.05
C VAL C 145 -34.88 1.27 -4.31
N ALA C 146 -33.55 1.31 -4.16
CA ALA C 146 -32.67 1.20 -5.33
C ALA C 146 -32.87 -0.14 -6.00
N TRP C 147 -33.12 -1.16 -5.18
CA TRP C 147 -33.33 -2.51 -5.71
C TRP C 147 -34.58 -2.58 -6.55
N LYS C 148 -35.70 -2.18 -5.96
CA LYS C 148 -36.96 -2.07 -6.70
C LYS C 148 -36.91 -1.29 -8.02
N ILE C 149 -36.27 -0.14 -8.02
CA ILE C 149 -36.18 0.73 -9.19
C ILE C 149 -35.30 0.12 -10.26
N SER C 150 -34.14 -0.40 -9.85
CA SER C 150 -33.08 -0.82 -10.75
C SER C 150 -33.43 -2.03 -11.60
N GLY C 151 -34.17 -2.97 -11.02
CA GLY C 151 -34.39 -4.24 -11.69
C GLY C 151 -33.15 -5.10 -11.61
N PHE C 152 -32.22 -4.70 -10.74
CA PHE C 152 -31.07 -5.55 -10.42
C PHE C 152 -31.45 -6.67 -9.45
N PRO C 153 -30.70 -7.77 -9.50
CA PRO C 153 -31.00 -8.74 -8.46
C PRO C 153 -30.51 -8.21 -7.12
N LYS C 154 -31.10 -8.70 -6.04
CA LYS C 154 -30.78 -8.14 -4.72
C LYS C 154 -29.30 -8.29 -4.34
N ASN C 155 -28.58 -9.27 -4.92
CA ASN C 155 -27.15 -9.43 -4.61
C ASN C 155 -26.35 -8.20 -5.03
N ARG C 156 -26.79 -7.51 -6.07
CA ARG C 156 -26.02 -6.39 -6.61
C ARG C 156 -26.41 -5.01 -6.07
N VAL C 157 -27.29 -4.98 -5.06
CA VAL C 157 -27.73 -3.72 -4.51
C VAL C 157 -27.50 -3.76 -3.01
N ILE C 158 -26.44 -3.07 -2.60
CA ILE C 158 -25.81 -3.21 -1.31
C ILE C 158 -25.93 -1.88 -0.56
N GLY C 159 -26.32 -1.93 0.70
CA GLY C 159 -26.35 -0.75 1.52
C GLY C 159 -25.11 -0.69 2.40
N SER C 160 -24.48 0.47 2.54
CA SER C 160 -23.29 0.59 3.43
C SER C 160 -23.60 0.21 4.90
N GLY C 161 -24.89 0.32 5.27
CA GLY C 161 -25.44 -0.18 6.49
C GLY C 161 -24.63 0.15 7.75
N CYS C 162 -24.36 -0.92 8.50
CA CYS C 162 -23.73 -0.86 9.81
C CYS C 162 -22.24 -1.16 9.73
N ASN C 163 -21.70 -1.14 8.51
CA ASN C 163 -20.27 -1.34 8.38
C ASN C 163 -19.58 -0.26 9.22
N LEU C 164 -20.09 0.96 9.18
CA LEU C 164 -19.49 2.08 9.95
C LEU C 164 -19.79 1.99 11.46
N ASP C 165 -21.03 1.65 11.79
CA ASP C 165 -21.43 1.50 13.19
C ASP C 165 -20.56 0.45 13.83
N SER C 166 -20.33 -0.68 13.14
CA SER C 166 -19.47 -1.71 13.70
C SER C 166 -18.00 -1.25 13.81
N ALA C 167 -17.50 -0.53 12.82
CA ALA C 167 -16.17 0.05 12.91
C ALA C 167 -16.05 0.98 14.13
N ARG C 168 -17.09 1.79 14.39
CA ARG C 168 -17.12 2.66 15.61
C ARG C 168 -17.12 1.88 16.90
N PHE C 169 -17.91 0.82 16.94
CA PHE C 169 -17.97 -0.02 18.10
C PHE C 169 -16.59 -0.64 18.41
N ARG C 170 -15.95 -1.15 17.38
CA ARG C 170 -14.67 -1.80 17.53
C ARG C 170 -13.58 -0.83 17.93
N TYR C 171 -13.62 0.41 17.40
CA TYR C 171 -12.75 1.49 17.82
C TYR C 171 -12.93 1.77 19.32
N LEU C 172 -14.17 1.97 19.75
CA LEU C 172 -14.47 2.31 21.16
C LEU C 172 -14.01 1.18 22.08
N MET C 173 -14.32 -0.06 21.70
CA MET C 173 -13.89 -1.27 22.41
C MET C 173 -12.37 -1.37 22.58
N GLY C 174 -11.64 -1.05 21.52
CA GLY C 174 -10.17 -1.16 21.54
C GLY C 174 -9.57 -0.10 22.42
N GLU C 175 -10.19 1.07 22.37
N GLU C 175 -10.19 1.07 22.38
CA GLU C 175 -9.84 2.18 23.23
CA GLU C 175 -9.78 2.17 23.24
C GLU C 175 -9.93 1.77 24.69
C GLU C 175 -9.93 1.77 24.71
N ARG C 176 -11.05 1.16 25.06
CA ARG C 176 -11.24 0.62 26.42
C ARG C 176 -10.29 -0.51 26.81
N LEU C 177 -9.88 -1.32 25.85
CA LEU C 177 -9.13 -2.52 26.19
C LEU C 177 -7.62 -2.38 25.93
N GLY C 178 -7.19 -1.30 25.29
CA GLY C 178 -5.80 -1.11 24.86
C GLY C 178 -5.37 -2.09 23.80
N VAL C 179 -6.28 -2.36 22.87
CA VAL C 179 -6.05 -3.26 21.75
C VAL C 179 -6.47 -2.59 20.44
N HIS C 180 -5.71 -2.83 19.39
CA HIS C 180 -6.09 -2.32 18.06
C HIS C 180 -7.48 -2.78 17.69
N PRO C 181 -8.26 -1.91 17.04
CA PRO C 181 -9.61 -2.34 16.66
C PRO C 181 -9.67 -3.63 15.82
N LEU C 182 -8.63 -3.91 15.03
CA LEU C 182 -8.58 -5.11 14.18
C LEU C 182 -8.69 -6.37 14.99
N SER C 183 -8.26 -6.30 16.24
CA SER C 183 -8.28 -7.44 17.15
C SER C 183 -9.43 -7.38 18.15
N CYS C 184 -10.28 -6.35 18.05
CA CYS C 184 -11.50 -6.30 18.85
C CYS C 184 -12.71 -6.63 17.99
N HIS C 185 -13.42 -7.70 18.30
CA HIS C 185 -14.52 -8.16 17.42
C HIS C 185 -15.85 -7.94 18.07
N GLY C 186 -16.80 -7.49 17.29
CA GLY C 186 -18.11 -7.05 17.80
C GLY C 186 -18.94 -6.53 16.64
N TRP C 187 -20.21 -6.96 16.59
CA TRP C 187 -21.16 -6.60 15.53
C TRP C 187 -22.31 -5.74 16.04
N VAL C 188 -22.53 -4.63 15.33
CA VAL C 188 -23.71 -3.80 15.46
C VAL C 188 -24.55 -4.04 14.20
N LEU C 189 -25.77 -4.52 14.39
CA LEU C 189 -26.66 -4.92 13.27
C LEU C 189 -27.97 -4.13 13.29
N GLY C 190 -28.86 -4.41 12.34
CA GLY C 190 -30.12 -3.74 12.27
C GLY C 190 -30.01 -2.50 11.41
N GLU C 191 -30.81 -1.50 11.78
CA GLU C 191 -30.83 -0.20 11.14
C GLU C 191 -29.52 0.54 11.36
N HIS C 192 -29.02 1.16 10.29
CA HIS C 192 -27.97 2.13 10.41
C HIS C 192 -28.61 3.38 10.94
N GLY C 193 -28.73 3.45 12.28
CA GLY C 193 -29.51 4.49 12.89
C GLY C 193 -29.88 4.11 14.31
N ASP C 194 -30.96 4.72 14.79
CA ASP C 194 -31.19 4.76 16.21
C ASP C 194 -31.57 3.42 16.79
N SER C 195 -32.06 2.50 15.96
CA SER C 195 -32.58 1.17 16.41
C SER C 195 -31.59 -0.02 16.18
N SER C 196 -30.33 0.30 15.95
CA SER C 196 -29.28 -0.69 15.75
C SER C 196 -29.11 -1.52 17.01
N VAL C 197 -28.57 -2.71 16.82
CA VAL C 197 -28.46 -3.71 17.86
C VAL C 197 -27.03 -4.13 18.11
N PRO C 198 -26.48 -3.88 19.32
CA PRO C 198 -25.16 -4.41 19.60
C PRO C 198 -25.24 -5.90 20.00
N VAL C 199 -24.51 -6.78 19.32
CA VAL C 199 -24.63 -8.22 19.55
C VAL C 199 -23.60 -8.60 20.60
N TRP C 200 -23.95 -8.38 21.86
CA TRP C 200 -23.01 -8.57 22.95
C TRP C 200 -22.50 -9.97 23.05
N SER C 201 -23.31 -10.93 22.61
CA SER C 201 -22.95 -12.34 22.73
C SER C 201 -21.79 -12.68 21.78
N GLY C 202 -21.57 -11.86 20.75
CA GLY C 202 -20.43 -12.11 19.83
C GLY C 202 -19.16 -11.28 20.10
N VAL C 203 -19.21 -10.39 21.07
CA VAL C 203 -18.10 -9.48 21.34
C VAL C 203 -16.97 -10.27 21.96
N ASN C 204 -15.81 -10.24 21.30
CA ASN C 204 -14.67 -11.01 21.75
C ASN C 204 -13.29 -10.45 21.34
N VAL C 205 -12.29 -10.76 22.14
CA VAL C 205 -10.88 -10.64 21.76
C VAL C 205 -10.28 -12.04 21.76
N ALA C 206 -9.62 -12.39 20.68
CA ALA C 206 -8.95 -13.67 20.51
C ALA C 206 -9.92 -14.83 20.84
N GLY C 207 -11.20 -14.67 20.52
CA GLY C 207 -12.18 -15.71 20.64
C GLY C 207 -12.72 -15.80 22.03
N VAL C 208 -12.29 -14.90 22.91
CA VAL C 208 -12.75 -14.86 24.31
C VAL C 208 -13.95 -13.94 24.44
N SER C 209 -15.11 -14.52 24.78
CA SER C 209 -16.39 -13.78 24.86
C SER C 209 -16.37 -12.87 26.07
N LEU C 210 -16.54 -11.57 25.86
CA LEU C 210 -16.51 -10.65 27.00
C LEU C 210 -17.73 -10.84 27.87
N LYS C 211 -18.81 -11.33 27.28
CA LYS C 211 -20.04 -11.59 28.03
C LYS C 211 -19.91 -12.82 28.96
N SER C 212 -19.12 -13.82 28.58
N SER C 212 -19.12 -13.82 28.58
CA SER C 212 -18.85 -14.94 29.48
CA SER C 212 -18.84 -14.94 29.48
C SER C 212 -17.99 -14.48 30.66
C SER C 212 -17.99 -14.48 30.66
N LEU C 213 -17.11 -13.51 30.41
CA LEU C 213 -16.31 -12.95 31.50
C LEU C 213 -17.16 -12.11 32.43
N ASN C 214 -18.06 -11.33 31.84
CA ASN C 214 -18.94 -10.43 32.59
C ASN C 214 -20.34 -10.56 32.02
N PRO C 215 -21.17 -11.43 32.64
CA PRO C 215 -22.50 -11.73 32.08
C PRO C 215 -23.41 -10.51 31.94
N GLN C 216 -23.19 -9.52 32.79
CA GLN C 216 -23.96 -8.27 32.79
C GLN C 216 -23.60 -7.34 31.62
N LEU C 217 -22.61 -7.73 30.80
CA LEU C 217 -22.13 -6.93 29.68
C LEU C 217 -23.26 -6.29 28.88
N GLY C 218 -23.28 -4.96 28.88
CA GLY C 218 -24.18 -4.24 28.00
C GLY C 218 -25.57 -4.07 28.58
N THR C 219 -25.77 -4.53 29.82
CA THR C 219 -27.03 -4.27 30.53
C THR C 219 -26.83 -3.05 31.41
N ASP C 220 -27.92 -2.57 32.01
CA ASP C 220 -27.84 -1.38 32.89
C ASP C 220 -27.13 -1.70 34.21
N ALA C 221 -27.17 -2.98 34.60
CA ALA C 221 -26.40 -3.48 35.76
C ALA C 221 -24.89 -3.64 35.55
N ASP C 222 -24.41 -3.55 34.31
CA ASP C 222 -22.98 -3.60 34.02
C ASP C 222 -22.23 -2.52 34.78
N LYS C 223 -21.26 -2.89 35.61
CA LYS C 223 -20.55 -1.90 36.46
C LYS C 223 -19.61 -0.98 35.65
N GLU C 224 -19.22 -1.42 34.45
CA GLU C 224 -18.44 -0.58 33.51
C GLU C 224 -19.28 0.07 32.40
N GLN C 225 -20.60 -0.13 32.44
CA GLN C 225 -21.52 0.51 31.53
C GLN C 225 -21.14 0.37 30.05
N TRP C 226 -20.90 -0.85 29.60
CA TRP C 226 -20.58 -1.08 28.16
C TRP C 226 -21.66 -0.68 27.20
N LYS C 227 -22.91 -0.64 27.69
CA LYS C 227 -24.03 -0.09 26.91
C LYS C 227 -23.73 1.35 26.43
N ASP C 228 -23.00 2.11 27.25
N ASP C 228 -23.00 2.12 27.22
CA ASP C 228 -22.53 3.46 26.88
CA ASP C 228 -22.60 3.47 26.81
C ASP C 228 -21.73 3.42 25.56
C ASP C 228 -21.74 3.42 25.53
N VAL C 229 -21.11 2.27 25.26
CA VAL C 229 -20.36 2.12 24.01
C VAL C 229 -21.36 2.11 22.83
N HIS C 230 -22.41 1.32 22.92
CA HIS C 230 -23.41 1.28 21.85
C HIS C 230 -24.12 2.60 21.76
N LYS C 231 -24.38 3.24 22.91
CA LYS C 231 -25.04 4.56 22.86
C LYS C 231 -24.16 5.59 22.15
N GLN C 232 -22.85 5.53 22.36
CA GLN C 232 -21.93 6.38 21.59
C GLN C 232 -21.95 6.10 20.09
N VAL C 233 -22.16 4.82 19.74
CA VAL C 233 -22.26 4.40 18.34
C VAL C 233 -23.53 5.00 17.72
N VAL C 234 -24.68 4.81 18.37
CA VAL C 234 -25.93 5.43 17.89
C VAL C 234 -25.77 6.93 17.70
N ASP C 235 -25.16 7.57 18.69
CA ASP C 235 -25.06 9.04 18.75
C ASP C 235 -23.90 9.66 17.93
N SER C 236 -23.00 8.83 17.45
N SER C 236 -23.00 8.83 17.44
CA SER C 236 -21.80 9.30 16.76
CA SER C 236 -21.78 9.33 16.80
C SER C 236 -22.08 10.35 15.71
C SER C 236 -22.03 10.34 15.68
N ALA C 237 -22.91 10.01 14.74
CA ALA C 237 -23.23 10.93 13.66
C ALA C 237 -23.75 12.27 14.18
N TYR C 238 -24.67 12.18 15.14
N TYR C 238 -24.65 12.19 15.15
N TYR C 238 -24.66 12.19 15.16
CA TYR C 238 -25.26 13.35 15.75
CA TYR C 238 -25.24 13.39 15.74
CA TYR C 238 -25.25 13.38 15.78
C TYR C 238 -24.18 14.20 16.44
C TYR C 238 -24.16 14.22 16.47
C TYR C 238 -24.21 14.18 16.58
N GLU C 239 -23.25 13.55 17.16
N GLU C 239 -23.25 13.56 17.18
CA GLU C 239 -22.23 14.28 17.91
CA GLU C 239 -22.20 14.28 17.91
C GLU C 239 -21.24 14.97 16.97
C GLU C 239 -21.25 14.98 16.95
N VAL C 240 -20.82 14.25 15.93
CA VAL C 240 -19.90 14.79 14.96
C VAL C 240 -20.56 15.90 14.15
N ILE C 241 -21.85 15.72 13.82
CA ILE C 241 -22.61 16.75 13.12
C ILE C 241 -22.68 17.98 14.03
N LYS C 242 -22.90 17.77 15.34
CA LYS C 242 -22.96 18.91 16.29
C LYS C 242 -21.61 19.64 16.37
N LEU C 243 -20.50 18.93 16.20
CA LEU C 243 -19.18 19.53 16.33
C LEU C 243 -18.60 20.16 15.07
N LYS C 244 -18.62 19.46 13.93
CA LYS C 244 -17.97 19.92 12.69
C LYS C 244 -18.97 20.22 11.58
N GLY C 245 -20.25 19.95 11.86
CA GLY C 245 -21.35 20.25 10.90
C GLY C 245 -21.89 19.12 10.04
N TYR C 246 -21.21 17.98 10.04
CA TYR C 246 -21.42 16.89 9.09
C TYR C 246 -20.34 15.84 9.38
N THR C 247 -20.53 14.63 8.86
CA THR C 247 -19.54 13.56 8.94
C THR C 247 -19.14 13.22 7.51
N SER C 248 -17.92 12.72 7.39
CA SER C 248 -17.29 12.46 6.10
C SER C 248 -16.20 11.38 6.17
N TRP C 249 -15.23 11.52 7.06
CA TRP C 249 -14.00 10.70 6.89
C TRP C 249 -14.25 9.24 7.21
N ALA C 250 -15.05 8.98 8.25
CA ALA C 250 -15.27 7.62 8.73
C ALA C 250 -16.13 6.82 7.74
N ILE C 251 -17.20 7.45 7.25
CA ILE C 251 -18.06 6.87 6.24
C ILE C 251 -17.33 6.66 4.90
N GLY C 252 -16.49 7.61 4.51
CA GLY C 252 -15.63 7.43 3.32
C GLY C 252 -14.76 6.19 3.41
N LEU C 253 -14.09 6.03 4.55
CA LEU C 253 -13.26 4.86 4.80
C LEU C 253 -14.10 3.57 4.89
N SER C 254 -15.30 3.65 5.47
CA SER C 254 -16.15 2.48 5.56
C SER C 254 -16.59 2.02 4.19
N VAL C 255 -16.93 2.99 3.33
CA VAL C 255 -17.39 2.71 1.98
C VAL C 255 -16.23 2.19 1.14
N ALA C 256 -15.03 2.75 1.34
CA ALA C 256 -13.81 2.23 0.65
C ALA C 256 -13.48 0.77 1.02
N ASP C 257 -13.74 0.39 2.25
CA ASP C 257 -13.55 -0.95 2.77
C ASP C 257 -14.47 -1.93 2.00
N LEU C 258 -15.71 -1.51 1.81
CA LEU C 258 -16.72 -2.30 1.09
C LEU C 258 -16.38 -2.36 -0.41
N ALA C 259 -15.95 -1.24 -0.99
CA ALA C 259 -15.46 -1.20 -2.37
C ALA C 259 -14.31 -2.13 -2.59
N GLU C 260 -13.37 -2.18 -1.63
CA GLU C 260 -12.24 -3.15 -1.74
C GLU C 260 -12.72 -4.61 -1.83
N SER C 261 -13.62 -5.01 -0.92
CA SER C 261 -14.14 -6.37 -0.88
C SER C 261 -14.85 -6.72 -2.20
N ILE C 262 -15.56 -5.75 -2.77
CA ILE C 262 -16.32 -5.95 -4.03
C ILE C 262 -15.35 -6.02 -5.20
N MET C 263 -14.50 -5.03 -5.33
CA MET C 263 -13.56 -4.92 -6.48
C MET C 263 -12.51 -6.04 -6.52
N LYS C 264 -12.11 -6.54 -5.36
N LYS C 264 -12.09 -6.50 -5.35
CA LYS C 264 -11.08 -7.55 -5.27
CA LYS C 264 -11.06 -7.52 -5.23
C LYS C 264 -11.66 -8.93 -4.96
C LYS C 264 -11.65 -8.92 -4.93
N ASN C 265 -12.97 -9.06 -5.06
CA ASN C 265 -13.69 -10.34 -4.82
C ASN C 265 -13.23 -11.05 -3.54
N LEU C 266 -13.16 -10.34 -2.42
CA LEU C 266 -12.50 -10.86 -1.24
C LEU C 266 -13.33 -11.89 -0.46
N ARG C 267 -14.65 -11.74 -0.48
CA ARG C 267 -15.55 -12.57 0.29
C ARG C 267 -15.26 -12.39 1.76
N ARG C 268 -15.03 -11.14 2.17
CA ARG C 268 -15.01 -10.79 3.57
C ARG C 268 -16.45 -10.65 4.05
N VAL C 269 -16.61 -10.76 5.37
CA VAL C 269 -17.92 -10.60 5.98
C VAL C 269 -18.07 -9.20 6.53
N HIS C 270 -19.12 -8.51 6.10
CA HIS C 270 -19.42 -7.13 6.57
C HIS C 270 -20.84 -7.00 6.96
N PRO C 271 -21.13 -6.13 7.96
CA PRO C 271 -22.52 -5.92 8.35
C PRO C 271 -23.11 -4.79 7.48
N ILE C 272 -23.86 -5.20 6.47
CA ILE C 272 -24.34 -4.31 5.42
C ILE C 272 -25.79 -4.60 5.09
N SER C 273 -26.44 -3.68 4.40
CA SER C 273 -27.90 -3.73 4.23
C SER C 273 -28.27 -4.73 3.13
N THR C 274 -29.12 -5.70 3.47
CA THR C 274 -29.63 -6.66 2.51
C THR C 274 -31.02 -7.15 2.95
N MET C 275 -31.77 -7.81 2.07
CA MET C 275 -33.10 -8.28 2.42
C MET C 275 -33.05 -9.29 3.53
N ILE C 276 -33.86 -9.15 4.59
CA ILE C 276 -33.83 -10.19 5.61
C ILE C 276 -35.13 -10.93 5.80
N LYS C 277 -36.07 -10.76 4.87
CA LYS C 277 -37.26 -11.58 4.82
C LYS C 277 -36.84 -13.02 4.84
N GLY C 278 -37.48 -13.80 5.70
CA GLY C 278 -37.15 -15.21 5.87
C GLY C 278 -36.43 -15.48 7.19
N LEU C 279 -35.62 -14.53 7.69
CA LEU C 279 -34.91 -14.73 8.97
C LEU C 279 -35.60 -14.01 10.13
N TYR C 280 -35.44 -14.54 11.34
CA TYR C 280 -35.92 -13.89 12.58
C TYR C 280 -37.44 -13.61 12.59
N GLY C 281 -38.19 -14.43 11.86
CA GLY C 281 -39.63 -14.28 11.80
C GLY C 281 -40.10 -13.13 10.92
N ILE C 282 -39.16 -12.45 10.24
CA ILE C 282 -39.49 -11.27 9.45
C ILE C 282 -40.14 -11.68 8.14
N LYS C 283 -41.34 -11.16 7.88
CA LYS C 283 -42.18 -11.59 6.73
C LYS C 283 -42.10 -10.65 5.52
N GLU C 284 -41.86 -9.36 5.77
CA GLU C 284 -41.87 -8.37 4.71
C GLU C 284 -40.47 -8.05 4.15
N ASP C 285 -40.44 -7.35 3.02
CA ASP C 285 -39.19 -7.07 2.29
C ASP C 285 -38.32 -6.01 2.98
N VAL C 286 -38.08 -6.16 4.27
CA VAL C 286 -37.22 -5.27 5.01
C VAL C 286 -35.75 -5.53 4.61
N PHE C 287 -35.02 -4.45 4.37
CA PHE C 287 -33.57 -4.45 4.27
C PHE C 287 -32.96 -3.90 5.56
N LEU C 288 -32.06 -4.67 6.18
CA LEU C 288 -31.25 -4.16 7.27
C LEU C 288 -29.87 -4.85 7.28
N SER C 289 -29.01 -4.46 8.21
CA SER C 289 -27.66 -5.04 8.25
C SER C 289 -27.64 -6.36 9.05
N VAL C 290 -27.01 -7.35 8.43
CA VAL C 290 -26.67 -8.63 9.04
C VAL C 290 -25.32 -8.94 8.38
N PRO C 291 -24.52 -9.88 8.92
CA PRO C 291 -23.20 -10.06 8.30
C PRO C 291 -23.32 -10.86 7.00
N CYS C 292 -22.82 -10.27 5.91
CA CYS C 292 -22.94 -10.83 4.59
C CYS C 292 -21.56 -11.02 4.02
N ILE C 293 -21.45 -12.02 3.15
CA ILE C 293 -20.25 -12.26 2.40
C ILE C 293 -20.27 -11.38 1.15
N LEU C 294 -19.26 -10.53 1.00
CA LEU C 294 -19.31 -9.51 -0.04
C LEU C 294 -18.21 -9.79 -1.04
N GLY C 295 -18.53 -9.83 -2.33
CA GLY C 295 -17.50 -10.10 -3.34
C GLY C 295 -17.86 -9.48 -4.67
N GLN C 296 -17.32 -10.02 -5.75
CA GLN C 296 -17.49 -9.36 -7.06
C GLN C 296 -18.92 -9.35 -7.56
N ASN C 297 -19.77 -10.21 -7.02
CA ASN C 297 -21.19 -10.23 -7.37
C ASN C 297 -22.05 -9.76 -6.23
N GLY C 298 -21.41 -9.03 -5.32
CA GLY C 298 -22.11 -8.35 -4.25
C GLY C 298 -22.25 -9.33 -3.12
N ILE C 299 -23.44 -9.36 -2.53
CA ILE C 299 -23.74 -10.12 -1.35
C ILE C 299 -24.18 -11.48 -1.81
N SER C 300 -23.39 -12.52 -1.58
CA SER C 300 -23.68 -13.86 -2.12
C SER C 300 -24.23 -14.79 -1.04
N ASP C 301 -24.08 -14.41 0.23
CA ASP C 301 -24.39 -15.26 1.34
C ASP C 301 -24.62 -14.39 2.56
N VAL C 302 -25.42 -14.89 3.52
CA VAL C 302 -25.70 -14.23 4.76
C VAL C 302 -25.39 -15.13 5.94
N VAL C 303 -24.66 -14.61 6.91
CA VAL C 303 -24.32 -15.42 8.08
C VAL C 303 -25.50 -15.32 9.07
N LYS C 304 -25.97 -16.46 9.55
CA LYS C 304 -27.03 -16.50 10.57
C LYS C 304 -26.47 -16.38 11.97
N VAL C 305 -26.45 -15.15 12.49
CA VAL C 305 -25.93 -14.94 13.82
C VAL C 305 -26.88 -15.52 14.85
N THR C 306 -26.29 -16.17 15.86
CA THR C 306 -26.97 -16.75 16.97
C THR C 306 -27.16 -15.64 18.01
N LEU C 307 -28.40 -15.26 18.23
CA LEU C 307 -28.75 -14.08 19.01
C LEU C 307 -29.37 -14.54 20.30
N THR C 308 -29.09 -13.85 21.37
CA THR C 308 -29.82 -14.06 22.63
C THR C 308 -31.29 -13.65 22.43
N PRO C 309 -32.19 -14.03 23.34
CA PRO C 309 -33.58 -13.62 23.13
C PRO C 309 -33.76 -12.11 23.03
N ASP C 310 -33.10 -11.39 23.91
CA ASP C 310 -33.15 -9.94 23.85
C ASP C 310 -32.57 -9.34 22.56
N GLU C 311 -31.38 -9.80 22.18
CA GLU C 311 -30.75 -9.34 20.91
C GLU C 311 -31.69 -9.56 19.72
N GLU C 312 -32.28 -10.74 19.63
CA GLU C 312 -33.19 -11.05 18.54
C GLU C 312 -34.45 -10.18 18.59
N ALA C 313 -35.01 -9.99 19.80
CA ALA C 313 -36.16 -9.13 19.99
C ALA C 313 -35.79 -7.71 19.52
N ARG C 314 -34.59 -7.26 19.89
CA ARG C 314 -34.09 -5.96 19.43
C ARG C 314 -33.95 -5.88 17.89
N LEU C 315 -33.44 -6.92 17.27
CA LEU C 315 -33.32 -6.91 15.81
C LEU C 315 -34.71 -6.88 15.17
N LYS C 316 -35.65 -7.61 15.75
CA LYS C 316 -36.99 -7.64 15.18
C LYS C 316 -37.66 -6.27 15.34
N LYS C 317 -37.38 -5.57 16.43
CA LYS C 317 -37.91 -4.21 16.60
C LYS C 317 -37.32 -3.20 15.63
N SER C 318 -36.06 -3.39 15.25
CA SER C 318 -35.44 -2.50 14.25
C SER C 318 -36.13 -2.70 12.90
N ALA C 319 -36.36 -3.97 12.53
CA ALA C 319 -37.08 -4.33 11.33
C ALA C 319 -38.45 -3.66 11.31
N ASP C 320 -39.22 -3.84 12.39
CA ASP C 320 -40.53 -3.17 12.59
C ASP C 320 -40.49 -1.63 12.39
N THR C 321 -39.47 -0.97 12.97
CA THR C 321 -39.25 0.47 12.81
C THR C 321 -39.08 0.81 11.33
N LEU C 322 -38.20 0.09 10.67
CA LEU C 322 -37.95 0.33 9.25
C LEU C 322 -39.19 0.09 8.38
N TRP C 323 -39.89 -1.00 8.64
CA TRP C 323 -41.13 -1.33 7.93
C TRP C 323 -42.20 -0.27 8.12
N GLY C 324 -42.32 0.22 9.36
CA GLY C 324 -43.16 1.37 9.70
C GLY C 324 -43.06 2.57 8.76
N ILE C 325 -41.85 2.85 8.26
CA ILE C 325 -41.61 3.95 7.31
C ILE C 325 -41.71 3.44 5.86
N GLN C 326 -41.12 2.27 5.59
CA GLN C 326 -41.03 1.77 4.23
C GLN C 326 -42.40 1.40 3.68
N LYS C 327 -43.25 0.84 4.54
CA LYS C 327 -44.60 0.42 4.10
C LYS C 327 -45.38 1.59 3.47
N GLU C 328 -45.12 2.83 3.89
CA GLU C 328 -45.84 4.00 3.33
C GLU C 328 -45.26 4.59 2.05
N LEU C 329 -44.16 4.07 1.51
CA LEU C 329 -43.52 4.74 0.39
C LEU C 329 -44.26 4.48 -0.90
N GLN C 330 -44.28 5.48 -1.77
CA GLN C 330 -44.83 5.34 -3.10
C GLN C 330 -43.77 5.76 -4.12
N PHE C 331 -43.54 4.87 -5.09
CA PHE C 331 -42.56 5.07 -6.17
C PHE C 331 -42.74 3.90 -7.16
N ALA D 2 -12.13 -5.56 37.08
CA ALA D 2 -12.31 -4.94 35.73
C ALA D 2 -12.19 -5.99 34.60
N LEU D 3 -13.01 -5.82 33.59
CA LEU D 3 -13.06 -6.74 32.46
C LEU D 3 -11.73 -6.74 31.68
N LYS D 4 -11.11 -5.58 31.49
CA LYS D 4 -9.82 -5.50 30.83
C LYS D 4 -8.84 -6.44 31.53
N ASP D 5 -8.78 -6.37 32.87
CA ASP D 5 -7.86 -7.22 33.63
C ASP D 5 -8.23 -8.67 33.70
N GLN D 6 -9.53 -8.98 33.59
CA GLN D 6 -9.96 -10.37 33.48
C GLN D 6 -9.49 -10.98 32.15
N LEU D 7 -9.50 -10.15 31.11
CA LEU D 7 -9.15 -10.56 29.77
C LEU D 7 -7.65 -10.56 29.50
N ILE D 8 -6.93 -9.58 30.05
CA ILE D 8 -5.56 -9.31 29.67
C ILE D 8 -4.63 -9.22 30.89
N VAL D 9 -3.48 -9.90 30.81
CA VAL D 9 -2.43 -9.68 31.80
C VAL D 9 -1.33 -8.74 31.25
N ASN D 10 -1.10 -7.67 31.99
CA ASN D 10 -0.14 -6.66 31.57
C ASN D 10 1.24 -7.04 32.07
N LEU D 11 2.22 -6.92 31.19
CA LEU D 11 3.58 -7.35 31.51
C LEU D 11 4.44 -6.18 32.00
N LEU D 12 4.14 -4.99 31.50
CA LEU D 12 4.95 -3.80 31.76
C LEU D 12 4.19 -2.49 31.46
N LYS D 13 4.54 -1.47 32.26
CA LYS D 13 4.15 -0.07 32.04
C LYS D 13 5.06 0.50 30.95
N GLU D 14 4.46 0.81 29.82
CA GLU D 14 5.26 1.16 28.65
C GLU D 14 5.70 2.60 28.55
N GLU D 15 6.82 2.72 27.86
CA GLU D 15 7.20 3.90 27.13
C GLU D 15 6.15 4.12 26.04
N GLN D 16 5.19 5.01 26.32
CA GLN D 16 4.18 5.38 25.34
C GLN D 16 4.60 6.61 24.47
N VAL D 17 5.89 6.71 24.14
N VAL D 17 5.90 6.74 24.15
CA VAL D 17 6.44 7.79 23.31
CA VAL D 17 6.38 7.82 23.28
C VAL D 17 6.52 7.31 21.86
C VAL D 17 6.48 7.29 21.87
N PRO D 18 5.78 7.95 20.92
CA PRO D 18 5.74 7.48 19.54
C PRO D 18 7.10 7.66 18.82
N GLN D 19 7.33 6.84 17.80
CA GLN D 19 8.55 6.85 17.00
C GLN D 19 8.45 7.60 15.70
N ASN D 20 7.22 7.82 15.27
CA ASN D 20 6.93 8.33 13.94
C ASN D 20 5.68 9.21 14.03
N LYS D 21 5.70 10.14 14.97
CA LYS D 21 4.56 11.03 15.22
C LYS D 21 4.56 12.18 14.22
N ILE D 22 3.38 12.46 13.67
CA ILE D 22 3.16 13.62 12.82
C ILE D 22 2.05 14.47 13.42
N THR D 23 2.22 15.78 13.34
CA THR D 23 1.24 16.73 13.85
C THR D 23 0.82 17.59 12.68
N VAL D 24 -0.48 17.80 12.56
CA VAL D 24 -1.05 18.74 11.59
C VAL D 24 -1.66 19.88 12.42
N VAL D 25 -1.11 21.08 12.24
CA VAL D 25 -1.68 22.30 12.81
C VAL D 25 -2.62 22.95 11.75
N GLY D 26 -3.89 23.07 12.15
CA GLY D 26 -4.94 23.62 11.29
C GLY D 26 -5.80 22.52 10.69
N VAL D 27 -7.11 22.57 10.92
CA VAL D 27 -8.02 21.49 10.50
C VAL D 27 -9.10 22.05 9.57
N GLY D 28 -8.74 23.08 8.82
CA GLY D 28 -9.54 23.52 7.69
C GLY D 28 -9.38 22.50 6.59
N ALA D 29 -9.79 22.85 5.39
CA ALA D 29 -9.80 21.91 4.30
C ALA D 29 -8.40 21.40 3.97
N VAL D 30 -7.40 22.28 3.94
CA VAL D 30 -6.03 21.88 3.60
C VAL D 30 -5.43 20.96 4.64
N GLY D 31 -5.56 21.31 5.91
CA GLY D 31 -5.09 20.50 7.01
C GLY D 31 -5.72 19.10 7.04
N MET D 32 -7.04 19.03 6.93
CA MET D 32 -7.71 17.71 6.94
C MET D 32 -7.38 16.83 5.71
N ALA D 33 -7.13 17.42 4.56
CA ALA D 33 -6.74 16.66 3.37
C ALA D 33 -5.30 16.12 3.53
N CYS D 34 -4.43 16.92 4.17
CA CYS D 34 -3.10 16.43 4.57
C CYS D 34 -3.24 15.25 5.54
N ALA D 35 -4.19 15.38 6.49
CA ALA D 35 -4.39 14.36 7.52
C ALA D 35 -4.89 13.06 6.93
N ILE D 36 -5.96 13.14 6.14
CA ILE D 36 -6.47 11.89 5.56
C ILE D 36 -5.42 11.25 4.67
N SER D 37 -4.64 12.05 3.95
CA SER D 37 -3.64 11.47 3.03
C SER D 37 -2.47 10.78 3.76
N ILE D 38 -1.99 11.39 4.82
CA ILE D 38 -0.95 10.82 5.64
C ILE D 38 -1.42 9.55 6.37
N LEU D 39 -2.67 9.55 6.83
CA LEU D 39 -3.29 8.32 7.38
C LEU D 39 -3.34 7.17 6.35
N MET D 40 -3.76 7.49 5.15
N MET D 40 -3.78 7.50 5.14
CA MET D 40 -3.91 6.46 4.14
CA MET D 40 -3.92 6.54 4.06
C MET D 40 -2.58 6.00 3.55
C MET D 40 -2.57 5.98 3.58
N LYS D 41 -1.47 6.69 3.86
CA LYS D 41 -0.12 6.26 3.43
C LYS D 41 0.69 5.64 4.56
N ASP D 42 0.07 5.40 5.71
CA ASP D 42 0.67 4.73 6.85
C ASP D 42 2.02 5.30 7.24
N LEU D 43 2.10 6.61 7.29
CA LEU D 43 3.36 7.30 7.55
C LEU D 43 3.66 7.45 9.02
N ALA D 44 2.64 7.40 9.89
CA ALA D 44 2.83 7.77 11.25
C ALA D 44 2.21 6.76 12.19
N ASP D 45 2.74 6.71 13.42
CA ASP D 45 2.18 5.88 14.48
C ASP D 45 1.30 6.71 15.45
N GLU D 46 1.36 8.05 15.30
CA GLU D 46 0.52 8.97 16.06
C GLU D 46 0.29 10.20 15.20
N LEU D 47 -0.98 10.58 15.09
CA LEU D 47 -1.38 11.82 14.42
C LEU D 47 -1.99 12.75 15.48
N ALA D 48 -1.40 13.92 15.64
CA ALA D 48 -1.94 14.97 16.48
C ALA D 48 -2.51 16.12 15.58
N LEU D 49 -3.69 16.61 15.94
CA LEU D 49 -4.33 17.79 15.30
C LEU D 49 -4.39 18.94 16.32
N VAL D 50 -4.04 20.13 15.86
CA VAL D 50 -4.22 21.36 16.65
C VAL D 50 -4.91 22.44 15.84
N ASP D 51 -5.89 23.10 16.46
CA ASP D 51 -6.53 24.30 15.93
C ASP D 51 -7.11 25.06 17.12
N VAL D 52 -7.70 26.22 16.83
CA VAL D 52 -8.21 27.13 17.85
C VAL D 52 -9.72 27.07 18.06
N ILE D 53 -10.48 26.47 17.14
CA ILE D 53 -11.91 26.31 17.29
C ILE D 53 -12.15 24.96 17.93
N GLU D 54 -12.62 24.92 19.18
CA GLU D 54 -12.58 23.64 19.93
C GLU D 54 -13.52 22.57 19.34
N ASP D 55 -14.71 23.00 18.96
CA ASP D 55 -15.76 22.10 18.52
C ASP D 55 -15.38 21.41 17.19
N LYS D 56 -14.97 22.19 16.19
CA LYS D 56 -14.54 21.70 14.87
C LYS D 56 -13.32 20.75 15.02
N LEU D 57 -12.40 21.14 15.90
CA LEU D 57 -11.23 20.33 16.15
C LEU D 57 -11.63 18.94 16.65
N LYS D 58 -12.55 18.88 17.61
CA LYS D 58 -12.88 17.63 18.26
C LYS D 58 -13.72 16.79 17.30
N GLY D 59 -14.61 17.42 16.54
CA GLY D 59 -15.40 16.72 15.48
C GLY D 59 -14.51 16.08 14.42
N GLU D 60 -13.49 16.80 13.95
CA GLU D 60 -12.59 16.21 12.94
C GLU D 60 -11.75 15.07 13.59
N MET D 61 -11.25 15.24 14.80
CA MET D 61 -10.56 14.13 15.46
C MET D 61 -11.41 12.92 15.58
N MET D 62 -12.68 13.09 15.98
CA MET D 62 -13.56 11.94 16.16
C MET D 62 -13.86 11.23 14.84
N ASP D 63 -14.05 12.02 13.79
CA ASP D 63 -14.43 11.46 12.48
C ASP D 63 -13.26 10.59 11.95
N LEU D 64 -12.04 11.11 12.05
CA LEU D 64 -10.85 10.34 11.73
C LEU D 64 -10.79 9.12 12.63
N GLN D 65 -10.97 9.32 13.94
CA GLN D 65 -10.87 8.20 14.89
C GLN D 65 -11.80 7.04 14.59
N HIS D 66 -13.00 7.37 14.14
CA HIS D 66 -14.04 6.38 13.83
C HIS D 66 -13.70 5.50 12.63
N GLY D 67 -12.76 5.95 11.82
CA GLY D 67 -12.23 5.12 10.73
C GLY D 67 -11.02 4.24 11.08
N SER D 68 -10.59 4.22 12.34
CA SER D 68 -9.36 3.49 12.76
C SER D 68 -9.23 2.05 12.35
N LEU D 69 -10.33 1.31 12.43
CA LEU D 69 -10.37 -0.06 11.95
C LEU D 69 -9.72 -0.17 10.55
N PHE D 70 -9.87 0.86 9.72
CA PHE D 70 -9.43 0.82 8.31
C PHE D 70 -8.06 1.45 8.14
N LEU D 71 -7.44 1.82 9.27
CA LEU D 71 -6.13 2.45 9.22
C LEU D 71 -5.07 1.67 10.01
N LYS D 72 -3.83 2.18 10.00
CA LYS D 72 -2.73 1.56 10.70
C LYS D 72 -1.99 2.63 11.52
N THR D 73 -2.77 3.61 12.01
CA THR D 73 -2.24 4.72 12.83
C THR D 73 -3.01 4.62 14.11
N PRO D 74 -2.37 4.03 15.14
CA PRO D 74 -3.09 3.56 16.32
C PRO D 74 -3.52 4.61 17.33
N LYS D 75 -2.99 5.82 17.22
CA LYS D 75 -3.38 6.92 18.12
C LYS D 75 -3.57 8.21 17.32
N ILE D 76 -4.80 8.76 17.42
CA ILE D 76 -5.20 10.04 16.79
C ILE D 76 -5.72 10.89 17.95
N VAL D 77 -5.10 12.05 18.15
CA VAL D 77 -5.41 12.93 19.27
C VAL D 77 -5.52 14.38 18.74
N SER D 78 -6.19 15.22 19.54
CA SER D 78 -6.26 16.66 19.23
C SER D 78 -6.33 17.53 20.51
N SER D 79 -5.83 18.75 20.42
CA SER D 79 -5.95 19.70 21.52
C SER D 79 -5.61 21.09 21.00
N LYS D 80 -6.26 22.12 21.55
CA LYS D 80 -5.78 23.48 21.30
C LYS D 80 -4.44 23.70 22.02
N ASP D 81 -4.19 22.93 23.06
CA ASP D 81 -2.92 22.95 23.77
C ASP D 81 -1.81 22.20 22.99
N TYR D 82 -0.68 22.86 22.76
CA TYR D 82 0.44 22.24 22.00
C TYR D 82 1.18 21.13 22.75
N SER D 83 0.84 20.87 24.00
CA SER D 83 1.40 19.69 24.69
C SER D 83 1.05 18.40 23.94
N VAL D 84 -0.11 18.41 23.28
CA VAL D 84 -0.58 17.27 22.48
C VAL D 84 0.35 16.93 21.30
N THR D 85 1.20 17.87 20.88
CA THR D 85 2.12 17.70 19.76
C THR D 85 3.51 17.16 20.17
N ALA D 86 3.72 16.87 21.46
CA ALA D 86 5.08 16.56 21.93
C ALA D 86 5.68 15.34 21.21
N ASN D 87 6.99 15.40 20.99
CA ASN D 87 7.73 14.34 20.31
C ASN D 87 7.29 14.08 18.87
N SER D 88 6.92 15.13 18.16
CA SER D 88 6.60 14.96 16.74
C SER D 88 7.90 14.92 15.92
N LYS D 89 8.04 13.98 14.98
CA LYS D 89 9.14 13.99 14.03
C LYS D 89 8.91 15.09 12.98
N LEU D 90 7.64 15.32 12.64
CA LEU D 90 7.24 16.26 11.58
C LEU D 90 5.99 17.00 12.05
N VAL D 91 6.04 18.33 11.99
CA VAL D 91 4.89 19.17 12.31
C VAL D 91 4.56 19.94 11.04
N ILE D 92 3.34 19.76 10.53
CA ILE D 92 2.89 20.38 9.29
C ILE D 92 1.96 21.53 9.65
N ILE D 93 2.38 22.76 9.30
CA ILE D 93 1.59 23.98 9.62
C ILE D 93 0.74 24.40 8.39
N THR D 94 -0.56 24.23 8.53
CA THR D 94 -1.49 24.58 7.49
C THR D 94 -2.44 25.70 7.95
N ALA D 95 -2.25 26.20 9.17
CA ALA D 95 -3.22 27.13 9.79
C ALA D 95 -3.08 28.50 9.20
N GLY D 96 -4.09 29.32 9.43
CA GLY D 96 -4.07 30.76 9.06
C GLY D 96 -5.10 31.14 8.01
N ALA D 97 -5.16 32.41 7.64
CA ALA D 97 -6.12 32.86 6.63
C ALA D 97 -5.74 32.24 5.27
N ARG D 98 -6.74 31.92 4.47
CA ARG D 98 -6.53 31.25 3.19
C ARG D 98 -7.07 32.17 2.11
N GLN D 99 -6.58 31.99 0.89
CA GLN D 99 -7.03 32.77 -0.26
C GLN D 99 -8.54 32.75 -0.33
N GLN D 100 -9.13 33.93 -0.43
CA GLN D 100 -10.49 34.08 -0.95
C GLN D 100 -10.39 34.14 -2.47
N GLU D 101 -11.54 34.09 -3.13
CA GLU D 101 -11.58 34.11 -4.58
C GLU D 101 -10.96 35.39 -5.10
N GLY D 102 -10.01 35.30 -6.00
CA GLY D 102 -9.40 36.48 -6.63
C GLY D 102 -8.21 37.02 -5.84
N GLU D 103 -8.01 36.48 -4.64
CA GLU D 103 -7.02 37.01 -3.69
C GLU D 103 -5.65 36.37 -3.91
N SER D 104 -4.61 37.21 -3.92
CA SER D 104 -3.23 36.77 -4.02
C SER D 104 -2.81 36.17 -2.71
N ARG D 105 -2.04 35.09 -2.80
CA ARG D 105 -1.50 34.49 -1.60
C ARG D 105 -0.70 35.49 -0.79
N LEU D 106 -0.06 36.46 -1.45
CA LEU D 106 0.78 37.44 -0.73
C LEU D 106 -0.05 38.39 0.16
N ASN D 107 -1.32 38.53 -0.17
CA ASN D 107 -2.25 39.30 0.63
C ASN D 107 -2.53 38.72 1.99
N LEU D 108 -2.25 37.42 2.18
CA LEU D 108 -2.39 36.76 3.48
C LEU D 108 -1.22 37.05 4.45
N VAL D 109 -0.17 37.71 3.97
CA VAL D 109 1.11 37.69 4.69
C VAL D 109 1.13 38.20 6.14
N GLN D 110 0.58 39.38 6.44
CA GLN D 110 0.72 39.87 7.84
C GLN D 110 -0.22 39.16 8.81
N ARG D 111 -1.41 38.83 8.33
CA ARG D 111 -2.32 38.02 9.13
C ARG D 111 -1.61 36.74 9.54
N ASN D 112 -0.94 36.09 8.59
CA ASN D 112 -0.37 34.79 8.84
C ASN D 112 0.97 34.84 9.59
N VAL D 113 1.76 35.90 9.37
CA VAL D 113 2.93 36.14 10.20
C VAL D 113 2.47 36.30 11.66
N ASN D 114 1.39 37.04 11.90
CA ASN D 114 0.90 37.18 13.28
C ASN D 114 0.50 35.87 13.96
N ILE D 115 -0.23 35.04 13.22
CA ILE D 115 -0.64 33.70 13.66
C ILE D 115 0.60 32.82 13.94
N PHE D 116 1.62 32.93 13.08
CA PHE D 116 2.90 32.20 13.23
C PHE D 116 3.73 32.62 14.44
N LYS D 117 3.61 33.87 14.87
CA LYS D 117 4.32 34.34 16.08
C LYS D 117 3.81 33.61 17.33
N PHE D 118 2.57 33.13 17.28
CA PHE D 118 1.99 32.28 18.35
C PHE D 118 2.28 30.79 18.12
N ILE D 119 2.00 30.33 16.90
CA ILE D 119 2.11 28.92 16.56
C ILE D 119 3.53 28.33 16.71
N ILE D 120 4.49 28.95 16.04
CA ILE D 120 5.86 28.43 15.96
C ILE D 120 6.58 28.21 17.31
N PRO D 121 6.50 29.17 18.24
CA PRO D 121 7.18 28.89 19.52
C PRO D 121 6.52 27.77 20.32
N ASN D 122 5.20 27.65 20.23
CA ASN D 122 4.50 26.53 20.87
C ASN D 122 4.96 25.18 20.28
N VAL D 123 5.04 25.08 18.95
CA VAL D 123 5.46 23.85 18.27
C VAL D 123 6.87 23.50 18.73
N VAL D 124 7.77 24.48 18.67
CA VAL D 124 9.18 24.29 18.99
C VAL D 124 9.41 23.88 20.45
N LYS D 125 8.56 24.37 21.34
CA LYS D 125 8.57 23.99 22.75
C LYS D 125 8.39 22.50 22.99
N TYR D 126 7.56 21.87 22.18
CA TYR D 126 7.16 20.50 22.49
C TYR D 126 7.81 19.46 21.57
N SER D 127 8.38 19.88 20.47
CA SER D 127 9.13 19.03 19.57
C SER D 127 10.39 19.77 19.12
N PRO D 128 11.31 20.05 20.05
CA PRO D 128 12.52 20.83 19.68
C PRO D 128 13.38 20.18 18.57
N GLN D 129 13.12 18.92 18.28
CA GLN D 129 13.90 18.24 17.23
C GLN D 129 13.11 17.94 15.94
N CYS D 130 11.87 18.45 15.82
CA CYS D 130 11.04 18.15 14.65
C CYS D 130 11.57 18.78 13.39
N LYS D 131 11.11 18.26 12.25
CA LYS D 131 11.13 19.03 11.03
C LYS D 131 9.82 19.81 10.96
N LEU D 132 9.91 21.02 10.43
CA LEU D 132 8.75 21.84 10.17
C LEU D 132 8.42 21.84 8.68
N LEU D 133 7.18 21.53 8.34
CA LEU D 133 6.72 21.59 6.93
C LEU D 133 5.62 22.66 6.84
N ILE D 134 5.94 23.77 6.17
CA ILE D 134 5.04 24.88 6.08
C ILE D 134 4.17 24.76 4.83
N VAL D 135 2.87 24.89 5.02
CA VAL D 135 1.91 24.79 3.90
C VAL D 135 1.11 26.10 3.81
N SER D 136 0.86 26.73 4.96
CA SER D 136 0.14 28.03 5.03
C SER D 136 0.74 29.04 4.01
N ASN D 137 -0.08 29.97 3.53
CA ASN D 137 0.35 30.92 2.50
C ASN D 137 0.56 32.31 3.03
N PRO D 138 1.41 33.09 2.38
CA PRO D 138 2.25 32.72 1.23
C PRO D 138 3.44 31.87 1.68
N VAL D 139 3.55 30.64 1.15
CA VAL D 139 4.35 29.56 1.77
C VAL D 139 5.85 29.85 1.82
N ASP D 140 6.37 30.50 0.79
CA ASP D 140 7.77 30.84 0.73
C ASP D 140 8.16 31.80 1.89
N ILE D 141 7.42 32.89 2.03
CA ILE D 141 7.70 33.91 3.05
C ILE D 141 7.45 33.31 4.46
N LEU D 142 6.39 32.49 4.57
CA LEU D 142 6.06 31.83 5.85
C LEU D 142 7.07 30.75 6.29
N THR D 143 7.73 30.12 5.32
CA THR D 143 8.88 29.28 5.65
C THR D 143 10.07 30.13 6.20
N TYR D 144 10.36 31.25 5.58
CA TYR D 144 11.33 32.18 6.14
C TYR D 144 10.97 32.56 7.56
N VAL D 145 9.71 32.97 7.77
CA VAL D 145 9.20 33.35 9.12
C VAL D 145 9.34 32.23 10.16
N ALA D 146 8.94 31.02 9.80
CA ALA D 146 9.06 29.92 10.74
C ALA D 146 10.52 29.64 11.05
N TRP D 147 11.40 29.78 10.05
CA TRP D 147 12.83 29.56 10.27
C TRP D 147 13.37 30.58 11.25
N LYS D 148 13.09 31.85 10.98
CA LYS D 148 13.51 32.92 11.88
C LYS D 148 12.99 32.78 13.30
N ILE D 149 11.71 32.49 13.46
CA ILE D 149 11.10 32.37 14.77
C ILE D 149 11.53 31.09 15.48
N SER D 150 11.58 29.97 14.76
CA SER D 150 11.92 28.70 15.39
C SER D 150 13.35 28.65 15.91
N GLY D 151 14.27 29.27 15.18
CA GLY D 151 15.67 29.18 15.50
C GLY D 151 16.26 27.87 15.02
N PHE D 152 15.49 27.11 14.24
CA PHE D 152 15.99 25.85 13.73
C PHE D 152 17.03 26.09 12.67
N PRO D 153 17.92 25.12 12.47
CA PRO D 153 18.78 25.17 11.31
C PRO D 153 17.91 25.06 10.06
N LYS D 154 18.36 25.66 8.96
CA LYS D 154 17.52 25.81 7.76
C LYS D 154 17.08 24.47 7.16
N ASN D 155 17.89 23.42 7.31
CA ASN D 155 17.48 22.09 6.82
C ASN D 155 16.17 21.58 7.44
N ARG D 156 15.80 22.05 8.64
CA ARG D 156 14.61 21.51 9.28
C ARG D 156 13.38 22.36 9.14
N VAL D 157 13.41 23.34 8.26
CA VAL D 157 12.22 24.19 8.04
C VAL D 157 11.97 24.22 6.54
N ILE D 158 10.92 23.53 6.13
CA ILE D 158 10.70 23.25 4.72
C ILE D 158 9.34 23.83 4.36
N GLY D 159 9.23 24.42 3.17
CA GLY D 159 7.94 24.88 2.68
C GLY D 159 7.45 23.97 1.59
N SER D 160 6.16 23.74 1.55
CA SER D 160 5.61 22.83 0.53
C SER D 160 5.85 23.34 -0.88
N GLY D 161 6.01 24.67 -1.01
CA GLY D 161 6.60 25.24 -2.21
C GLY D 161 5.86 24.90 -3.50
N CYS D 162 6.63 24.60 -4.55
CA CYS D 162 6.14 24.26 -5.87
C CYS D 162 5.97 22.76 -6.12
N ASN D 163 5.89 21.97 -5.05
CA ASN D 163 5.71 20.54 -5.23
C ASN D 163 4.39 20.30 -5.96
N LEU D 164 3.36 21.02 -5.51
CA LEU D 164 2.06 20.96 -6.16
C LEU D 164 2.06 21.58 -7.56
N ASP D 165 2.72 22.73 -7.71
CA ASP D 165 2.74 23.41 -9.01
C ASP D 165 3.37 22.51 -10.06
N SER D 166 4.43 21.83 -9.67
CA SER D 166 5.12 20.89 -10.54
C SER D 166 4.27 19.63 -10.78
N ALA D 167 3.53 19.16 -9.79
CA ALA D 167 2.57 18.04 -10.01
C ALA D 167 1.46 18.40 -10.99
N ARG D 168 0.97 19.63 -10.90
CA ARG D 168 -0.04 20.14 -11.83
C ARG D 168 0.51 20.19 -13.26
N PHE D 169 1.71 20.76 -13.39
CA PHE D 169 2.40 20.87 -14.67
C PHE D 169 2.53 19.49 -15.29
N ARG D 170 2.97 18.53 -14.49
CA ARG D 170 3.15 17.17 -15.00
C ARG D 170 1.83 16.49 -15.35
N TYR D 171 0.80 16.73 -14.53
CA TYR D 171 -0.56 16.27 -14.88
C TYR D 171 -0.99 16.82 -16.26
N LEU D 172 -0.77 18.11 -16.50
CA LEU D 172 -1.31 18.75 -17.69
C LEU D 172 -0.54 18.26 -18.91
N MET D 173 0.78 18.13 -18.76
CA MET D 173 1.63 17.62 -19.82
C MET D 173 1.20 16.17 -20.20
N GLY D 174 0.90 15.36 -19.18
CA GLY D 174 0.43 14.00 -19.37
C GLY D 174 -0.85 13.94 -20.20
N GLU D 175 -1.84 14.76 -19.84
N GLU D 175 -1.82 14.77 -19.80
CA GLU D 175 -3.12 14.76 -20.55
CA GLU D 175 -3.08 14.94 -20.52
C GLU D 175 -2.90 15.29 -21.99
C GLU D 175 -2.81 15.22 -21.99
N ARG D 176 -1.94 16.19 -22.23
CA ARG D 176 -1.55 16.60 -23.61
C ARG D 176 -0.89 15.49 -24.41
N LEU D 177 -0.01 14.71 -23.78
CA LEU D 177 0.74 13.65 -24.49
C LEU D 177 0.12 12.24 -24.48
N GLY D 178 -0.91 12.01 -23.68
CA GLY D 178 -1.40 10.65 -23.46
C GLY D 178 -0.42 9.75 -22.70
N VAL D 179 0.28 10.33 -21.72
CA VAL D 179 1.21 9.62 -20.86
C VAL D 179 0.91 9.90 -19.40
N HIS D 180 1.10 8.90 -18.54
CA HIS D 180 0.94 9.11 -17.11
C HIS D 180 1.86 10.19 -16.61
N PRO D 181 1.36 11.02 -15.70
CA PRO D 181 2.19 12.09 -15.15
C PRO D 181 3.54 11.62 -14.59
N LEU D 182 3.59 10.37 -14.08
CA LEU D 182 4.84 9.79 -13.54
C LEU D 182 5.95 9.74 -14.63
N SER D 183 5.55 9.59 -15.90
CA SER D 183 6.49 9.53 -17.04
C SER D 183 6.64 10.85 -17.82
N CYS D 184 6.08 11.93 -17.29
CA CYS D 184 6.28 13.26 -17.84
C CYS D 184 7.07 14.05 -16.83
N HIS D 185 8.17 14.68 -17.24
CA HIS D 185 9.02 15.37 -16.28
C HIS D 185 9.14 16.82 -16.62
N GLY D 186 9.05 17.67 -15.61
CA GLY D 186 9.15 19.12 -15.79
C GLY D 186 9.11 19.78 -14.42
N TRP D 187 9.81 20.90 -14.27
CA TRP D 187 10.00 21.55 -12.97
C TRP D 187 9.48 22.94 -12.99
N VAL D 188 8.62 23.29 -12.03
CA VAL D 188 8.16 24.67 -11.83
C VAL D 188 8.80 25.12 -10.53
N LEU D 189 9.58 26.19 -10.61
CA LEU D 189 10.37 26.68 -9.48
C LEU D 189 9.98 28.12 -9.09
N GLY D 190 10.64 28.63 -8.06
CA GLY D 190 10.37 29.99 -7.56
C GLY D 190 9.22 30.07 -6.59
N GLU D 191 8.52 31.21 -6.63
CA GLU D 191 7.35 31.45 -5.76
C GLU D 191 6.24 30.46 -6.04
N HIS D 192 5.66 29.89 -4.97
CA HIS D 192 4.36 29.23 -5.07
C HIS D 192 3.30 30.26 -5.23
N GLY D 193 3.07 30.63 -6.47
CA GLY D 193 2.08 31.64 -6.80
C GLY D 193 2.40 32.19 -8.16
N ASP D 194 2.04 33.46 -8.38
CA ASP D 194 1.95 34.02 -9.72
C ASP D 194 3.33 34.16 -10.40
N SER D 195 4.38 34.34 -9.63
CA SER D 195 5.69 34.56 -10.25
C SER D 195 6.53 33.26 -10.52
N SER D 196 5.91 32.07 -10.38
CA SER D 196 6.62 30.81 -10.61
C SER D 196 7.21 30.69 -12.00
N VAL D 197 8.22 29.83 -12.12
CA VAL D 197 9.03 29.70 -13.34
C VAL D 197 9.02 28.26 -13.81
N PRO D 198 8.44 28.01 -15.01
CA PRO D 198 8.56 26.71 -15.64
C PRO D 198 9.93 26.63 -16.31
N VAL D 199 10.67 25.56 -16.06
CA VAL D 199 12.00 25.35 -16.66
C VAL D 199 11.84 24.50 -17.89
N TRP D 200 11.60 25.18 -19.00
CA TRP D 200 11.33 24.51 -20.26
C TRP D 200 12.47 23.68 -20.71
N SER D 201 13.69 24.04 -20.30
CA SER D 201 14.88 23.30 -20.73
C SER D 201 14.94 21.88 -20.16
N GLY D 202 14.28 21.65 -19.03
CA GLY D 202 14.28 20.35 -18.38
C GLY D 202 13.07 19.49 -18.66
N VAL D 203 12.14 19.98 -19.48
CA VAL D 203 10.88 19.28 -19.73
C VAL D 203 11.06 18.11 -20.73
N ASN D 204 10.81 16.88 -20.25
CA ASN D 204 11.12 15.70 -21.01
C ASN D 204 10.20 14.49 -20.80
N VAL D 205 10.09 13.64 -21.82
CA VAL D 205 9.61 12.28 -21.64
C VAL D 205 10.71 11.31 -22.06
N ALA D 206 11.07 10.39 -21.16
CA ALA D 206 12.06 9.35 -21.44
C ALA D 206 13.41 9.95 -21.78
N GLY D 207 13.74 11.07 -21.14
CA GLY D 207 14.96 11.78 -21.41
C GLY D 207 14.96 12.60 -22.68
N VAL D 208 13.82 12.69 -23.38
CA VAL D 208 13.73 13.44 -24.63
C VAL D 208 13.20 14.82 -24.32
N SER D 209 13.99 15.83 -24.67
CA SER D 209 13.67 17.19 -24.33
C SER D 209 12.62 17.68 -25.30
N LEU D 210 11.48 18.13 -24.76
CA LEU D 210 10.43 18.65 -25.62
C LEU D 210 10.92 19.89 -26.40
N LYS D 211 11.74 20.72 -25.75
CA LYS D 211 12.40 21.90 -26.40
C LYS D 211 13.35 21.52 -27.55
N SER D 212 14.07 20.43 -27.41
N SER D 212 14.06 20.42 -27.42
CA SER D 212 14.91 19.92 -28.50
CA SER D 212 14.92 19.93 -28.49
C SER D 212 14.06 19.59 -29.72
C SER D 212 14.09 19.50 -29.72
N LEU D 213 12.85 19.08 -29.49
CA LEU D 213 11.93 18.78 -30.60
C LEU D 213 11.38 20.08 -31.14
N ASN D 214 10.81 20.88 -30.24
CA ASN D 214 10.24 22.17 -30.59
C ASN D 214 11.09 23.29 -29.98
N PRO D 215 12.05 23.85 -30.75
CA PRO D 215 12.94 24.85 -30.13
C PRO D 215 12.23 26.09 -29.57
N GLN D 216 10.99 26.33 -30.03
CA GLN D 216 10.16 27.47 -29.57
C GLN D 216 9.17 27.10 -28.46
N LEU D 217 9.43 25.97 -27.76
CA LEU D 217 8.56 25.49 -26.67
C LEU D 217 8.42 26.49 -25.53
N GLY D 218 7.18 26.82 -25.18
CA GLY D 218 6.90 27.75 -24.11
C GLY D 218 7.05 29.23 -24.46
N THR D 219 7.49 29.52 -25.69
CA THR D 219 7.73 30.90 -26.12
C THR D 219 6.46 31.41 -26.82
N ASP D 220 6.43 32.70 -27.14
CA ASP D 220 5.26 33.30 -27.80
C ASP D 220 5.02 32.72 -29.19
N ALA D 221 6.12 32.28 -29.83
CA ALA D 221 6.08 31.68 -31.16
C ALA D 221 5.54 30.24 -31.17
N ASP D 222 5.41 29.62 -29.99
CA ASP D 222 5.02 28.20 -29.92
C ASP D 222 3.70 27.90 -30.65
N LYS D 223 3.79 27.27 -31.82
CA LYS D 223 2.61 26.81 -32.55
C LYS D 223 1.55 26.30 -31.58
N GLU D 224 1.95 25.44 -30.63
CA GLU D 224 0.99 24.75 -29.73
C GLU D 224 0.75 25.42 -28.37
N GLN D 225 1.41 26.56 -28.12
CA GLN D 225 1.14 27.38 -26.94
C GLN D 225 1.31 26.60 -25.63
N TRP D 226 2.46 25.96 -25.47
CA TRP D 226 2.79 25.25 -24.23
C TRP D 226 2.89 26.18 -23.05
N LYS D 227 3.24 27.45 -23.26
CA LYS D 227 3.19 28.41 -22.16
C LYS D 227 1.83 28.45 -21.46
N ASP D 228 0.76 28.14 -22.20
N ASP D 228 0.75 28.15 -22.17
CA ASP D 228 -0.61 28.02 -21.63
CA ASP D 228 -0.55 28.14 -21.52
C ASP D 228 -0.65 27.00 -20.51
C ASP D 228 -0.69 26.97 -20.53
N VAL D 229 0.18 25.96 -20.64
CA VAL D 229 0.28 24.91 -19.63
C VAL D 229 0.79 25.50 -18.31
N HIS D 230 1.83 26.32 -18.38
CA HIS D 230 2.27 27.03 -17.19
C HIS D 230 1.29 28.08 -16.71
N LYS D 231 0.62 28.74 -17.65
CA LYS D 231 -0.46 29.66 -17.25
C LYS D 231 -1.53 28.91 -16.45
N GLN D 232 -1.90 27.73 -16.91
CA GLN D 232 -2.91 26.93 -16.21
C GLN D 232 -2.46 26.54 -14.80
N VAL D 233 -1.16 26.24 -14.66
CA VAL D 233 -0.56 25.97 -13.34
C VAL D 233 -0.75 27.16 -12.40
N VAL D 234 -0.29 28.35 -12.85
CA VAL D 234 -0.43 29.59 -12.09
C VAL D 234 -1.89 29.84 -11.75
N ASP D 235 -2.77 29.66 -12.73
CA ASP D 235 -4.21 29.90 -12.53
C ASP D 235 -5.03 28.83 -11.76
N SER D 236 -4.43 27.65 -11.55
N SER D 236 -4.42 27.64 -11.56
CA SER D 236 -5.15 26.49 -11.01
CA SER D 236 -5.10 26.48 -10.97
C SER D 236 -5.89 26.73 -9.68
C SER D 236 -5.89 26.75 -9.70
N ALA D 237 -5.20 27.30 -8.70
CA ALA D 237 -5.81 27.48 -7.38
C ALA D 237 -6.93 28.49 -7.49
N TYR D 238 -6.78 29.50 -8.33
CA TYR D 238 -7.82 30.51 -8.43
C TYR D 238 -9.05 29.87 -9.05
N GLU D 239 -8.83 29.08 -10.10
N GLU D 239 -8.82 29.09 -10.11
CA GLU D 239 -9.93 28.40 -10.79
CA GLU D 239 -9.88 28.37 -10.82
C GLU D 239 -10.68 27.47 -9.85
C GLU D 239 -10.66 27.48 -9.86
N VAL D 240 -9.95 26.68 -9.06
CA VAL D 240 -10.59 25.71 -8.17
C VAL D 240 -11.35 26.42 -7.03
N ILE D 241 -10.72 27.43 -6.44
CA ILE D 241 -11.36 28.29 -5.44
C ILE D 241 -12.66 28.88 -5.97
N LYS D 242 -12.64 29.44 -7.17
CA LYS D 242 -13.85 29.96 -7.77
C LYS D 242 -14.91 28.85 -7.84
N LEU D 243 -14.51 27.65 -8.24
CA LEU D 243 -15.46 26.55 -8.51
C LEU D 243 -15.97 25.84 -7.24
N LYS D 244 -15.06 25.54 -6.32
CA LYS D 244 -15.45 24.82 -5.12
C LYS D 244 -15.19 25.56 -3.81
N GLY D 245 -14.61 26.77 -3.89
CA GLY D 245 -14.45 27.64 -2.71
C GLY D 245 -13.10 27.57 -2.01
N TYR D 246 -12.31 26.54 -2.32
CA TYR D 246 -10.99 26.30 -1.74
C TYR D 246 -10.31 25.19 -2.56
N THR D 247 -9.06 24.87 -2.20
CA THR D 247 -8.38 23.68 -2.76
C THR D 247 -7.96 22.80 -1.59
N SER D 248 -7.99 21.48 -1.79
CA SER D 248 -7.68 20.60 -0.68
C SER D 248 -7.00 19.32 -1.08
N TRP D 249 -7.60 18.57 -2.01
CA TRP D 249 -7.15 17.21 -2.34
C TRP D 249 -5.76 17.15 -2.91
N ALA D 250 -5.44 18.00 -3.89
CA ALA D 250 -4.15 17.97 -4.54
C ALA D 250 -3.05 18.40 -3.57
N ILE D 251 -3.28 19.48 -2.80
CA ILE D 251 -2.32 19.89 -1.78
C ILE D 251 -2.15 18.84 -0.65
N GLY D 252 -3.26 18.22 -0.24
CA GLY D 252 -3.17 17.10 0.70
C GLY D 252 -2.24 16.02 0.20
N LEU D 253 -2.41 15.65 -1.07
CA LEU D 253 -1.61 14.61 -1.71
C LEU D 253 -0.16 15.04 -1.87
N SER D 254 0.02 16.30 -2.25
CA SER D 254 1.37 16.88 -2.34
C SER D 254 2.14 16.93 -1.02
N VAL D 255 1.46 17.38 0.04
CA VAL D 255 2.09 17.43 1.34
C VAL D 255 2.44 15.98 1.83
N ALA D 256 1.54 15.03 1.58
CA ALA D 256 1.74 13.65 2.03
C ALA D 256 2.95 13.02 1.34
N ASP D 257 3.12 13.38 0.07
CA ASP D 257 4.28 12.93 -0.73
C ASP D 257 5.57 13.49 -0.14
N LEU D 258 5.54 14.74 0.29
CA LEU D 258 6.71 15.32 0.98
C LEU D 258 6.96 14.66 2.35
N ALA D 259 5.89 14.38 3.09
CA ALA D 259 5.97 13.72 4.41
C ALA D 259 6.59 12.34 4.27
N GLU D 260 6.23 11.67 3.18
CA GLU D 260 6.75 10.36 2.90
C GLU D 260 8.26 10.39 2.68
N SER D 261 8.75 11.35 1.90
CA SER D 261 10.19 11.47 1.67
C SER D 261 10.94 11.71 2.97
N ILE D 262 10.36 12.52 3.83
CA ILE D 262 11.00 12.88 5.09
C ILE D 262 10.97 11.71 6.04
N MET D 263 9.77 11.22 6.30
CA MET D 263 9.55 10.16 7.26
C MET D 263 10.29 8.86 6.89
N LYS D 264 10.33 8.53 5.60
CA LYS D 264 11.03 7.30 5.15
C LYS D 264 12.44 7.57 4.66
N ASN D 265 12.94 8.77 4.91
CA ASN D 265 14.29 9.12 4.51
C ASN D 265 14.62 8.79 3.03
N LEU D 266 13.71 9.07 2.14
CA LEU D 266 13.88 8.62 0.77
C LEU D 266 15.01 9.33 0.00
N ARG D 267 15.25 10.59 0.31
CA ARG D 267 16.25 11.39 -0.40
C ARG D 267 15.84 11.51 -1.89
N ARG D 268 14.53 11.64 -2.12
CA ARG D 268 13.99 12.10 -3.41
C ARG D 268 14.20 13.59 -3.53
N VAL D 269 14.16 14.05 -4.78
CA VAL D 269 14.25 15.47 -5.12
C VAL D 269 12.83 16.02 -5.32
N HIS D 270 12.52 17.10 -4.62
CA HIS D 270 11.26 17.85 -4.75
C HIS D 270 11.53 19.35 -4.88
N PRO D 271 10.71 20.09 -5.67
CA PRO D 271 10.85 21.53 -5.74
C PRO D 271 10.11 22.22 -4.58
N ILE D 272 10.83 22.50 -3.51
CA ILE D 272 10.20 22.92 -2.26
C ILE D 272 10.92 24.17 -1.70
N SER D 273 10.26 24.89 -0.78
CA SER D 273 10.77 26.19 -0.29
C SER D 273 11.98 26.06 0.63
N THR D 274 13.07 26.73 0.26
CA THR D 274 14.29 26.76 1.04
C THR D 274 15.10 28.04 0.82
N MET D 275 16.12 28.27 1.64
CA MET D 275 16.92 29.49 1.45
C MET D 275 17.83 29.34 0.25
N ILE D 276 17.72 30.23 -0.72
CA ILE D 276 18.55 30.12 -1.93
C ILE D 276 19.64 31.18 -2.00
N LYS D 277 20.00 31.75 -0.86
CA LYS D 277 21.10 32.72 -0.76
C LYS D 277 22.35 32.03 -1.28
N GLY D 278 23.00 32.63 -2.27
CA GLY D 278 24.21 32.04 -2.84
C GLY D 278 24.00 31.33 -4.17
N LEU D 279 22.74 31.19 -4.61
CA LEU D 279 22.43 30.70 -5.96
C LEU D 279 21.90 31.83 -6.80
N TYR D 280 22.14 31.75 -8.10
CA TYR D 280 21.51 32.66 -9.06
C TYR D 280 21.72 34.14 -8.70
N GLY D 281 22.93 34.45 -8.25
CA GLY D 281 23.28 35.77 -7.77
C GLY D 281 22.34 36.32 -6.70
N ILE D 282 21.67 35.42 -5.96
CA ILE D 282 20.81 35.87 -4.88
C ILE D 282 21.70 36.09 -3.65
N LYS D 283 21.70 37.32 -3.14
CA LYS D 283 22.56 37.69 -2.03
C LYS D 283 21.84 37.72 -0.67
N GLU D 284 20.51 37.64 -0.66
CA GLU D 284 19.73 37.80 0.60
C GLU D 284 19.06 36.47 1.00
N ASP D 285 18.55 36.42 2.24
CA ASP D 285 17.89 35.24 2.82
C ASP D 285 16.52 34.91 2.21
N VAL D 286 16.42 34.91 0.88
CA VAL D 286 15.17 34.65 0.18
C VAL D 286 14.85 33.15 0.28
N PHE D 287 13.62 32.80 0.59
CA PHE D 287 13.14 31.41 0.48
C PHE D 287 12.26 31.29 -0.76
N LEU D 288 12.57 30.30 -1.60
CA LEU D 288 11.64 29.92 -2.69
C LEU D 288 11.99 28.50 -3.18
N SER D 289 11.17 27.93 -4.06
CA SER D 289 11.39 26.58 -4.54
C SER D 289 12.50 26.40 -5.58
N VAL D 290 13.45 25.52 -5.24
CA VAL D 290 14.42 24.87 -6.12
C VAL D 290 14.43 23.35 -5.82
N PRO D 291 15.02 22.55 -6.74
CA PRO D 291 14.97 21.09 -6.47
C PRO D 291 15.86 20.71 -5.29
N CYS D 292 15.26 20.08 -4.29
CA CYS D 292 15.88 19.78 -3.02
C CYS D 292 15.85 18.28 -2.76
N ILE D 293 16.95 17.75 -2.21
CA ILE D 293 17.00 16.35 -1.71
C ILE D 293 16.43 16.33 -0.30
N LEU D 294 15.35 15.58 -0.13
CA LEU D 294 14.55 15.63 1.07
C LEU D 294 14.59 14.30 1.76
N GLY D 295 14.92 14.28 3.05
CA GLY D 295 14.95 13.04 3.83
C GLY D 295 14.72 13.27 5.32
N GLN D 296 15.26 12.39 6.15
CA GLN D 296 14.92 12.38 7.59
C GLN D 296 15.44 13.57 8.35
N ASN D 297 16.46 14.25 7.81
CA ASN D 297 16.96 15.51 8.38
C ASN D 297 16.47 16.73 7.62
N GLY D 298 15.47 16.55 6.78
CA GLY D 298 14.92 17.64 6.00
C GLY D 298 15.67 17.84 4.70
N ILE D 299 15.99 19.09 4.40
CA ILE D 299 16.63 19.43 3.15
C ILE D 299 18.15 19.36 3.36
N SER D 300 18.77 18.32 2.84
CA SER D 300 20.21 18.15 3.04
C SER D 300 21.04 18.69 1.87
N ASP D 301 20.41 18.81 0.72
CA ASP D 301 21.14 19.17 -0.47
C ASP D 301 20.23 19.89 -1.42
N VAL D 302 20.81 20.73 -2.27
CA VAL D 302 20.08 21.45 -3.30
C VAL D 302 20.73 21.11 -4.66
N VAL D 303 19.90 20.75 -5.63
CA VAL D 303 20.33 20.56 -6.99
C VAL D 303 20.43 21.93 -7.67
N LYS D 304 21.54 22.18 -8.36
CA LYS D 304 21.76 23.41 -9.08
C LYS D 304 21.24 23.25 -10.51
N VAL D 305 20.04 23.76 -10.78
CA VAL D 305 19.46 23.67 -12.11
C VAL D 305 20.14 24.69 -13.02
N THR D 306 20.43 24.28 -14.24
CA THR D 306 21.02 25.18 -15.21
C THR D 306 19.86 25.85 -15.93
N LEU D 307 19.70 27.14 -15.72
CA LEU D 307 18.60 27.91 -16.28
C LEU D 307 19.11 28.70 -17.47
N THR D 308 18.27 28.93 -18.48
CA THR D 308 18.64 29.92 -19.52
C THR D 308 18.70 31.30 -18.87
N PRO D 309 19.38 32.26 -19.53
CA PRO D 309 19.30 33.66 -19.07
C PRO D 309 17.87 34.17 -18.81
N ASP D 310 16.92 33.89 -19.71
CA ASP D 310 15.53 34.30 -19.46
C ASP D 310 14.91 33.63 -18.21
N GLU D 311 15.09 32.32 -18.07
CA GLU D 311 14.60 31.53 -16.92
C GLU D 311 15.21 32.04 -15.61
N GLU D 312 16.50 32.29 -15.64
CA GLU D 312 17.16 32.84 -14.48
C GLU D 312 16.62 34.22 -14.16
N ALA D 313 16.40 35.04 -15.19
CA ALA D 313 15.87 36.38 -14.96
C ALA D 313 14.46 36.30 -14.31
N ARG D 314 13.59 35.44 -14.84
CA ARG D 314 12.29 35.17 -14.21
C ARG D 314 12.45 34.79 -12.73
N LEU D 315 13.35 33.87 -12.46
CA LEU D 315 13.58 33.39 -11.11
C LEU D 315 14.07 34.48 -10.17
N LYS D 316 14.92 35.37 -10.67
N LYS D 316 14.92 35.38 -10.67
CA LYS D 316 15.39 36.50 -9.89
CA LYS D 316 15.36 36.50 -9.85
C LYS D 316 14.27 37.53 -9.71
C LYS D 316 14.26 37.53 -9.70
N LYS D 317 13.39 37.63 -10.71
CA LYS D 317 12.16 38.44 -10.60
C LYS D 317 11.30 37.88 -9.44
N SER D 318 11.11 36.55 -9.40
CA SER D 318 10.35 35.89 -8.30
C SER D 318 11.02 36.20 -6.95
N ALA D 319 12.35 36.09 -6.94
CA ALA D 319 13.15 36.38 -5.74
C ALA D 319 12.96 37.79 -5.24
N ASP D 320 13.00 38.76 -6.16
CA ASP D 320 12.88 40.17 -5.80
C ASP D 320 11.51 40.48 -5.19
N THR D 321 10.46 40.04 -5.87
CA THR D 321 9.07 40.14 -5.40
C THR D 321 8.92 39.67 -3.93
N LEU D 322 9.42 38.47 -3.63
CA LEU D 322 9.27 37.89 -2.29
C LEU D 322 10.13 38.66 -1.27
N TRP D 323 11.35 38.99 -1.66
CA TRP D 323 12.22 39.72 -0.78
C TRP D 323 11.69 41.10 -0.44
N GLY D 324 11.03 41.76 -1.39
CA GLY D 324 10.39 43.07 -1.09
C GLY D 324 9.50 43.01 0.16
N ILE D 325 8.69 41.98 0.24
CA ILE D 325 7.76 41.78 1.36
C ILE D 325 8.48 41.25 2.59
N GLN D 326 9.25 40.20 2.35
CA GLN D 326 9.99 39.51 3.40
C GLN D 326 10.92 40.44 4.19
N LYS D 327 11.61 41.31 3.48
CA LYS D 327 12.64 42.15 4.10
C LYS D 327 12.12 43.16 5.15
N GLU D 328 10.80 43.40 5.16
CA GLU D 328 10.17 44.40 6.03
C GLU D 328 9.15 43.81 7.02
N LEU D 329 9.20 42.49 7.25
CA LEU D 329 8.16 41.87 8.08
C LEU D 329 8.19 42.39 9.54
N GLN D 330 7.02 42.67 10.09
CA GLN D 330 6.90 43.09 11.49
C GLN D 330 6.85 41.84 12.35
N PHE D 331 8.01 41.46 12.89
CA PHE D 331 8.15 40.35 13.85
C PHE D 331 9.58 40.28 14.41
#